data_4D9F
#
_entry.id   4D9F
#
_cell.length_a   66.160
_cell.length_b   167.510
_cell.length_c   68.773
_cell.angle_alpha   90.00
_cell.angle_beta   121.28
_cell.angle_gamma   90.00
#
_symmetry.space_group_name_H-M   'P 1 21 1'
#
loop_
_entity.id
_entity.type
_entity.pdbx_description
1 polymer 'D-Cysteine desulfhydrase'
2 non-polymer BENZAMIDINE
3 non-polymer D-[3-HYDROXY-2-METHYL-5-PHOSPHONOOXYMETHYL-PYRIDIN-4-YLMETHYL]-N,O-CYCLOSERYLAMIDE
4 water water
#
_entity_poly.entity_id   1
_entity_poly.type   'polypeptide(L)'
_entity_poly.pdbx_seq_one_letter_code
;MRGSHHHHHHGMASMPLHHLTRFPRLEFIGAPTPLEYLPRLSDYLGREIYIKRDDVTPIAMGGNKLRKLEFLVADALREG
ADTLITAGAIQSNHVRQTAAVAAKLGLHCVALLENPIGTTAENYLTNGNRLLLDLFNTQIEMCDALTDPDAQLQTLATRI
EAQGFRPYVIPVGGSSALGAMGYVESALEIAQQCEEVVGLSSVVVASGSAGTHAGLAVGLEHLMPDVELIGVTVSRSVAE
QKPKVIALQQAIAGQLALTATADIHLWDDYFAPGYGVPNDAGMEAVKLLASLEGVLLDPVYTGKAMAGLIDGISQKRFND
DGPILFIHTGGAPALFAYHPHV
;
_entity_poly.pdbx_strand_id   A,B,C,D
#
# COMPACT_ATOMS: atom_id res chain seq x y z
N MET A 15 -15.14 -35.19 -32.99
CA MET A 15 -14.88 -33.92 -32.22
C MET A 15 -15.65 -32.74 -32.82
N PRO A 16 -16.90 -32.54 -32.39
CA PRO A 16 -17.78 -31.49 -32.92
C PRO A 16 -17.44 -30.08 -32.42
N LEU A 17 -16.51 -29.99 -31.48
CA LEU A 17 -16.13 -28.70 -30.88
C LEU A 17 -14.81 -28.14 -31.43
N HIS A 18 -14.45 -28.54 -32.65
CA HIS A 18 -13.13 -28.17 -33.20
C HIS A 18 -12.98 -26.72 -33.61
N HIS A 19 -14.11 -26.01 -33.71
CA HIS A 19 -14.07 -24.57 -34.00
C HIS A 19 -13.67 -23.74 -32.82
N LEU A 20 -13.43 -24.41 -31.69
CA LEU A 20 -12.96 -23.74 -30.47
C LEU A 20 -11.51 -23.28 -30.64
N THR A 21 -10.84 -23.85 -31.63
CA THR A 21 -9.45 -23.53 -31.95
C THR A 21 -9.27 -22.14 -32.56
N ARG A 22 -10.37 -21.58 -33.07
CA ARG A 22 -10.36 -20.27 -33.76
C ARG A 22 -10.12 -19.11 -32.79
N PHE A 23 -10.45 -19.31 -31.52
CA PHE A 23 -10.34 -18.27 -30.51
C PHE A 23 -8.97 -18.28 -29.84
N PRO A 24 -8.26 -17.13 -29.86
CA PRO A 24 -6.97 -16.99 -29.17
C PRO A 24 -7.10 -17.22 -27.67
N ARG A 25 -6.12 -17.88 -27.07
CA ARG A 25 -6.22 -18.31 -25.67
C ARG A 25 -4.90 -18.21 -24.93
N LEU A 26 -4.94 -17.66 -23.72
CA LEU A 26 -3.79 -17.64 -22.83
C LEU A 26 -3.91 -18.77 -21.82
N GLU A 27 -2.83 -19.53 -21.64
CA GLU A 27 -2.82 -20.66 -20.73
C GLU A 27 -2.67 -20.22 -19.28
N PHE A 28 -3.76 -20.24 -18.53
CA PHE A 28 -3.75 -19.88 -17.11
C PHE A 28 -3.83 -21.11 -16.20
N ILE A 29 -4.45 -22.18 -16.70
CA ILE A 29 -4.70 -23.38 -15.92
C ILE A 29 -3.60 -24.43 -16.11
N GLY A 30 -3.26 -24.70 -17.36
CA GLY A 30 -2.28 -25.73 -17.70
C GLY A 30 -2.97 -27.07 -17.88
N ALA A 31 -2.72 -27.98 -16.94
CA ALA A 31 -3.36 -29.30 -16.93
C ALA A 31 -4.82 -29.19 -16.49
N PRO A 32 -5.67 -30.17 -16.87
CA PRO A 32 -7.05 -30.17 -16.41
C PRO A 32 -7.16 -30.23 -14.89
N THR A 33 -8.18 -29.56 -14.35
CA THR A 33 -8.46 -29.55 -12.93
C THR A 33 -8.95 -30.93 -12.46
N PRO A 34 -8.64 -31.30 -11.20
CA PRO A 34 -9.07 -32.58 -10.62
C PRO A 34 -10.56 -32.87 -10.76
N LEU A 35 -10.88 -34.13 -11.05
CA LEU A 35 -12.25 -34.64 -10.99
C LEU A 35 -12.25 -35.78 -9.98
N GLU A 36 -12.71 -35.47 -8.77
CA GLU A 36 -12.60 -36.38 -7.64
C GLU A 36 -13.94 -36.96 -7.24
N TYR A 37 -13.91 -38.20 -6.77
CA TYR A 37 -15.06 -38.86 -6.16
C TYR A 37 -15.16 -38.42 -4.70
N LEU A 38 -16.39 -38.21 -4.23
CA LEU A 38 -16.63 -37.80 -2.83
C LEU A 38 -17.27 -38.93 -2.01
N PRO A 39 -16.43 -39.78 -1.40
CA PRO A 39 -16.90 -41.02 -0.77
C PRO A 39 -17.80 -40.82 0.44
N ARG A 40 -17.44 -39.89 1.32
CA ARG A 40 -18.17 -39.70 2.57
C ARG A 40 -19.51 -38.99 2.32
N LEU A 41 -19.50 -38.00 1.44
CA LEU A 41 -20.72 -37.32 1.01
C LEU A 41 -21.64 -38.27 0.25
N SER A 42 -21.06 -39.13 -0.59
CA SER A 42 -21.81 -40.16 -1.29
C SER A 42 -22.48 -41.11 -0.32
N ASP A 43 -21.73 -41.47 0.72
CA ASP A 43 -22.22 -42.35 1.78
C ASP A 43 -23.38 -41.72 2.56
N TYR A 44 -23.28 -40.41 2.82
CA TYR A 44 -24.32 -39.68 3.55
C TYR A 44 -25.60 -39.50 2.72
N LEU A 45 -25.46 -39.05 1.48
CA LEU A 45 -26.60 -38.71 0.63
C LEU A 45 -27.25 -39.93 -0.01
N GLY A 46 -26.54 -41.06 0.05
CA GLY A 46 -27.04 -42.33 -0.50
C GLY A 46 -26.97 -42.42 -2.01
N ARG A 47 -26.01 -41.70 -2.61
CA ARG A 47 -25.91 -41.58 -4.07
C ARG A 47 -24.49 -41.19 -4.44
N GLU A 48 -24.00 -41.71 -5.57
CA GLU A 48 -22.65 -41.41 -6.04
C GLU A 48 -22.49 -39.95 -6.45
N ILE A 49 -21.60 -39.24 -5.77
CA ILE A 49 -21.36 -37.81 -5.99
C ILE A 49 -19.91 -37.56 -6.41
N TYR A 50 -19.73 -36.84 -7.51
CA TYR A 50 -18.41 -36.45 -8.00
C TYR A 50 -18.26 -34.94 -7.99
N ILE A 51 -17.03 -34.47 -7.97
CA ILE A 51 -16.76 -33.03 -7.95
C ILE A 51 -15.72 -32.63 -8.99
N LYS A 52 -16.02 -31.60 -9.76
CA LYS A 52 -15.07 -31.00 -10.70
C LYS A 52 -14.47 -29.78 -10.02
N ARG A 53 -13.17 -29.88 -9.73
CA ARG A 53 -12.52 -28.90 -8.87
C ARG A 53 -11.92 -27.71 -9.63
N ASP A 54 -12.78 -26.83 -10.11
CA ASP A 54 -12.35 -25.60 -10.77
C ASP A 54 -12.00 -24.50 -9.75
N ASP A 55 -12.13 -24.84 -8.48
CA ASP A 55 -11.74 -23.95 -7.39
C ASP A 55 -10.24 -24.03 -7.10
N VAL A 56 -9.56 -25.01 -7.70
CA VAL A 56 -8.12 -25.21 -7.47
C VAL A 56 -7.27 -24.76 -8.66
N THR A 57 -7.76 -23.77 -9.40
CA THR A 57 -6.99 -23.14 -10.47
C THR A 57 -5.87 -22.26 -9.86
N PRO A 58 -4.70 -22.19 -10.52
CA PRO A 58 -3.48 -21.76 -9.82
C PRO A 58 -3.38 -20.27 -9.46
N ILE A 59 -4.18 -19.42 -10.12
CA ILE A 59 -4.02 -17.98 -9.97
C ILE A 59 -4.95 -17.39 -8.91
N ALA A 60 -4.32 -16.82 -7.87
CA ALA A 60 -5.00 -16.10 -6.78
C ALA A 60 -6.28 -16.79 -6.27
N MET A 61 -6.08 -17.92 -5.58
CA MET A 61 -7.15 -18.68 -4.92
C MET A 61 -8.26 -19.24 -5.83
N GLY A 62 -8.04 -19.18 -7.14
CA GLY A 62 -8.84 -19.92 -8.11
C GLY A 62 -10.23 -19.42 -8.42
N GLY A 63 -10.97 -20.24 -9.17
CA GLY A 63 -12.35 -19.94 -9.54
C GLY A 63 -12.71 -20.24 -10.98
N ASN A 64 -14.00 -20.17 -11.28
CA ASN A 64 -14.53 -20.44 -12.61
C ASN A 64 -14.20 -19.34 -13.64
N LYS A 65 -13.93 -18.15 -13.14
CA LYS A 65 -13.71 -16.98 -14.00
C LYS A 65 -12.36 -16.99 -14.69
N LEU A 66 -11.40 -17.72 -14.12
CA LEU A 66 -10.09 -17.91 -14.73
C LEU A 66 -10.22 -18.52 -16.13
N ARG A 67 -11.04 -19.56 -16.24
CA ARG A 67 -11.33 -20.20 -17.53
C ARG A 67 -11.89 -19.20 -18.54
N LYS A 68 -12.80 -18.34 -18.09
CA LYS A 68 -13.41 -17.32 -18.95
C LYS A 68 -12.42 -16.23 -19.33
N LEU A 69 -11.57 -15.84 -18.39
CA LEU A 69 -10.56 -14.80 -18.61
C LEU A 69 -9.49 -15.23 -19.60
N GLU A 70 -9.26 -16.54 -19.70
CA GLU A 70 -8.29 -17.10 -20.66
C GLU A 70 -8.56 -16.61 -22.07
N PHE A 71 -9.84 -16.45 -22.41
CA PHE A 71 -10.24 -15.99 -23.72
C PHE A 71 -10.37 -14.47 -23.78
N LEU A 72 -11.01 -13.91 -22.75
CA LEU A 72 -11.30 -12.47 -22.72
C LEU A 72 -10.03 -11.61 -22.69
N VAL A 73 -9.05 -12.04 -21.90
CA VAL A 73 -7.79 -11.29 -21.77
C VAL A 73 -6.91 -11.46 -23.02
N ALA A 74 -6.93 -12.66 -23.60
CA ALA A 74 -6.25 -12.91 -24.87
C ALA A 74 -6.79 -12.00 -25.95
N ASP A 75 -8.11 -11.78 -25.91
CA ASP A 75 -8.79 -10.86 -26.83
C ASP A 75 -8.34 -9.42 -26.56
N ALA A 76 -8.26 -9.05 -25.29
CA ALA A 76 -7.84 -7.72 -24.88
C ALA A 76 -6.44 -7.37 -25.39
N LEU A 77 -5.52 -8.33 -25.32
CA LEU A 77 -4.14 -8.13 -25.79
C LEU A 77 -4.06 -7.92 -27.30
N ARG A 78 -4.86 -8.69 -28.05
CA ARG A 78 -4.94 -8.56 -29.50
C ARG A 78 -5.50 -7.22 -29.96
N GLU A 79 -6.16 -6.51 -29.04
CA GLU A 79 -6.64 -5.15 -29.30
C GLU A 79 -5.67 -4.09 -28.78
N GLY A 80 -4.59 -4.54 -28.13
CA GLY A 80 -3.56 -3.65 -27.61
C GLY A 80 -3.97 -2.89 -26.37
N ALA A 81 -4.93 -3.44 -25.64
CA ALA A 81 -5.45 -2.82 -24.41
C ALA A 81 -4.46 -2.95 -23.25
N ASP A 82 -4.47 -1.96 -22.37
CA ASP A 82 -3.66 -1.99 -21.16
C ASP A 82 -4.48 -1.81 -19.88
N THR A 83 -5.80 -1.84 -20.02
CA THR A 83 -6.71 -1.69 -18.88
C THR A 83 -7.91 -2.64 -18.97
N LEU A 84 -8.01 -3.55 -18.02
CA LEU A 84 -9.20 -4.39 -17.87
C LEU A 84 -10.19 -3.70 -16.93
N ILE A 85 -11.41 -3.48 -17.42
CA ILE A 85 -12.46 -2.90 -16.59
C ILE A 85 -13.62 -3.89 -16.46
N THR A 86 -14.01 -4.16 -15.22
CA THR A 86 -15.16 -5.04 -14.95
C THR A 86 -15.94 -4.62 -13.70
N ALA A 87 -17.09 -5.26 -13.48
CA ALA A 87 -17.99 -4.88 -12.39
C ALA A 87 -18.54 -6.08 -11.64
N GLY A 88 -18.96 -5.85 -10.40
CA GLY A 88 -19.58 -6.88 -9.57
C GLY A 88 -19.84 -6.40 -8.15
N ALA A 89 -20.16 -7.33 -7.27
CA ALA A 89 -20.33 -7.04 -5.85
C ALA A 89 -18.96 -6.76 -5.24
N ILE A 90 -18.95 -6.09 -4.08
CA ILE A 90 -17.72 -5.81 -3.34
C ILE A 90 -16.92 -7.11 -3.14
N GLN A 91 -17.62 -8.18 -2.78
CA GLN A 91 -17.00 -9.49 -2.59
C GLN A 91 -17.14 -10.40 -3.80
N SER A 92 -17.17 -9.79 -4.99
CA SER A 92 -17.24 -10.53 -6.25
C SER A 92 -15.98 -11.37 -6.46
N ASN A 93 -16.18 -12.61 -6.87
CA ASN A 93 -15.05 -13.50 -7.15
C ASN A 93 -14.45 -13.20 -8.53
N HIS A 94 -15.30 -12.74 -9.44
CA HIS A 94 -14.87 -12.38 -10.79
C HIS A 94 -13.92 -11.22 -10.79
N VAL A 95 -14.31 -10.13 -10.12
CA VAL A 95 -13.50 -8.92 -10.03
C VAL A 95 -12.12 -9.27 -9.47
N ARG A 96 -12.11 -10.05 -8.41
CA ARG A 96 -10.87 -10.48 -7.76
C ARG A 96 -9.96 -11.24 -8.72
N GLN A 97 -10.53 -12.20 -9.45
CA GLN A 97 -9.78 -12.99 -10.42
C GLN A 97 -9.31 -12.14 -11.60
N THR A 98 -10.15 -11.21 -12.03
CA THR A 98 -9.82 -10.27 -13.11
C THR A 98 -8.62 -9.42 -12.75
N ALA A 99 -8.64 -8.84 -11.55
CA ALA A 99 -7.58 -7.96 -11.06
C ALA A 99 -6.27 -8.72 -10.84
N ALA A 100 -6.38 -10.02 -10.57
CA ALA A 100 -5.23 -10.87 -10.37
C ALA A 100 -4.52 -11.14 -11.69
N VAL A 101 -5.31 -11.38 -12.75
CA VAL A 101 -4.79 -11.60 -14.09
C VAL A 101 -4.18 -10.30 -14.65
N ALA A 102 -4.89 -9.19 -14.47
CA ALA A 102 -4.41 -7.87 -14.85
C ALA A 102 -3.04 -7.56 -14.23
N ALA A 103 -2.89 -7.89 -12.95
CA ALA A 103 -1.63 -7.70 -12.24
C ALA A 103 -0.51 -8.57 -12.80
N LYS A 104 -0.85 -9.82 -13.14
CA LYS A 104 0.11 -10.78 -13.66
C LYS A 104 0.62 -10.38 -15.07
N LEU A 105 -0.21 -9.66 -15.81
CA LEU A 105 0.13 -9.27 -17.19
C LEU A 105 0.47 -7.79 -17.35
N GLY A 106 0.65 -7.09 -16.23
CA GLY A 106 1.06 -5.69 -16.25
C GLY A 106 -0.02 -4.73 -16.74
N LEU A 107 -1.28 -5.15 -16.63
CA LEU A 107 -2.41 -4.32 -17.04
C LEU A 107 -3.07 -3.66 -15.85
N HIS A 108 -3.53 -2.43 -16.05
CA HIS A 108 -4.31 -1.70 -15.05
C HIS A 108 -5.69 -2.31 -14.93
N CYS A 109 -6.28 -2.20 -13.74
CA CYS A 109 -7.61 -2.76 -13.51
C CYS A 109 -8.51 -1.77 -12.78
N VAL A 110 -9.68 -1.50 -13.38
CA VAL A 110 -10.67 -0.63 -12.77
C VAL A 110 -11.93 -1.44 -12.46
N ALA A 111 -12.37 -1.38 -11.20
CA ALA A 111 -13.48 -2.19 -10.74
C ALA A 111 -14.66 -1.34 -10.27
N LEU A 112 -15.83 -1.62 -10.81
CA LEU A 112 -17.07 -0.98 -10.36
C LEU A 112 -17.80 -1.92 -9.39
N LEU A 113 -17.88 -1.50 -8.13
CA LEU A 113 -18.40 -2.37 -7.08
C LEU A 113 -19.64 -1.80 -6.40
N GLU A 114 -20.57 -2.69 -6.08
CA GLU A 114 -21.75 -2.34 -5.30
C GLU A 114 -21.87 -3.19 -4.03
N ASN A 115 -22.45 -2.59 -2.99
CA ASN A 115 -22.94 -3.34 -1.83
C ASN A 115 -24.35 -3.82 -2.15
N PRO A 116 -24.50 -5.12 -2.50
CA PRO A 116 -25.78 -5.65 -2.99
C PRO A 116 -26.78 -6.06 -1.89
N ILE A 117 -26.35 -6.06 -0.63
CA ILE A 117 -27.22 -6.51 0.47
C ILE A 117 -27.46 -5.43 1.53
N GLY A 118 -26.82 -4.28 1.35
CA GLY A 118 -26.97 -3.14 2.27
C GLY A 118 -26.38 -3.35 3.65
N THR A 119 -25.43 -4.27 3.74
CA THR A 119 -24.74 -4.57 5.00
C THR A 119 -23.76 -3.47 5.39
N THR A 120 -23.47 -3.38 6.69
CA THR A 120 -22.46 -2.43 7.18
C THR A 120 -21.31 -3.14 7.90
N ALA A 121 -21.36 -4.48 7.91
CA ALA A 121 -20.32 -5.30 8.56
C ALA A 121 -18.93 -5.05 7.97
N GLU A 122 -17.97 -4.82 8.85
CA GLU A 122 -16.59 -4.48 8.47
C GLU A 122 -15.95 -5.51 7.54
N ASN A 123 -16.11 -6.78 7.88
CA ASN A 123 -15.52 -7.88 7.12
C ASN A 123 -16.04 -8.02 5.68
N TYR A 124 -17.32 -7.69 5.47
CA TYR A 124 -17.85 -7.67 4.11
C TYR A 124 -17.29 -6.48 3.33
N LEU A 125 -17.13 -5.35 4.00
CA LEU A 125 -16.73 -4.11 3.34
C LEU A 125 -15.24 -4.03 3.03
N THR A 126 -14.41 -4.70 3.84
CA THR A 126 -12.96 -4.51 3.76
C THR A 126 -12.13 -5.80 3.63
N ASN A 127 -12.67 -6.90 4.16
CA ASN A 127 -11.96 -8.18 4.13
C ASN A 127 -12.34 -9.03 2.91
N GLY A 128 -11.86 -10.27 2.86
CA GLY A 128 -12.19 -11.22 1.80
C GLY A 128 -11.62 -10.84 0.45
N ASN A 129 -12.47 -10.90 -0.57
CA ASN A 129 -12.11 -10.53 -1.95
C ASN A 129 -11.70 -9.07 -2.08
N ARG A 130 -12.38 -8.20 -1.33
CA ARG A 130 -12.11 -6.76 -1.34
C ARG A 130 -10.69 -6.43 -0.87
N LEU A 131 -10.21 -7.16 0.13
CA LEU A 131 -8.85 -6.99 0.65
C LEU A 131 -7.81 -7.34 -0.41
N LEU A 132 -8.07 -8.41 -1.16
CA LEU A 132 -7.16 -8.86 -2.21
C LEU A 132 -7.06 -7.84 -3.35
N LEU A 133 -8.19 -7.18 -3.64
CA LEU A 133 -8.26 -6.11 -4.65
C LEU A 133 -7.22 -5.00 -4.41
N ASP A 134 -7.07 -4.60 -3.15
CA ASP A 134 -6.07 -3.59 -2.77
C ASP A 134 -4.64 -4.07 -3.02
N LEU A 135 -4.40 -5.35 -2.73
CA LEU A 135 -3.09 -5.96 -2.94
C LEU A 135 -2.70 -6.02 -4.42
N PHE A 136 -3.70 -6.12 -5.30
CA PHE A 136 -3.47 -6.15 -6.74
C PHE A 136 -3.44 -4.76 -7.37
N ASN A 137 -3.45 -3.73 -6.52
CA ASN A 137 -3.52 -2.33 -6.98
C ASN A 137 -4.66 -2.08 -7.97
N THR A 138 -5.86 -2.39 -7.52
CA THR A 138 -7.07 -2.19 -8.32
C THR A 138 -7.69 -0.84 -8.00
N GLN A 139 -7.96 -0.05 -9.03
CA GLN A 139 -8.68 1.19 -8.87
C GLN A 139 -10.15 0.86 -8.58
N ILE A 140 -10.66 1.37 -7.46
CA ILE A 140 -12.02 1.05 -7.02
C ILE A 140 -12.97 2.22 -7.28
N GLU A 141 -14.06 1.93 -7.98
CA GLU A 141 -15.12 2.91 -8.21
C GLU A 141 -16.41 2.40 -7.57
N MET A 142 -16.90 3.12 -6.58
CA MET A 142 -18.10 2.72 -5.87
C MET A 142 -19.33 3.37 -6.49
N CYS A 143 -20.25 2.53 -6.95
CA CYS A 143 -21.57 2.98 -7.37
C CYS A 143 -22.58 2.50 -6.33
N ASP A 144 -23.75 3.14 -6.31
CA ASP A 144 -24.77 2.81 -5.33
C ASP A 144 -25.52 1.53 -5.69
N ALA A 145 -25.84 1.37 -6.98
CA ALA A 145 -26.50 0.18 -7.49
C ALA A 145 -26.12 -0.11 -8.94
N LEU A 146 -25.89 -1.39 -9.22
CA LEU A 146 -25.61 -1.83 -10.58
C LEU A 146 -26.92 -2.09 -11.32
N THR A 147 -27.61 -1.01 -11.65
CA THR A 147 -28.89 -1.08 -12.36
C THR A 147 -28.70 -1.50 -13.83
N ASP A 148 -27.77 -0.83 -14.51
CA ASP A 148 -27.45 -1.14 -15.90
C ASP A 148 -25.94 -1.28 -16.08
N PRO A 149 -25.40 -2.47 -15.75
CA PRO A 149 -23.95 -2.71 -15.71
C PRO A 149 -23.21 -2.43 -17.01
N ASP A 150 -23.86 -2.66 -18.16
CA ASP A 150 -23.24 -2.45 -19.46
C ASP A 150 -23.04 -0.97 -19.81
N ALA A 151 -24.03 -0.14 -19.47
CA ALA A 151 -23.96 1.30 -19.72
C ALA A 151 -23.06 2.01 -18.72
N GLN A 152 -23.07 1.53 -17.47
CA GLN A 152 -22.21 2.06 -16.42
C GLN A 152 -20.74 1.77 -16.71
N LEU A 153 -20.47 0.57 -17.23
CA LEU A 153 -19.13 0.16 -17.62
C LEU A 153 -18.64 0.94 -18.83
N GLN A 154 -19.57 1.33 -19.69
CA GLN A 154 -19.26 2.17 -20.85
C GLN A 154 -18.90 3.59 -20.40
N THR A 155 -19.71 4.15 -19.51
CA THR A 155 -19.50 5.50 -18.98
C THR A 155 -18.13 5.59 -18.30
N LEU A 156 -17.80 4.55 -17.54
CA LEU A 156 -16.51 4.46 -16.86
C LEU A 156 -15.36 4.34 -17.85
N ALA A 157 -15.55 3.54 -18.90
CA ALA A 157 -14.52 3.33 -19.93
C ALA A 157 -14.11 4.63 -20.62
N THR A 158 -15.08 5.49 -20.92
CA THR A 158 -14.83 6.80 -21.53
C THR A 158 -14.01 7.68 -20.58
N ARG A 159 -14.41 7.71 -19.32
CA ARG A 159 -13.71 8.50 -18.30
C ARG A 159 -12.30 7.97 -18.07
N ILE A 160 -12.11 6.66 -18.23
CA ILE A 160 -10.80 6.03 -18.05
C ILE A 160 -9.89 6.29 -19.27
N GLU A 161 -10.47 6.27 -20.47
CA GLU A 161 -9.69 6.51 -21.69
C GLU A 161 -9.35 7.99 -21.91
N ALA A 162 -10.15 8.87 -21.33
CA ALA A 162 -9.86 10.31 -21.33
C ALA A 162 -8.55 10.61 -20.60
N GLN A 163 -8.22 9.74 -19.64
CA GLN A 163 -6.93 9.79 -18.95
C GLN A 163 -5.79 9.28 -19.83
N GLY A 164 -6.14 8.61 -20.92
CA GLY A 164 -5.15 8.09 -21.86
C GLY A 164 -5.03 6.58 -21.90
N PHE A 165 -5.74 5.90 -21.01
CA PHE A 165 -5.74 4.45 -20.95
C PHE A 165 -6.41 3.84 -22.19
N ARG A 166 -5.98 2.64 -22.56
CA ARG A 166 -6.63 1.87 -23.62
C ARG A 166 -7.45 0.74 -22.97
N PRO A 167 -8.73 1.02 -22.66
CA PRO A 167 -9.53 0.11 -21.85
C PRO A 167 -10.23 -1.00 -22.62
N TYR A 168 -10.31 -2.17 -22.01
CA TYR A 168 -11.09 -3.30 -22.50
C TYR A 168 -12.12 -3.67 -21.43
N VAL A 169 -13.39 -3.61 -21.81
CA VAL A 169 -14.49 -3.87 -20.88
C VAL A 169 -14.85 -5.36 -20.81
N ILE A 170 -14.86 -5.89 -19.59
CA ILE A 170 -15.32 -7.25 -19.34
C ILE A 170 -16.65 -7.17 -18.60
N PRO A 171 -17.71 -7.78 -19.17
CA PRO A 171 -19.04 -7.73 -18.57
C PRO A 171 -19.11 -8.47 -17.22
N VAL A 172 -20.25 -8.37 -16.55
CA VAL A 172 -20.46 -9.02 -15.26
C VAL A 172 -20.19 -10.52 -15.35
N GLY A 173 -19.28 -11.00 -14.50
CA GLY A 173 -18.92 -12.42 -14.44
C GLY A 173 -18.17 -12.92 -15.65
N GLY A 174 -17.84 -12.01 -16.56
CA GLY A 174 -17.15 -12.34 -17.81
C GLY A 174 -18.00 -13.16 -18.75
N SER A 175 -19.32 -13.00 -18.64
CA SER A 175 -20.27 -13.87 -19.33
C SER A 175 -20.73 -13.33 -20.68
N SER A 176 -19.78 -13.20 -21.60
CA SER A 176 -20.08 -13.01 -23.00
C SER A 176 -19.99 -14.38 -23.66
N ALA A 177 -20.30 -14.45 -24.96
CA ALA A 177 -20.19 -15.71 -25.69
C ALA A 177 -18.74 -16.20 -25.71
N LEU A 178 -17.80 -15.24 -25.78
CA LEU A 178 -16.38 -15.53 -25.82
C LEU A 178 -15.85 -16.06 -24.48
N GLY A 179 -16.26 -15.41 -23.39
CA GLY A 179 -15.87 -15.83 -22.04
C GLY A 179 -16.38 -17.23 -21.72
N ALA A 180 -17.60 -17.51 -22.18
CA ALA A 180 -18.26 -18.80 -21.95
C ALA A 180 -17.57 -19.98 -22.65
N MET A 181 -16.71 -19.68 -23.62
CA MET A 181 -15.95 -20.71 -24.35
C MET A 181 -15.03 -21.50 -23.42
N GLY A 182 -14.64 -20.88 -22.32
CA GLY A 182 -13.84 -21.54 -21.29
C GLY A 182 -14.53 -22.69 -20.60
N TYR A 183 -15.86 -22.74 -20.71
CA TYR A 183 -16.64 -23.84 -20.12
C TYR A 183 -17.22 -24.84 -21.13
N VAL A 184 -17.07 -24.53 -22.41
CA VAL A 184 -17.19 -25.52 -23.46
C VAL A 184 -15.89 -26.34 -23.40
N GLU A 185 -14.80 -25.65 -23.08
CA GLU A 185 -13.49 -26.26 -22.85
C GLU A 185 -13.55 -27.21 -21.65
N SER A 186 -14.15 -26.75 -20.56
CA SER A 186 -14.33 -27.53 -19.34
C SER A 186 -15.12 -28.82 -19.61
N ALA A 187 -16.20 -28.70 -20.39
CA ALA A 187 -17.04 -29.84 -20.76
C ALA A 187 -16.23 -30.95 -21.42
N LEU A 188 -15.31 -30.55 -22.31
CA LEU A 188 -14.42 -31.47 -23.01
C LEU A 188 -13.45 -32.19 -22.05
N GLU A 189 -12.95 -31.47 -21.04
CA GLU A 189 -12.15 -32.08 -19.98
C GLU A 189 -12.98 -33.14 -19.25
N ILE A 190 -14.16 -32.72 -18.79
CA ILE A 190 -15.09 -33.57 -18.05
C ILE A 190 -15.38 -34.87 -18.80
N ALA A 191 -15.71 -34.76 -20.08
CA ALA A 191 -16.06 -35.91 -20.92
C ALA A 191 -14.90 -36.88 -21.05
N GLN A 192 -13.69 -36.34 -21.21
CA GLN A 192 -12.48 -37.15 -21.31
C GLN A 192 -12.19 -37.86 -19.99
N GLN A 193 -12.37 -37.14 -18.89
CA GLN A 193 -12.10 -37.69 -17.55
C GLN A 193 -13.14 -38.72 -17.08
N CYS A 194 -14.36 -38.63 -17.61
CA CYS A 194 -15.44 -39.55 -17.26
C CYS A 194 -15.44 -40.80 -18.12
N GLU A 195 -14.88 -40.68 -19.32
CA GLU A 195 -14.87 -41.74 -20.34
C GLU A 195 -14.40 -43.07 -19.76
N GLU A 196 -15.28 -44.07 -19.82
CA GLU A 196 -15.04 -45.45 -19.32
C GLU A 196 -14.65 -45.54 -17.84
N VAL A 197 -14.92 -44.47 -17.10
CA VAL A 197 -14.60 -44.38 -15.67
C VAL A 197 -15.88 -44.21 -14.84
N VAL A 198 -16.76 -43.32 -15.29
CA VAL A 198 -18.05 -43.08 -14.63
C VAL A 198 -19.15 -42.74 -15.62
N GLY A 199 -20.25 -43.49 -15.55
CA GLY A 199 -21.45 -43.17 -16.32
C GLY A 199 -22.25 -42.08 -15.63
N LEU A 200 -22.00 -40.83 -16.02
CA LEU A 200 -22.70 -39.68 -15.45
C LEU A 200 -24.17 -39.63 -15.83
N SER A 201 -25.00 -39.18 -14.90
CA SER A 201 -26.42 -38.99 -15.14
C SER A 201 -26.81 -37.52 -15.02
N SER A 202 -26.19 -36.82 -14.08
CA SER A 202 -26.53 -35.42 -13.80
C SER A 202 -25.31 -34.54 -13.52
N VAL A 203 -25.46 -33.25 -13.82
CA VAL A 203 -24.44 -32.24 -13.50
C VAL A 203 -25.12 -31.05 -12.83
N VAL A 204 -24.61 -30.65 -11.67
CA VAL A 204 -25.13 -29.50 -10.94
C VAL A 204 -24.11 -28.37 -10.90
N VAL A 205 -24.54 -27.18 -11.32
CA VAL A 205 -23.69 -25.99 -11.30
C VAL A 205 -24.49 -24.76 -10.82
N ALA A 206 -23.79 -23.80 -10.24
CA ALA A 206 -24.39 -22.52 -9.91
C ALA A 206 -24.67 -21.75 -11.20
N SER A 207 -25.77 -21.00 -11.20
CA SER A 207 -26.15 -20.22 -12.37
C SER A 207 -26.39 -18.77 -11.99
N GLY A 208 -25.36 -17.95 -12.20
CA GLY A 208 -25.40 -16.53 -11.85
C GLY A 208 -25.53 -15.66 -13.08
N SER A 209 -24.40 -15.20 -13.60
CA SER A 209 -24.41 -14.39 -14.82
C SER A 209 -24.50 -15.25 -16.10
N ALA A 210 -24.63 -16.56 -15.89
CA ALA A 210 -25.01 -17.54 -16.94
C ALA A 210 -23.88 -18.14 -17.81
N GLY A 211 -22.69 -17.52 -17.78
CA GLY A 211 -21.57 -17.95 -18.63
C GLY A 211 -21.11 -19.39 -18.46
N THR A 212 -20.95 -19.82 -17.21
CA THR A 212 -20.56 -21.20 -16.90
C THR A 212 -21.63 -22.18 -17.36
N HIS A 213 -22.86 -21.95 -16.93
CA HIS A 213 -24.01 -22.80 -17.26
C HIS A 213 -24.17 -22.99 -18.75
N ALA A 214 -24.21 -21.89 -19.49
CA ALA A 214 -24.36 -21.92 -20.95
C ALA A 214 -23.18 -22.59 -21.67
N GLY A 215 -21.97 -22.33 -21.19
CA GLY A 215 -20.77 -23.00 -21.70
C GLY A 215 -20.86 -24.50 -21.52
N LEU A 216 -21.28 -24.93 -20.33
CA LEU A 216 -21.49 -26.35 -20.04
C LEU A 216 -22.68 -26.92 -20.82
N ALA A 217 -23.72 -26.12 -21.03
CA ALA A 217 -24.89 -26.53 -21.79
C ALA A 217 -24.53 -26.93 -23.22
N VAL A 218 -23.83 -26.03 -23.91
CA VAL A 218 -23.41 -26.25 -25.31
C VAL A 218 -22.50 -27.47 -25.42
N GLY A 219 -21.43 -27.47 -24.61
CA GLY A 219 -20.47 -28.57 -24.59
C GLY A 219 -21.08 -29.92 -24.32
N LEU A 220 -21.81 -30.04 -23.20
CA LEU A 220 -22.39 -31.31 -22.79
C LEU A 220 -23.44 -31.86 -23.76
N GLU A 221 -24.21 -30.99 -24.41
CA GLU A 221 -25.19 -31.43 -25.40
C GLU A 221 -24.53 -32.22 -26.53
N HIS A 222 -23.30 -31.85 -26.89
CA HIS A 222 -22.59 -32.47 -28.00
C HIS A 222 -21.64 -33.57 -27.60
N LEU A 223 -21.26 -33.61 -26.32
CA LEU A 223 -20.32 -34.64 -25.83
C LEU A 223 -20.99 -35.64 -24.89
N MET A 224 -21.93 -35.18 -24.07
CA MET A 224 -22.66 -36.02 -23.13
C MET A 224 -24.17 -35.78 -23.23
N PRO A 225 -24.78 -36.10 -24.39
CA PRO A 225 -26.18 -35.72 -24.68
C PRO A 225 -27.22 -36.27 -23.71
N ASP A 226 -26.94 -37.42 -23.10
CA ASP A 226 -27.90 -38.05 -22.18
C ASP A 226 -27.73 -37.58 -20.73
N VAL A 227 -26.71 -36.78 -20.48
CA VAL A 227 -26.45 -36.24 -19.14
C VAL A 227 -27.29 -34.98 -18.91
N GLU A 228 -28.02 -34.96 -17.80
CA GLU A 228 -28.88 -33.84 -17.45
C GLU A 228 -28.08 -32.74 -16.77
N LEU A 229 -28.28 -31.49 -17.20
CA LEU A 229 -27.59 -30.35 -16.60
C LEU A 229 -28.55 -29.49 -15.80
N ILE A 230 -28.21 -29.27 -14.53
CA ILE A 230 -29.04 -28.49 -13.63
C ILE A 230 -28.33 -27.24 -13.18
N GLY A 231 -28.92 -26.08 -13.46
CA GLY A 231 -28.42 -24.81 -12.97
C GLY A 231 -29.20 -24.35 -11.76
N VAL A 232 -28.53 -24.29 -10.61
CA VAL A 232 -29.14 -23.77 -9.40
C VAL A 232 -28.91 -22.26 -9.36
N THR A 233 -29.99 -21.49 -9.49
CA THR A 233 -29.89 -20.04 -9.55
C THR A 233 -29.43 -19.47 -8.22
N VAL A 234 -28.69 -18.36 -8.27
CA VAL A 234 -28.15 -17.74 -7.07
C VAL A 234 -28.60 -16.29 -6.89
N SER A 235 -29.38 -15.79 -7.84
CA SER A 235 -29.78 -14.39 -7.85
C SER A 235 -31.16 -14.13 -8.44
N ARG A 236 -31.66 -15.06 -9.25
CA ARG A 236 -32.89 -14.85 -10.02
C ARG A 236 -33.82 -16.06 -10.07
N SER A 237 -35.06 -15.83 -10.47
CA SER A 237 -36.03 -16.90 -10.67
C SER A 237 -35.81 -17.57 -12.03
N VAL A 238 -36.46 -18.72 -12.23
CA VAL A 238 -36.40 -19.45 -13.50
C VAL A 238 -36.76 -18.52 -14.68
N ALA A 239 -37.89 -17.83 -14.57
CA ALA A 239 -38.38 -16.94 -15.62
C ALA A 239 -37.37 -15.86 -16.02
N GLU A 240 -36.66 -15.33 -15.03
CA GLU A 240 -35.66 -14.28 -15.26
C GLU A 240 -34.30 -14.81 -15.70
N GLN A 241 -33.94 -16.01 -15.25
CA GLN A 241 -32.63 -16.61 -15.55
C GLN A 241 -32.62 -17.37 -16.88
N LYS A 242 -33.71 -18.08 -17.16
CA LYS A 242 -33.86 -18.86 -18.40
C LYS A 242 -33.38 -18.16 -19.68
N PRO A 243 -33.92 -16.96 -20.01
CA PRO A 243 -33.51 -16.31 -21.27
C PRO A 243 -32.04 -15.91 -21.31
N LYS A 244 -31.48 -15.52 -20.16
CA LYS A 244 -30.07 -15.14 -20.08
C LYS A 244 -29.15 -16.32 -20.46
N VAL A 245 -29.44 -17.49 -19.89
CA VAL A 245 -28.68 -18.70 -20.20
C VAL A 245 -28.84 -19.07 -21.67
N ILE A 246 -30.08 -19.01 -22.15
CA ILE A 246 -30.45 -19.36 -23.53
C ILE A 246 -29.75 -18.46 -24.57
N ALA A 247 -29.80 -17.14 -24.35
CA ALA A 247 -29.17 -16.19 -25.26
C ALA A 247 -27.69 -16.49 -25.44
N LEU A 248 -26.99 -16.72 -24.33
CA LEU A 248 -25.59 -17.15 -24.37
C LEU A 248 -25.44 -18.50 -25.05
N GLN A 249 -26.22 -19.49 -24.60
CA GLN A 249 -26.27 -20.82 -25.21
C GLN A 249 -26.29 -20.76 -26.74
N GLN A 250 -27.22 -19.97 -27.28
CA GLN A 250 -27.43 -19.86 -28.73
C GLN A 250 -26.32 -19.06 -29.43
N ALA A 251 -25.80 -18.04 -28.76
CA ALA A 251 -24.68 -17.27 -29.26
C ALA A 251 -23.40 -18.11 -29.33
N ILE A 252 -23.11 -18.83 -28.24
CA ILE A 252 -21.95 -19.73 -28.17
C ILE A 252 -22.00 -20.76 -29.30
N ALA A 253 -23.17 -21.41 -29.44
CA ALA A 253 -23.39 -22.41 -30.48
C ALA A 253 -23.14 -21.86 -31.88
N GLY A 254 -23.70 -20.68 -32.15
CA GLY A 254 -23.53 -20.00 -33.43
C GLY A 254 -22.08 -19.68 -33.74
N GLN A 255 -21.33 -19.25 -32.72
CA GLN A 255 -19.91 -18.94 -32.86
C GLN A 255 -19.05 -20.18 -33.11
N LEU A 256 -19.56 -21.36 -32.75
CA LEU A 256 -18.86 -22.62 -32.94
C LEU A 256 -19.42 -23.42 -34.13
N ALA A 257 -20.23 -22.75 -34.94
CA ALA A 257 -20.92 -23.37 -36.08
C ALA A 257 -21.69 -24.63 -35.65
N LEU A 258 -22.54 -24.46 -34.63
CA LEU A 258 -23.31 -25.56 -34.06
C LEU A 258 -24.76 -25.18 -33.85
N THR A 259 -25.61 -26.20 -33.73
CA THR A 259 -26.99 -26.02 -33.29
C THR A 259 -27.10 -26.50 -31.85
N ALA A 260 -27.87 -25.76 -31.04
CA ALA A 260 -28.11 -26.12 -29.65
C ALA A 260 -29.60 -26.23 -29.39
N THR A 261 -30.10 -27.48 -29.32
CA THR A 261 -31.53 -27.73 -29.17
C THR A 261 -31.93 -28.16 -27.75
N ALA A 262 -30.94 -28.34 -26.87
CA ALA A 262 -31.22 -28.80 -25.51
C ALA A 262 -31.96 -27.75 -24.70
N ASP A 263 -32.90 -28.21 -23.88
CA ASP A 263 -33.62 -27.35 -22.96
C ASP A 263 -32.76 -27.05 -21.73
N ILE A 264 -32.70 -25.76 -21.37
CA ILE A 264 -31.99 -25.32 -20.17
C ILE A 264 -32.85 -25.67 -18.95
N HIS A 265 -32.20 -26.17 -17.89
CA HIS A 265 -32.91 -26.52 -16.66
C HIS A 265 -32.41 -25.70 -15.51
N LEU A 266 -33.35 -25.16 -14.73
CA LEU A 266 -33.01 -24.30 -13.59
C LEU A 266 -33.88 -24.54 -12.38
N TRP A 267 -33.27 -24.49 -11.20
CA TRP A 267 -33.99 -24.47 -9.93
C TRP A 267 -33.73 -23.18 -9.23
N ASP A 268 -34.79 -22.53 -8.78
CA ASP A 268 -34.69 -21.23 -8.11
C ASP A 268 -35.14 -21.26 -6.65
N ASP A 269 -35.22 -22.45 -6.08
CA ASP A 269 -35.74 -22.64 -4.72
C ASP A 269 -34.67 -22.49 -3.64
N TYR A 270 -33.47 -22.04 -4.01
CA TYR A 270 -32.32 -22.12 -3.11
C TYR A 270 -31.51 -20.84 -2.89
N PHE A 271 -31.89 -19.74 -3.55
CA PHE A 271 -31.32 -18.43 -3.24
C PHE A 271 -32.34 -17.70 -2.35
N ALA A 272 -32.16 -17.79 -1.04
CA ALA A 272 -33.27 -17.58 -0.10
C ALA A 272 -33.93 -16.20 -0.14
N PRO A 273 -33.31 -15.17 0.49
CA PRO A 273 -33.90 -13.83 0.38
C PRO A 273 -33.40 -13.07 -0.86
N GLY A 274 -32.26 -13.48 -1.41
CA GLY A 274 -31.68 -12.84 -2.60
C GLY A 274 -30.20 -13.10 -2.81
N TYR A 275 -29.62 -12.47 -3.83
CA TYR A 275 -28.19 -12.61 -4.13
C TYR A 275 -27.31 -12.09 -3.00
N GLY A 276 -26.31 -12.86 -2.63
CA GLY A 276 -25.35 -12.47 -1.61
C GLY A 276 -25.86 -12.52 -0.17
N VAL A 277 -27.07 -13.05 0.01
CA VAL A 277 -27.64 -13.25 1.34
C VAL A 277 -27.61 -14.73 1.67
N PRO A 278 -26.86 -15.11 2.73
CA PRO A 278 -26.76 -16.50 3.14
C PRO A 278 -28.10 -17.05 3.63
N ASN A 279 -28.35 -18.32 3.38
CA ASN A 279 -29.51 -19.01 3.93
C ASN A 279 -29.10 -20.23 4.74
N ASP A 280 -30.03 -20.73 5.54
CA ASP A 280 -29.77 -21.86 6.44
C ASP A 280 -29.33 -23.12 5.70
N ALA A 281 -30.00 -23.44 4.59
CA ALA A 281 -29.66 -24.61 3.78
C ALA A 281 -28.27 -24.47 3.14
N GLY A 282 -27.89 -23.22 2.84
CA GLY A 282 -26.58 -22.94 2.28
C GLY A 282 -25.48 -23.18 3.28
N MET A 283 -25.62 -22.61 4.47
CA MET A 283 -24.65 -22.77 5.54
C MET A 283 -24.43 -24.23 5.95
N GLU A 284 -25.51 -25.00 5.96
CA GLU A 284 -25.43 -26.43 6.28
C GLU A 284 -24.73 -27.22 5.17
N ALA A 285 -24.93 -26.81 3.92
CA ALA A 285 -24.23 -27.40 2.78
C ALA A 285 -22.73 -27.13 2.85
N VAL A 286 -22.38 -25.90 3.24
CA VAL A 286 -21.00 -25.50 3.49
C VAL A 286 -20.41 -26.34 4.62
N LYS A 287 -21.15 -26.44 5.73
CA LYS A 287 -20.73 -27.23 6.88
C LYS A 287 -20.58 -28.72 6.55
N LEU A 288 -21.53 -29.24 5.79
CA LEU A 288 -21.55 -30.65 5.45
C LEU A 288 -20.31 -31.07 4.67
N LEU A 289 -19.98 -30.31 3.64
CA LEU A 289 -18.83 -30.66 2.79
C LEU A 289 -17.49 -30.40 3.45
N ALA A 290 -17.42 -29.38 4.30
CA ALA A 290 -16.21 -29.11 5.07
C ALA A 290 -15.92 -30.25 6.05
N SER A 291 -16.94 -30.66 6.80
CA SER A 291 -16.78 -31.68 7.85
C SER A 291 -16.69 -33.11 7.33
N LEU A 292 -17.24 -33.36 6.13
CA LEU A 292 -17.23 -34.70 5.54
C LEU A 292 -16.13 -34.92 4.51
N GLU A 293 -15.73 -33.86 3.81
CA GLU A 293 -14.80 -33.99 2.68
C GLU A 293 -13.60 -33.05 2.70
N GLY A 294 -13.56 -32.12 3.65
CA GLY A 294 -12.50 -31.11 3.70
C GLY A 294 -12.50 -30.16 2.52
N VAL A 295 -13.63 -30.13 1.81
CA VAL A 295 -13.86 -29.24 0.68
C VAL A 295 -14.53 -27.97 1.19
N LEU A 296 -14.04 -26.81 0.73
CA LEU A 296 -14.58 -25.53 1.17
C LEU A 296 -15.49 -24.89 0.12
N LEU A 297 -16.78 -24.80 0.44
CA LEU A 297 -17.74 -24.08 -0.39
C LEU A 297 -17.84 -22.62 0.08
N ASP A 298 -18.80 -21.89 -0.48
CA ASP A 298 -18.97 -20.48 -0.13
C ASP A 298 -20.43 -20.13 0.13
N PRO A 299 -20.69 -19.00 0.82
CA PRO A 299 -22.07 -18.61 1.15
C PRO A 299 -22.90 -18.17 -0.07
N VAL A 300 -22.23 -17.61 -1.07
CA VAL A 300 -22.93 -16.96 -2.19
C VAL A 300 -23.32 -17.91 -3.33
N TYR A 301 -22.37 -18.77 -3.74
CA TYR A 301 -22.56 -19.59 -4.94
C TYR A 301 -22.63 -21.09 -4.66
N THR A 302 -21.47 -21.72 -4.49
CA THR A 302 -21.37 -23.18 -4.38
C THR A 302 -22.18 -23.76 -3.22
N GLY A 303 -22.24 -23.03 -2.11
CA GLY A 303 -23.05 -23.44 -0.95
C GLY A 303 -24.53 -23.58 -1.29
N LYS A 304 -25.08 -22.62 -2.01
CA LYS A 304 -26.48 -22.67 -2.41
C LYS A 304 -26.71 -23.72 -3.50
N ALA A 305 -25.74 -23.85 -4.41
CA ALA A 305 -25.78 -24.86 -5.47
C ALA A 305 -25.71 -26.28 -4.90
N MET A 306 -24.94 -26.46 -3.82
CA MET A 306 -24.88 -27.75 -3.13
C MET A 306 -26.18 -28.05 -2.37
N ALA A 307 -26.73 -27.03 -1.72
CA ALA A 307 -28.03 -27.13 -1.06
C ALA A 307 -29.13 -27.58 -2.02
N GLY A 308 -28.99 -27.16 -3.28
CA GLY A 308 -29.92 -27.57 -4.35
C GLY A 308 -29.72 -29.00 -4.79
N LEU A 309 -28.46 -29.45 -4.78
CA LEU A 309 -28.13 -30.83 -5.10
C LEU A 309 -28.67 -31.78 -4.02
N ILE A 310 -28.43 -31.43 -2.75
CA ILE A 310 -28.89 -32.23 -1.62
C ILE A 310 -30.42 -32.36 -1.62
N ASP A 311 -31.11 -31.22 -1.72
CA ASP A 311 -32.57 -31.19 -1.74
C ASP A 311 -33.11 -31.84 -3.02
N GLY A 312 -32.34 -31.74 -4.10
CA GLY A 312 -32.65 -32.41 -5.36
C GLY A 312 -32.69 -33.92 -5.21
N ILE A 313 -31.71 -34.45 -4.47
CA ILE A 313 -31.68 -35.87 -4.11
C ILE A 313 -32.83 -36.19 -3.15
N SER A 314 -33.00 -35.35 -2.13
CA SER A 314 -34.04 -35.52 -1.12
C SER A 314 -35.44 -35.64 -1.71
N GLN A 315 -35.76 -34.75 -2.65
CA GLN A 315 -37.10 -34.66 -3.24
C GLN A 315 -37.27 -35.52 -4.49
N LYS A 316 -36.23 -36.27 -4.86
CA LYS A 316 -36.16 -37.03 -6.11
C LYS A 316 -36.41 -36.13 -7.32
N ARG A 317 -35.61 -35.06 -7.42
CA ARG A 317 -35.84 -34.03 -8.43
C ARG A 317 -35.10 -34.28 -9.74
N PHE A 318 -34.09 -35.14 -9.71
CA PHE A 318 -33.30 -35.48 -10.90
C PHE A 318 -34.04 -36.48 -11.78
N ASN A 319 -33.56 -36.65 -13.01
CA ASN A 319 -34.19 -37.55 -13.98
C ASN A 319 -34.21 -39.03 -13.53
N ASP A 320 -33.15 -39.45 -12.84
CA ASP A 320 -33.04 -40.81 -12.30
C ASP A 320 -32.20 -40.88 -11.02
N ASP A 321 -31.60 -42.05 -10.74
CA ASP A 321 -30.82 -42.27 -9.52
C ASP A 321 -29.30 -42.22 -9.72
N GLY A 322 -28.86 -41.97 -10.96
CA GLY A 322 -27.46 -42.09 -11.32
C GLY A 322 -26.50 -41.10 -10.69
N PRO A 323 -25.19 -41.26 -10.95
CA PRO A 323 -24.15 -40.40 -10.40
C PRO A 323 -24.33 -38.92 -10.77
N ILE A 324 -23.99 -38.04 -9.84
CA ILE A 324 -24.14 -36.60 -10.01
C ILE A 324 -22.77 -35.91 -9.90
N LEU A 325 -22.42 -35.15 -10.93
CA LEU A 325 -21.22 -34.32 -10.88
C LEU A 325 -21.58 -32.92 -10.39
N PHE A 326 -20.84 -32.46 -9.38
CA PHE A 326 -20.97 -31.09 -8.91
C PHE A 326 -19.79 -30.26 -9.39
N ILE A 327 -20.08 -29.16 -10.09
CA ILE A 327 -19.05 -28.24 -10.56
C ILE A 327 -18.68 -27.28 -9.44
N HIS A 328 -17.50 -27.47 -8.86
CA HIS A 328 -17.00 -26.53 -7.87
C HIS A 328 -16.38 -25.35 -8.55
N THR A 329 -17.13 -24.26 -8.59
CA THR A 329 -16.72 -23.06 -9.31
C THR A 329 -15.83 -22.15 -8.46
N GLY A 330 -15.70 -22.45 -7.17
CA GLY A 330 -14.86 -21.68 -6.25
C GLY A 330 -15.64 -20.90 -5.22
N GLY A 331 -15.18 -19.68 -4.95
CA GLY A 331 -15.90 -18.73 -4.11
C GLY A 331 -15.48 -18.67 -2.65
N ALA A 332 -14.63 -19.62 -2.24
CA ALA A 332 -14.27 -19.79 -0.83
C ALA A 332 -13.73 -18.56 -0.06
N PRO A 333 -12.99 -17.64 -0.74
CA PRO A 333 -12.54 -16.43 -0.04
C PRO A 333 -13.65 -15.57 0.57
N ALA A 334 -14.90 -15.78 0.13
CA ALA A 334 -16.03 -15.04 0.67
C ALA A 334 -16.37 -15.42 2.11
N LEU A 335 -16.01 -16.64 2.52
CA LEU A 335 -16.24 -17.13 3.89
C LEU A 335 -15.69 -16.16 4.94
N PHE A 336 -14.49 -15.65 4.70
CA PHE A 336 -13.81 -14.76 5.63
C PHE A 336 -14.47 -13.39 5.67
N ALA A 337 -15.09 -13.00 4.56
CA ALA A 337 -15.83 -11.76 4.48
C ALA A 337 -17.19 -11.86 5.16
N TYR A 338 -17.85 -13.01 4.99
CA TYR A 338 -19.19 -13.24 5.54
C TYR A 338 -19.16 -13.67 7.02
N HIS A 339 -17.97 -13.67 7.60
CA HIS A 339 -17.78 -14.00 9.01
C HIS A 339 -17.58 -12.74 9.82
N PRO A 340 -18.24 -12.63 10.99
CA PRO A 340 -19.17 -13.60 11.59
C PRO A 340 -20.59 -13.54 11.04
N HIS A 341 -21.03 -12.37 10.58
CA HIS A 341 -22.36 -12.20 10.00
C HIS A 341 -22.41 -11.01 9.08
N VAL A 342 -23.51 -10.86 8.35
CA VAL A 342 -23.74 -9.69 7.51
C VAL A 342 -24.98 -8.92 7.93
N LEU B 20 13.19 -43.24 -1.82
CA LEU B 20 12.36 -42.53 -0.79
C LEU B 20 11.17 -43.37 -0.33
N THR B 21 10.82 -44.38 -1.14
CA THR B 21 9.67 -45.26 -0.87
C THR B 21 9.86 -46.12 0.39
N ARG B 22 9.21 -47.29 0.41
CA ARG B 22 9.19 -48.19 1.58
C ARG B 22 8.45 -47.57 2.77
N PHE B 23 8.38 -46.24 2.79
CA PHE B 23 7.52 -45.51 3.71
C PHE B 23 6.17 -45.31 3.04
N PRO B 24 5.08 -45.83 3.67
CA PRO B 24 3.72 -45.68 3.14
C PRO B 24 3.30 -44.21 2.99
N ARG B 25 2.54 -43.93 1.94
CA ARG B 25 2.18 -42.56 1.59
C ARG B 25 0.82 -42.52 0.90
N LEU B 26 -0.04 -41.59 1.34
CA LEU B 26 -1.35 -41.39 0.72
C LEU B 26 -1.25 -40.41 -0.45
N GLU B 27 -2.28 -40.35 -1.28
CA GLU B 27 -2.31 -39.45 -2.44
C GLU B 27 -3.18 -38.23 -2.17
N PHE B 28 -2.54 -37.13 -1.76
CA PHE B 28 -3.25 -35.87 -1.50
C PHE B 28 -3.01 -34.83 -2.59
N ILE B 29 -1.91 -34.98 -3.33
CA ILE B 29 -1.54 -34.02 -4.36
C ILE B 29 -1.64 -34.64 -5.76
N GLY B 30 -1.02 -35.81 -5.93
CA GLY B 30 -1.06 -36.53 -7.20
C GLY B 30 -0.17 -35.90 -8.26
N ALA B 31 -0.67 -34.85 -8.89
CA ALA B 31 0.10 -34.11 -9.89
C ALA B 31 1.14 -33.21 -9.24
N PRO B 32 2.35 -33.12 -9.83
CA PRO B 32 3.39 -32.24 -9.29
C PRO B 32 2.98 -30.78 -9.34
N THR B 33 3.23 -30.06 -8.25
CA THR B 33 2.85 -28.64 -8.14
C THR B 33 3.65 -27.78 -9.11
N PRO B 34 3.02 -26.73 -9.66
CA PRO B 34 3.62 -25.90 -10.72
C PRO B 34 4.94 -25.23 -10.33
N LEU B 35 5.85 -25.14 -11.29
CA LEU B 35 7.06 -24.34 -11.17
C LEU B 35 7.03 -23.29 -12.28
N GLU B 36 6.81 -22.04 -11.89
CA GLU B 36 6.55 -20.96 -12.84
C GLU B 36 7.61 -19.87 -12.77
N TYR B 37 7.98 -19.35 -13.94
CA TYR B 37 8.85 -18.19 -14.02
C TYR B 37 8.08 -16.95 -13.58
N LEU B 38 8.76 -16.05 -12.89
CA LEU B 38 8.15 -14.79 -12.46
C LEU B 38 8.75 -13.63 -13.26
N PRO B 39 8.17 -13.34 -14.45
CA PRO B 39 8.79 -12.35 -15.34
C PRO B 39 8.81 -10.93 -14.78
N ARG B 40 7.71 -10.50 -14.15
CA ARG B 40 7.60 -9.12 -13.66
C ARG B 40 8.41 -8.88 -12.39
N LEU B 41 8.51 -9.90 -11.54
CA LEU B 41 9.37 -9.83 -10.36
C LEU B 41 10.84 -9.90 -10.77
N SER B 42 11.15 -10.76 -11.73
CA SER B 42 12.49 -10.83 -12.31
C SER B 42 12.87 -9.53 -12.99
N ASP B 43 11.88 -8.87 -13.57
CA ASP B 43 12.05 -7.57 -14.20
C ASP B 43 12.46 -6.51 -13.17
N TYR B 44 11.66 -6.39 -12.11
CA TYR B 44 11.87 -5.40 -11.05
C TYR B 44 13.15 -5.64 -10.25
N LEU B 45 13.49 -6.91 -10.04
CA LEU B 45 14.71 -7.26 -9.30
C LEU B 45 15.94 -7.34 -10.20
N GLY B 46 15.72 -7.47 -11.50
CA GLY B 46 16.80 -7.61 -12.48
C GLY B 46 17.55 -8.92 -12.32
N ARG B 47 16.80 -9.99 -12.03
CA ARG B 47 17.38 -11.30 -11.72
C ARG B 47 16.32 -12.36 -11.91
N GLU B 48 16.69 -13.48 -12.55
CA GLU B 48 15.74 -14.56 -12.81
C GLU B 48 15.23 -15.22 -11.52
N ILE B 49 13.95 -15.03 -11.25
CA ILE B 49 13.31 -15.59 -10.06
C ILE B 49 12.24 -16.62 -10.46
N TYR B 50 12.31 -17.79 -9.83
CA TYR B 50 11.35 -18.88 -10.07
C TYR B 50 10.58 -19.20 -8.80
N ILE B 51 9.38 -19.76 -8.95
CA ILE B 51 8.53 -20.07 -7.80
C ILE B 51 7.99 -21.51 -7.84
N LYS B 52 8.16 -22.22 -6.73
CA LYS B 52 7.57 -23.54 -6.54
C LYS B 52 6.25 -23.37 -5.80
N ARG B 53 5.16 -23.57 -6.53
CA ARG B 53 3.81 -23.25 -6.04
C ARG B 53 3.22 -24.38 -5.20
N ASP B 54 3.79 -24.60 -4.01
CA ASP B 54 3.25 -25.58 -3.08
C ASP B 54 2.05 -25.01 -2.31
N ASP B 55 1.66 -23.79 -2.66
CA ASP B 55 0.47 -23.17 -2.08
C ASP B 55 -0.82 -23.59 -2.80
N VAL B 56 -0.67 -24.13 -4.01
CA VAL B 56 -1.84 -24.55 -4.81
C VAL B 56 -2.10 -26.06 -4.74
N THR B 57 -1.73 -26.68 -3.62
CA THR B 57 -2.08 -28.08 -3.37
C THR B 57 -3.60 -28.18 -3.14
N PRO B 58 -4.24 -29.25 -3.68
CA PRO B 58 -5.70 -29.30 -3.87
C PRO B 58 -6.57 -29.19 -2.61
N ILE B 59 -6.01 -29.54 -1.45
CA ILE B 59 -6.82 -29.61 -0.22
C ILE B 59 -6.91 -28.29 0.54
N ALA B 60 -8.15 -27.79 0.68
CA ALA B 60 -8.49 -26.62 1.50
C ALA B 60 -7.45 -25.49 1.50
N MET B 61 -7.33 -24.83 0.35
CA MET B 61 -6.43 -23.68 0.15
C MET B 61 -4.94 -23.99 0.23
N GLY B 62 -4.60 -25.27 0.36
CA GLY B 62 -3.24 -25.75 0.19
C GLY B 62 -2.26 -25.50 1.32
N GLY B 63 -0.98 -25.59 0.99
CA GLY B 63 0.10 -25.44 1.95
C GLY B 63 1.15 -26.54 1.84
N ASN B 64 2.25 -26.35 2.57
CA ASN B 64 3.39 -27.27 2.54
C ASN B 64 3.16 -28.55 3.33
N LYS B 65 2.20 -28.51 4.26
CA LYS B 65 1.98 -29.61 5.20
C LYS B 65 1.27 -30.82 4.61
N LEU B 66 0.66 -30.66 3.44
CA LEU B 66 0.09 -31.79 2.73
C LEU B 66 1.16 -32.83 2.43
N ARG B 67 2.32 -32.36 1.98
CA ARG B 67 3.47 -33.23 1.67
C ARG B 67 3.89 -34.07 2.87
N LYS B 68 3.80 -33.47 4.06
CA LYS B 68 4.18 -34.15 5.29
C LYS B 68 3.09 -35.08 5.81
N LEU B 69 1.83 -34.62 5.72
CA LEU B 69 0.68 -35.38 6.20
C LEU B 69 0.39 -36.63 5.34
N GLU B 70 0.87 -36.63 4.10
CA GLU B 70 0.80 -37.81 3.25
C GLU B 70 1.50 -39.00 3.90
N PHE B 71 2.60 -38.72 4.62
CA PHE B 71 3.35 -39.73 5.35
C PHE B 71 2.85 -39.90 6.78
N LEU B 72 2.44 -38.80 7.39
CA LEU B 72 1.98 -38.79 8.79
C LEU B 72 0.66 -39.53 8.96
N VAL B 73 -0.31 -39.26 8.07
CA VAL B 73 -1.62 -39.89 8.15
C VAL B 73 -1.60 -41.31 7.60
N ALA B 74 -0.71 -41.58 6.65
CA ALA B 74 -0.49 -42.95 6.16
C ALA B 74 0.06 -43.84 7.26
N ASP B 75 0.86 -43.25 8.13
CA ASP B 75 1.39 -43.95 9.30
C ASP B 75 0.31 -44.11 10.36
N ALA B 76 -0.62 -43.15 10.42
CA ALA B 76 -1.73 -43.17 11.37
C ALA B 76 -2.74 -44.26 11.02
N LEU B 77 -2.93 -44.52 9.73
CA LEU B 77 -3.86 -45.55 9.28
C LEU B 77 -3.31 -46.96 9.49
N ARG B 78 -1.99 -47.11 9.36
CA ARG B 78 -1.31 -48.37 9.64
C ARG B 78 -1.44 -48.74 11.11
N GLU B 79 -1.43 -47.73 11.97
CA GLU B 79 -1.58 -47.92 13.41
C GLU B 79 -3.05 -47.89 13.84
N GLY B 80 -3.94 -47.83 12.85
CA GLY B 80 -5.39 -47.89 13.06
C GLY B 80 -5.95 -46.79 13.93
N ALA B 81 -5.51 -45.56 13.69
CA ALA B 81 -6.01 -44.40 14.44
C ALA B 81 -7.38 -43.98 13.95
N ASP B 82 -8.14 -43.31 14.81
CA ASP B 82 -9.41 -42.70 14.42
C ASP B 82 -9.42 -41.18 14.70
N THR B 83 -8.37 -40.70 15.35
CA THR B 83 -8.26 -39.30 15.76
C THR B 83 -6.84 -38.77 15.52
N LEU B 84 -6.75 -37.56 14.98
CA LEU B 84 -5.46 -36.89 14.79
C LEU B 84 -5.34 -35.69 15.73
N ILE B 85 -4.22 -35.62 16.44
CA ILE B 85 -3.96 -34.53 17.38
C ILE B 85 -2.67 -33.81 17.01
N THR B 86 -2.76 -32.48 16.87
CA THR B 86 -1.60 -31.64 16.59
C THR B 86 -1.69 -30.30 17.32
N ALA B 87 -0.64 -29.49 17.19
CA ALA B 87 -0.59 -28.17 17.83
C ALA B 87 0.03 -27.09 16.95
N GLY B 88 -0.23 -25.83 17.32
CA GLY B 88 0.31 -24.66 16.64
C GLY B 88 -0.34 -23.38 17.12
N ALA B 89 -0.09 -22.29 16.40
CA ALA B 89 -0.76 -21.01 16.67
C ALA B 89 -2.24 -21.11 16.30
N ILE B 90 -3.04 -20.13 16.75
CA ILE B 90 -4.45 -20.06 16.38
C ILE B 90 -4.61 -19.99 14.85
N GLN B 91 -3.70 -19.29 14.20
CA GLN B 91 -3.72 -19.15 12.74
C GLN B 91 -2.70 -20.03 12.03
N SER B 92 -2.39 -21.18 12.64
CA SER B 92 -1.47 -22.16 12.04
C SER B 92 -2.07 -22.77 10.79
N ASN B 93 -1.31 -22.76 9.70
CA ASN B 93 -1.71 -23.41 8.46
C ASN B 93 -1.68 -24.93 8.62
N HIS B 94 -0.71 -25.40 9.42
CA HIS B 94 -0.53 -26.83 9.68
C HIS B 94 -1.73 -27.46 10.33
N VAL B 95 -2.25 -26.81 11.36
CA VAL B 95 -3.45 -27.27 12.08
C VAL B 95 -4.65 -27.33 11.14
N ARG B 96 -4.77 -26.30 10.30
CA ARG B 96 -5.88 -26.19 9.34
C ARG B 96 -5.82 -27.27 8.27
N GLN B 97 -4.61 -27.60 7.82
CA GLN B 97 -4.41 -28.65 6.82
C GLN B 97 -4.65 -30.03 7.42
N THR B 98 -4.18 -30.22 8.65
CA THR B 98 -4.43 -31.45 9.40
C THR B 98 -5.93 -31.71 9.58
N ALA B 99 -6.67 -30.68 9.99
CA ALA B 99 -8.11 -30.77 10.17
C ALA B 99 -8.85 -31.14 8.88
N ALA B 100 -8.42 -30.54 7.77
CA ALA B 100 -9.01 -30.80 6.45
C ALA B 100 -8.86 -32.25 6.01
N VAL B 101 -7.64 -32.77 6.14
CA VAL B 101 -7.32 -34.16 5.82
C VAL B 101 -8.11 -35.13 6.70
N ALA B 102 -8.18 -34.83 7.99
CA ALA B 102 -8.92 -35.65 8.95
C ALA B 102 -10.39 -35.75 8.58
N ALA B 103 -11.02 -34.60 8.30
CA ALA B 103 -12.42 -34.54 7.89
C ALA B 103 -12.67 -35.36 6.63
N LYS B 104 -11.75 -35.22 5.66
CA LYS B 104 -11.79 -35.93 4.38
C LYS B 104 -11.75 -37.45 4.56
N LEU B 105 -10.97 -37.92 5.53
CA LEU B 105 -10.79 -39.35 5.76
C LEU B 105 -11.70 -39.92 6.86
N GLY B 106 -12.51 -39.06 7.46
CA GLY B 106 -13.46 -39.48 8.50
C GLY B 106 -12.87 -39.57 9.89
N LEU B 107 -11.61 -39.14 10.01
CA LEU B 107 -10.90 -39.18 11.29
C LEU B 107 -11.23 -37.95 12.12
N HIS B 108 -11.38 -38.15 13.43
CA HIS B 108 -11.53 -37.04 14.38
C HIS B 108 -10.26 -36.23 14.45
N CYS B 109 -10.38 -34.99 14.89
CA CYS B 109 -9.23 -34.10 14.98
C CYS B 109 -9.29 -33.20 16.21
N VAL B 110 -8.25 -33.26 17.02
CA VAL B 110 -8.13 -32.40 18.20
C VAL B 110 -6.98 -31.42 18.00
N ALA B 111 -7.24 -30.14 18.24
CA ALA B 111 -6.23 -29.11 18.08
C ALA B 111 -5.89 -28.44 19.40
N LEU B 112 -4.59 -28.39 19.72
CA LEU B 112 -4.10 -27.65 20.88
C LEU B 112 -3.54 -26.32 20.41
N LEU B 113 -4.29 -25.24 20.67
CA LEU B 113 -3.95 -23.92 20.14
C LEU B 113 -3.52 -22.94 21.21
N GLU B 114 -2.72 -21.96 20.79
CA GLU B 114 -2.20 -20.91 21.66
C GLU B 114 -2.23 -19.56 20.96
N ASN B 115 -2.24 -18.48 21.73
CA ASN B 115 -2.09 -17.15 21.20
C ASN B 115 -0.65 -16.68 21.43
N PRO B 116 0.21 -16.80 20.39
CA PRO B 116 1.63 -16.50 20.53
C PRO B 116 1.95 -15.00 20.59
N ILE B 117 0.97 -14.17 20.22
CA ILE B 117 1.18 -12.72 20.14
C ILE B 117 0.29 -11.91 21.09
N GLY B 118 -0.58 -12.60 21.84
CA GLY B 118 -1.40 -12.00 22.88
C GLY B 118 -2.43 -10.98 22.41
N THR B 119 -2.86 -11.08 21.16
CA THR B 119 -3.82 -10.14 20.59
C THR B 119 -5.26 -10.41 21.04
N THR B 120 -6.11 -9.38 20.93
CA THR B 120 -7.55 -9.51 21.20
C THR B 120 -8.39 -9.17 19.97
N ALA B 121 -7.73 -8.97 18.83
CA ALA B 121 -8.41 -8.63 17.58
C ALA B 121 -9.29 -9.78 17.09
N GLU B 122 -10.56 -9.46 16.85
CA GLU B 122 -11.59 -10.44 16.47
C GLU B 122 -11.17 -11.37 15.33
N ASN B 123 -10.53 -10.80 14.30
CA ASN B 123 -10.17 -11.56 13.11
C ASN B 123 -9.03 -12.56 13.30
N TYR B 124 -8.08 -12.26 14.17
CA TYR B 124 -7.05 -13.24 14.50
C TYR B 124 -7.65 -14.37 15.34
N LEU B 125 -8.58 -14.01 16.23
CA LEU B 125 -9.17 -14.97 17.16
C LEU B 125 -10.23 -15.87 16.53
N THR B 126 -10.90 -15.39 15.49
CA THR B 126 -12.07 -16.07 14.95
C THR B 126 -12.07 -16.32 13.44
N ASN B 127 -11.36 -15.50 12.68
CA ASN B 127 -11.33 -15.59 11.22
C ASN B 127 -10.14 -16.40 10.69
N GLY B 128 -9.94 -16.37 9.37
CA GLY B 128 -8.82 -17.06 8.72
C GLY B 128 -8.81 -18.57 8.91
N ASN B 129 -7.66 -19.10 9.30
CA ASN B 129 -7.49 -20.53 9.54
C ASN B 129 -8.39 -21.05 10.66
N ARG B 130 -8.63 -20.22 11.67
CA ARG B 130 -9.45 -20.59 12.82
C ARG B 130 -10.91 -20.79 12.45
N LEU B 131 -11.40 -20.01 11.48
CA LEU B 131 -12.77 -20.18 10.98
C LEU B 131 -12.93 -21.52 10.28
N LEU B 132 -11.94 -21.87 9.46
CA LEU B 132 -11.94 -23.14 8.74
C LEU B 132 -11.92 -24.33 9.69
N LEU B 133 -11.30 -24.15 10.85
CA LEU B 133 -11.29 -25.17 11.90
C LEU B 133 -12.69 -25.49 12.44
N ASP B 134 -13.52 -24.45 12.59
CA ASP B 134 -14.91 -24.63 13.00
C ASP B 134 -15.70 -25.39 11.95
N LEU B 135 -15.43 -25.09 10.68
CA LEU B 135 -16.10 -25.74 9.57
C LEU B 135 -15.68 -27.22 9.46
N PHE B 136 -14.41 -27.52 9.73
CA PHE B 136 -13.91 -28.89 9.72
C PHE B 136 -14.33 -29.69 10.94
N ASN B 137 -15.09 -29.06 11.85
CA ASN B 137 -15.49 -29.65 13.13
C ASN B 137 -14.32 -30.17 13.95
N THR B 138 -13.39 -29.27 14.24
CA THR B 138 -12.19 -29.61 15.00
C THR B 138 -12.40 -29.33 16.48
N GLN B 139 -12.09 -30.30 17.32
CA GLN B 139 -12.18 -30.12 18.77
C GLN B 139 -11.04 -29.22 19.24
N ILE B 140 -11.38 -27.98 19.54
CA ILE B 140 -10.39 -26.96 19.91
C ILE B 140 -10.05 -27.02 21.39
N GLU B 141 -8.75 -27.06 21.68
CA GLU B 141 -8.24 -27.02 23.05
C GLU B 141 -7.27 -25.86 23.21
N MET B 142 -7.60 -24.92 24.09
CA MET B 142 -6.78 -23.73 24.29
C MET B 142 -5.80 -23.88 25.44
N CYS B 143 -4.56 -23.46 25.21
CA CYS B 143 -3.54 -23.41 26.26
C CYS B 143 -2.84 -22.05 26.26
N ASP B 144 -2.20 -21.71 27.38
CA ASP B 144 -1.48 -20.44 27.51
C ASP B 144 -0.28 -20.37 26.56
N ALA B 145 0.62 -21.34 26.66
CA ALA B 145 1.84 -21.36 25.84
C ALA B 145 2.29 -22.77 25.54
N LEU B 146 2.84 -22.96 24.33
CA LEU B 146 3.41 -24.24 23.93
C LEU B 146 4.89 -24.33 24.29
N THR B 147 5.15 -24.36 25.60
CA THR B 147 6.52 -24.40 26.12
C THR B 147 7.20 -25.75 25.88
N ASP B 148 6.42 -26.83 26.02
CA ASP B 148 6.86 -28.16 25.64
C ASP B 148 5.73 -28.84 24.86
N PRO B 149 5.73 -28.68 23.53
CA PRO B 149 4.66 -29.17 22.66
C PRO B 149 4.52 -30.70 22.61
N ASP B 150 5.64 -31.40 22.53
CA ASP B 150 5.64 -32.87 22.46
C ASP B 150 5.03 -33.51 23.69
N ALA B 151 5.30 -32.92 24.86
CA ALA B 151 4.79 -33.41 26.13
C ALA B 151 3.36 -32.94 26.42
N GLN B 152 2.98 -31.82 25.83
CA GLN B 152 1.60 -31.31 25.96
C GLN B 152 0.64 -32.08 25.06
N LEU B 153 1.12 -32.45 23.87
CA LEU B 153 0.36 -33.32 22.94
C LEU B 153 0.15 -34.70 23.54
N GLN B 154 1.20 -35.24 24.14
CA GLN B 154 1.17 -36.55 24.78
C GLN B 154 0.13 -36.62 25.90
N THR B 155 0.05 -35.55 26.69
CA THR B 155 -0.96 -35.43 27.74
C THR B 155 -2.35 -35.53 27.15
N LEU B 156 -2.63 -34.64 26.20
CA LEU B 156 -3.93 -34.57 25.53
C LEU B 156 -4.29 -35.89 24.85
N ALA B 157 -3.28 -36.54 24.26
CA ALA B 157 -3.46 -37.84 23.62
C ALA B 157 -3.92 -38.93 24.59
N THR B 158 -3.44 -38.87 25.83
CA THR B 158 -3.84 -39.80 26.88
C THR B 158 -5.30 -39.52 27.29
N ARG B 159 -5.61 -38.25 27.52
CA ARG B 159 -6.97 -37.82 27.84
C ARG B 159 -7.97 -38.24 26.75
N ILE B 160 -7.60 -38.03 25.50
CA ILE B 160 -8.45 -38.38 24.34
C ILE B 160 -8.62 -39.89 24.20
N GLU B 161 -7.55 -40.66 24.45
CA GLU B 161 -7.65 -42.13 24.40
C GLU B 161 -8.37 -42.70 25.62
N ALA B 162 -8.35 -41.95 26.72
CA ALA B 162 -9.11 -42.30 27.92
C ALA B 162 -10.61 -42.10 27.68
N GLN B 163 -10.93 -41.23 26.74
CA GLN B 163 -12.32 -40.98 26.34
C GLN B 163 -12.83 -42.05 25.35
N GLY B 164 -11.94 -42.97 24.96
CA GLY B 164 -12.31 -44.11 24.12
C GLY B 164 -11.89 -44.00 22.67
N PHE B 165 -10.90 -43.16 22.38
CA PHE B 165 -10.43 -42.95 21.01
C PHE B 165 -9.05 -43.56 20.76
N ARG B 166 -8.72 -43.73 19.49
CA ARG B 166 -7.39 -44.19 19.07
C ARG B 166 -6.64 -43.03 18.40
N PRO B 167 -5.88 -42.26 19.20
CA PRO B 167 -5.25 -41.04 18.70
C PRO B 167 -3.87 -41.23 18.09
N TYR B 168 -3.53 -40.36 17.14
CA TYR B 168 -2.20 -40.31 16.56
C TYR B 168 -1.67 -38.88 16.64
N VAL B 169 -0.60 -38.70 17.41
CA VAL B 169 0.01 -37.39 17.61
C VAL B 169 0.85 -36.99 16.40
N ILE B 170 0.65 -35.75 15.94
CA ILE B 170 1.46 -35.15 14.90
C ILE B 170 2.21 -33.94 15.48
N PRO B 171 3.56 -33.95 15.40
CA PRO B 171 4.40 -32.89 15.96
C PRO B 171 4.15 -31.52 15.35
N VAL B 172 4.72 -30.49 15.97
CA VAL B 172 4.60 -29.10 15.51
C VAL B 172 5.03 -29.00 14.04
N GLY B 173 4.09 -28.60 13.20
CA GLY B 173 4.31 -28.51 11.76
C GLY B 173 4.59 -29.83 11.08
N GLY B 174 4.32 -30.93 11.79
CA GLY B 174 4.65 -32.28 11.33
C GLY B 174 6.12 -32.41 10.96
N SER B 175 6.98 -31.86 11.80
CA SER B 175 8.41 -31.75 11.50
C SER B 175 9.26 -32.83 12.19
N SER B 176 8.87 -34.08 11.98
CA SER B 176 9.66 -35.22 12.39
C SER B 176 10.38 -35.78 11.16
N ALA B 177 11.24 -36.78 11.37
CA ALA B 177 11.99 -37.40 10.27
C ALA B 177 11.07 -37.97 9.19
N LEU B 178 10.00 -38.64 9.62
CA LEU B 178 9.00 -39.22 8.72
C LEU B 178 8.19 -38.12 8.01
N GLY B 179 7.81 -37.09 8.76
CA GLY B 179 7.09 -35.95 8.20
C GLY B 179 7.85 -35.29 7.08
N ALA B 180 9.14 -35.04 7.32
CA ALA B 180 10.01 -34.33 6.37
C ALA B 180 10.28 -35.10 5.07
N MET B 181 9.89 -36.37 5.03
CA MET B 181 10.04 -37.21 3.83
C MET B 181 9.28 -36.65 2.63
N GLY B 182 8.20 -35.93 2.91
CA GLY B 182 7.41 -35.27 1.87
C GLY B 182 8.21 -34.25 1.08
N TYR B 183 9.07 -33.51 1.77
CA TYR B 183 9.92 -32.52 1.11
C TYR B 183 11.26 -33.05 0.60
N VAL B 184 11.65 -34.23 1.07
CA VAL B 184 12.78 -34.96 0.45
C VAL B 184 12.35 -35.40 -0.95
N GLU B 185 11.14 -35.97 -1.03
CA GLU B 185 10.53 -36.37 -2.29
C GLU B 185 10.36 -35.16 -3.22
N SER B 186 9.94 -34.04 -2.63
CA SER B 186 9.69 -32.79 -3.35
C SER B 186 10.88 -32.29 -4.18
N ALA B 187 12.09 -32.67 -3.77
CA ALA B 187 13.31 -32.28 -4.45
C ALA B 187 13.43 -32.90 -5.85
N LEU B 188 12.89 -34.10 -6.01
CA LEU B 188 12.88 -34.78 -7.31
C LEU B 188 12.02 -34.02 -8.33
N GLU B 189 10.88 -33.50 -7.88
CA GLU B 189 10.01 -32.66 -8.70
C GLU B 189 10.76 -31.44 -9.23
N ILE B 190 11.45 -30.75 -8.32
CA ILE B 190 12.23 -29.55 -8.65
C ILE B 190 13.33 -29.89 -9.68
N ALA B 191 14.09 -30.94 -9.39
CA ALA B 191 15.15 -31.41 -10.30
C ALA B 191 14.62 -31.71 -11.71
N GLN B 192 13.46 -32.36 -11.79
CA GLN B 192 12.85 -32.72 -13.06
C GLN B 192 12.27 -31.52 -13.81
N GLN B 193 11.67 -30.58 -13.08
CA GLN B 193 11.08 -29.39 -13.69
C GLN B 193 12.12 -28.38 -14.16
N CYS B 194 13.23 -28.29 -13.42
CA CYS B 194 14.31 -27.34 -13.75
C CYS B 194 15.19 -27.84 -14.90
N GLU B 195 15.41 -29.15 -14.96
CA GLU B 195 16.24 -29.77 -15.99
C GLU B 195 15.77 -29.39 -17.39
N GLU B 196 16.74 -29.09 -18.26
CA GLU B 196 16.49 -28.71 -19.67
C GLU B 196 15.62 -27.46 -19.82
N VAL B 197 15.45 -26.70 -18.74
CA VAL B 197 14.68 -25.44 -18.77
C VAL B 197 15.44 -24.32 -18.07
N VAL B 198 15.94 -24.60 -16.87
CA VAL B 198 16.68 -23.60 -16.08
C VAL B 198 17.79 -24.20 -15.22
N GLY B 199 18.93 -23.53 -15.20
CA GLY B 199 20.04 -23.90 -14.32
C GLY B 199 20.04 -23.04 -13.07
N LEU B 200 19.57 -23.63 -11.97
CA LEU B 200 19.44 -22.92 -10.70
C LEU B 200 20.77 -22.52 -10.08
N SER B 201 20.72 -21.53 -9.20
CA SER B 201 21.86 -21.07 -8.44
C SER B 201 21.56 -21.09 -6.94
N SER B 202 20.38 -20.61 -6.57
CA SER B 202 19.95 -20.56 -5.17
C SER B 202 18.49 -20.93 -4.99
N VAL B 203 18.18 -21.51 -3.82
CA VAL B 203 16.80 -21.82 -3.45
C VAL B 203 16.49 -21.23 -2.07
N VAL B 204 15.45 -20.40 -2.01
CA VAL B 204 15.05 -19.74 -0.76
C VAL B 204 13.77 -20.37 -0.21
N VAL B 205 13.82 -20.80 1.05
CA VAL B 205 12.66 -21.37 1.73
C VAL B 205 12.52 -20.85 3.16
N ALA B 206 11.27 -20.68 3.60
CA ALA B 206 10.98 -20.31 4.99
C ALA B 206 11.35 -21.46 5.93
N SER B 207 11.93 -21.11 7.08
CA SER B 207 12.40 -22.10 8.04
C SER B 207 11.74 -21.90 9.42
N GLY B 208 10.63 -22.60 9.65
CA GLY B 208 9.89 -22.50 10.90
C GLY B 208 10.27 -23.59 11.88
N SER B 209 9.51 -24.69 11.86
CA SER B 209 9.81 -25.85 12.69
C SER B 209 10.82 -26.79 12.02
N ALA B 210 11.40 -26.30 10.92
CA ALA B 210 12.53 -26.93 10.21
C ALA B 210 12.18 -28.12 9.31
N GLY B 211 10.91 -28.52 9.28
CA GLY B 211 10.47 -29.68 8.50
C GLY B 211 10.74 -29.59 7.01
N THR B 212 10.38 -28.47 6.41
CA THR B 212 10.55 -28.26 4.98
C THR B 212 12.03 -28.05 4.63
N HIS B 213 12.70 -27.24 5.44
CA HIS B 213 14.09 -26.85 5.21
C HIS B 213 15.05 -28.02 5.28
N ALA B 214 14.89 -28.86 6.30
CA ALA B 214 15.71 -30.07 6.44
C ALA B 214 15.39 -31.07 5.34
N GLY B 215 14.11 -31.17 4.98
CA GLY B 215 13.66 -32.07 3.93
C GLY B 215 14.28 -31.74 2.60
N LEU B 216 14.25 -30.46 2.26
CA LEU B 216 14.83 -29.97 1.00
C LEU B 216 16.35 -30.05 0.98
N ALA B 217 16.96 -29.96 2.15
CA ALA B 217 18.42 -30.02 2.28
C ALA B 217 18.99 -31.36 1.83
N VAL B 218 18.43 -32.45 2.35
CA VAL B 218 18.86 -33.80 2.02
C VAL B 218 18.63 -34.09 0.53
N GLY B 219 17.41 -33.80 0.07
CA GLY B 219 17.02 -34.07 -1.32
C GLY B 219 17.84 -33.31 -2.34
N LEU B 220 18.00 -32.01 -2.12
CA LEU B 220 18.74 -31.15 -3.05
C LEU B 220 20.25 -31.35 -3.00
N GLU B 221 20.76 -31.93 -1.91
CA GLU B 221 22.18 -32.29 -1.81
C GLU B 221 22.57 -33.32 -2.87
N HIS B 222 21.68 -34.29 -3.09
CA HIS B 222 21.91 -35.36 -4.07
C HIS B 222 21.42 -35.04 -5.44
N LEU B 223 20.32 -34.28 -5.53
CA LEU B 223 19.65 -34.04 -6.81
C LEU B 223 20.08 -32.75 -7.52
N MET B 224 20.70 -31.84 -6.76
CA MET B 224 21.20 -30.57 -7.32
C MET B 224 22.48 -30.11 -6.62
N PRO B 225 23.64 -30.40 -7.23
CA PRO B 225 24.96 -30.20 -6.61
C PRO B 225 25.39 -28.75 -6.43
N ASP B 226 25.21 -27.93 -7.46
CA ASP B 226 25.72 -26.56 -7.47
C ASP B 226 24.67 -25.50 -7.10
N VAL B 227 23.76 -25.87 -6.20
CA VAL B 227 22.70 -24.96 -5.76
C VAL B 227 22.85 -24.66 -4.26
N GLU B 228 22.55 -23.43 -3.87
CA GLU B 228 22.65 -23.01 -2.47
C GLU B 228 21.27 -22.85 -1.84
N LEU B 229 20.99 -23.67 -0.83
CA LEU B 229 19.72 -23.59 -0.12
C LEU B 229 19.80 -22.62 1.04
N ILE B 230 18.95 -21.60 0.98
CA ILE B 230 18.89 -20.57 2.02
C ILE B 230 17.60 -20.73 2.83
N GLY B 231 17.74 -20.73 4.15
CA GLY B 231 16.60 -20.81 5.05
C GLY B 231 16.35 -19.52 5.79
N VAL B 232 15.31 -18.79 5.38
CA VAL B 232 14.91 -17.56 6.07
C VAL B 232 14.00 -17.91 7.26
N THR B 233 14.53 -17.74 8.47
CA THR B 233 13.80 -18.12 9.69
C THR B 233 12.60 -17.21 9.96
N VAL B 234 11.58 -17.77 10.62
CA VAL B 234 10.34 -17.04 10.92
C VAL B 234 10.05 -16.92 12.41
N SER B 235 10.83 -17.62 13.24
CA SER B 235 10.57 -17.68 14.68
C SER B 235 11.83 -17.65 15.55
N ARG B 236 12.95 -18.11 15.00
CA ARG B 236 14.20 -18.26 15.77
C ARG B 236 15.41 -17.61 15.11
N SER B 237 16.45 -17.39 15.90
CA SER B 237 17.74 -16.93 15.39
C SER B 237 18.55 -18.11 14.87
N VAL B 238 19.65 -17.82 14.19
CA VAL B 238 20.56 -18.86 13.68
C VAL B 238 21.00 -19.80 14.79
N ALA B 239 21.34 -19.23 15.95
CA ALA B 239 21.81 -19.99 17.11
C ALA B 239 20.81 -21.05 17.59
N GLU B 240 19.53 -20.77 17.44
CA GLU B 240 18.47 -21.69 17.87
C GLU B 240 17.98 -22.59 16.73
N GLN B 241 18.19 -22.16 15.49
CA GLN B 241 17.68 -22.88 14.32
C GLN B 241 18.67 -23.91 13.76
N LYS B 242 19.97 -23.58 13.81
CA LYS B 242 21.02 -24.49 13.36
C LYS B 242 20.92 -25.90 13.96
N PRO B 243 20.85 -26.02 15.31
CA PRO B 243 20.74 -27.35 15.92
C PRO B 243 19.52 -28.15 15.44
N LYS B 244 18.44 -27.46 15.12
CA LYS B 244 17.20 -28.12 14.68
C LYS B 244 17.29 -28.66 13.25
N VAL B 245 17.82 -27.82 12.35
CA VAL B 245 17.94 -28.20 10.93
C VAL B 245 19.03 -29.25 10.71
N ILE B 246 20.11 -29.18 11.49
CA ILE B 246 21.19 -30.17 11.41
C ILE B 246 20.71 -31.54 11.92
N ALA B 247 20.13 -31.57 13.11
CA ALA B 247 19.63 -32.81 13.73
C ALA B 247 18.65 -33.56 12.84
N LEU B 248 17.67 -32.85 12.28
CA LEU B 248 16.68 -33.43 11.38
C LEU B 248 17.30 -33.92 10.07
N GLN B 249 18.30 -33.17 9.57
CA GLN B 249 19.02 -33.55 8.36
C GLN B 249 19.76 -34.88 8.55
N GLN B 250 20.35 -35.06 9.74
CA GLN B 250 21.09 -36.27 10.06
C GLN B 250 20.17 -37.42 10.49
N ALA B 251 18.93 -37.10 10.82
CA ALA B 251 17.91 -38.12 11.07
C ALA B 251 17.36 -38.67 9.76
N ILE B 252 17.05 -37.78 8.82
CA ILE B 252 16.55 -38.14 7.49
C ILE B 252 17.58 -38.95 6.70
N ALA B 253 18.83 -38.48 6.70
CA ALA B 253 19.92 -39.15 6.02
C ALA B 253 20.16 -40.57 6.56
N GLY B 254 20.04 -40.71 7.88
CA GLY B 254 20.17 -42.00 8.55
C GLY B 254 19.01 -42.93 8.22
N GLN B 255 17.80 -42.38 8.20
CA GLN B 255 16.59 -43.13 7.84
C GLN B 255 16.63 -43.60 6.38
N LEU B 256 17.32 -42.85 5.53
CA LEU B 256 17.39 -43.16 4.10
C LEU B 256 18.73 -43.79 3.69
N ALA B 257 19.64 -43.93 4.65
CA ALA B 257 20.99 -44.46 4.41
C ALA B 257 21.77 -43.66 3.35
N LEU B 258 21.94 -42.37 3.63
CA LEU B 258 22.65 -41.46 2.74
C LEU B 258 23.80 -40.76 3.47
N ALA B 262 26.42 -31.77 3.78
CA ALA B 262 26.30 -30.38 3.32
C ALA B 262 25.89 -29.45 4.45
N ASP B 263 26.44 -28.23 4.41
CA ASP B 263 26.24 -27.24 5.47
C ASP B 263 24.88 -26.54 5.37
N ILE B 264 24.33 -26.21 6.53
CA ILE B 264 23.05 -25.50 6.63
C ILE B 264 23.27 -23.98 6.56
N HIS B 265 22.51 -23.31 5.69
CA HIS B 265 22.61 -21.85 5.54
C HIS B 265 21.33 -21.19 5.99
N LEU B 266 21.47 -20.24 6.92
CA LEU B 266 20.32 -19.59 7.55
C LEU B 266 20.48 -18.07 7.69
N TRP B 267 19.42 -17.34 7.36
CA TRP B 267 19.35 -15.90 7.61
C TRP B 267 18.23 -15.61 8.57
N ASP B 268 18.52 -14.80 9.58
CA ASP B 268 17.58 -14.57 10.68
C ASP B 268 17.22 -13.10 10.93
N ASP B 269 17.42 -12.26 9.92
CA ASP B 269 17.22 -10.81 10.05
C ASP B 269 15.79 -10.38 9.74
N TYR B 270 15.01 -11.29 9.16
CA TYR B 270 13.76 -10.92 8.47
C TYR B 270 12.46 -11.29 9.19
N PHE B 271 12.56 -11.54 10.49
CA PHE B 271 11.39 -11.61 11.36
C PHE B 271 11.60 -10.62 12.50
N ALA B 272 10.79 -9.58 12.54
CA ALA B 272 11.06 -8.43 13.41
C ALA B 272 10.88 -8.73 14.90
N PRO B 273 9.62 -8.74 15.40
CA PRO B 273 9.46 -8.94 16.84
C PRO B 273 9.35 -10.41 17.23
N GLY B 274 9.17 -11.29 16.25
CA GLY B 274 9.06 -12.72 16.50
C GLY B 274 8.10 -13.44 15.58
N TYR B 275 7.70 -14.64 15.99
CA TYR B 275 6.76 -15.46 15.23
C TYR B 275 5.35 -14.88 15.25
N GLY B 276 4.68 -14.96 14.10
CA GLY B 276 3.28 -14.58 14.00
C GLY B 276 2.99 -13.09 14.12
N VAL B 277 4.01 -12.26 13.94
CA VAL B 277 3.84 -10.80 13.94
C VAL B 277 4.31 -10.25 12.60
N PRO B 278 3.46 -9.47 11.90
CA PRO B 278 3.86 -8.87 10.62
C PRO B 278 4.87 -7.75 10.80
N ASN B 279 5.81 -7.65 9.86
CA ASN B 279 6.75 -6.54 9.78
C ASN B 279 6.61 -5.80 8.44
N ASP B 280 7.20 -4.61 8.34
CA ASP B 280 7.08 -3.80 7.13
C ASP B 280 7.70 -4.45 5.89
N ALA B 281 8.85 -5.09 6.07
CA ALA B 281 9.57 -5.77 4.98
C ALA B 281 8.78 -6.94 4.40
N GLY B 282 8.16 -7.73 5.28
CA GLY B 282 7.34 -8.87 4.88
C GLY B 282 6.02 -8.48 4.24
N MET B 283 5.41 -7.42 4.76
CA MET B 283 4.15 -6.89 4.24
C MET B 283 4.32 -6.25 2.86
N GLU B 284 5.45 -5.57 2.66
CA GLU B 284 5.76 -4.95 1.37
C GLU B 284 6.13 -6.01 0.33
N ALA B 285 6.68 -7.12 0.79
CA ALA B 285 6.96 -8.27 -0.07
C ALA B 285 5.65 -8.89 -0.58
N VAL B 286 4.63 -8.91 0.30
CA VAL B 286 3.29 -9.35 -0.06
C VAL B 286 2.70 -8.47 -1.15
N LYS B 287 2.76 -7.15 -0.96
CA LYS B 287 2.30 -6.19 -1.96
C LYS B 287 3.03 -6.33 -3.29
N LEU B 288 4.34 -6.61 -3.22
CA LEU B 288 5.18 -6.71 -4.41
C LEU B 288 4.75 -7.85 -5.32
N LEU B 289 4.63 -9.05 -4.76
CA LEU B 289 4.26 -10.24 -5.54
C LEU B 289 2.79 -10.31 -5.91
N ALA B 290 1.96 -9.49 -5.27
CA ALA B 290 0.54 -9.39 -5.62
C ALA B 290 0.31 -8.39 -6.74
N SER B 291 1.01 -7.25 -6.67
CA SER B 291 0.88 -6.22 -7.69
C SER B 291 1.62 -6.57 -8.99
N LEU B 292 2.78 -7.20 -8.86
CA LEU B 292 3.60 -7.59 -10.01
C LEU B 292 3.23 -8.95 -10.62
N GLU B 293 2.88 -9.92 -9.76
CA GLU B 293 2.70 -11.31 -10.21
C GLU B 293 1.31 -11.90 -9.98
N GLY B 294 0.50 -11.24 -9.15
CA GLY B 294 -0.81 -11.76 -8.80
C GLY B 294 -0.73 -12.98 -7.90
N VAL B 295 0.41 -13.12 -7.22
CA VAL B 295 0.67 -14.22 -6.30
C VAL B 295 0.42 -13.73 -4.87
N LEU B 296 -0.25 -14.56 -4.07
CA LEU B 296 -0.61 -14.21 -2.70
C LEU B 296 0.26 -14.92 -1.66
N LEU B 297 1.02 -14.12 -0.92
CA LEU B 297 1.87 -14.60 0.17
C LEU B 297 1.15 -14.43 1.51
N ASP B 298 1.87 -14.60 2.61
CA ASP B 298 1.28 -14.45 3.94
C ASP B 298 2.15 -13.62 4.88
N PRO B 299 1.55 -13.04 5.94
CA PRO B 299 2.28 -12.16 6.85
C PRO B 299 3.32 -12.88 7.71
N VAL B 300 3.14 -14.19 7.90
CA VAL B 300 3.89 -14.94 8.90
C VAL B 300 5.12 -15.67 8.36
N TYR B 301 4.96 -16.31 7.20
CA TYR B 301 5.99 -17.20 6.66
C TYR B 301 6.61 -16.72 5.36
N THR B 302 5.86 -16.87 4.26
CA THR B 302 6.38 -16.60 2.91
C THR B 302 6.76 -15.14 2.68
N GLY B 303 5.95 -14.22 3.22
CA GLY B 303 6.22 -12.78 3.09
C GLY B 303 7.57 -12.37 3.65
N LYS B 304 7.89 -12.90 4.83
CA LYS B 304 9.18 -12.68 5.47
C LYS B 304 10.30 -13.42 4.74
N ALA B 305 9.98 -14.61 4.25
CA ALA B 305 10.92 -15.43 3.49
C ALA B 305 11.31 -14.75 2.17
N MET B 306 10.34 -14.05 1.59
CA MET B 306 10.56 -13.30 0.36
C MET B 306 11.36 -12.02 0.64
N ALA B 307 11.14 -11.43 1.81
CA ALA B 307 11.86 -10.23 2.21
C ALA B 307 13.36 -10.49 2.29
N GLY B 308 13.73 -11.70 2.72
CA GLY B 308 15.12 -12.14 2.76
C GLY B 308 15.68 -12.35 1.36
N LEU B 309 14.84 -12.85 0.45
CA LEU B 309 15.23 -13.08 -0.94
C LEU B 309 15.55 -11.77 -1.64
N ILE B 310 14.67 -10.79 -1.47
CA ILE B 310 14.83 -9.46 -2.07
C ILE B 310 16.08 -8.79 -1.49
N ASP B 311 16.24 -8.85 -0.18
CA ASP B 311 17.40 -8.25 0.50
C ASP B 311 18.70 -9.01 0.21
N GLY B 312 18.57 -10.30 -0.07
CA GLY B 312 19.71 -11.14 -0.46
C GLY B 312 20.36 -10.69 -1.76
N ILE B 313 19.52 -10.31 -2.73
CA ILE B 313 19.97 -9.73 -3.98
C ILE B 313 20.56 -8.35 -3.71
N SER B 314 19.87 -7.60 -2.84
CA SER B 314 20.25 -6.24 -2.48
C SER B 314 21.62 -6.18 -1.79
N GLN B 315 21.87 -7.11 -0.86
CA GLN B 315 23.14 -7.18 -0.14
C GLN B 315 24.16 -8.09 -0.84
N LYS B 316 23.79 -8.59 -2.03
CA LYS B 316 24.57 -9.61 -2.76
C LYS B 316 25.02 -10.73 -1.82
N ARG B 317 24.08 -11.22 -1.02
CA ARG B 317 24.34 -12.21 0.02
C ARG B 317 24.43 -13.62 -0.54
N PHE B 318 23.90 -13.82 -1.75
CA PHE B 318 24.07 -15.07 -2.49
C PHE B 318 25.48 -15.12 -3.06
N ASN B 319 26.02 -16.33 -3.17
CA ASN B 319 27.39 -16.53 -3.67
C ASN B 319 27.61 -16.09 -5.13
N ASP B 320 26.54 -16.10 -5.94
CA ASP B 320 26.58 -15.57 -7.30
C ASP B 320 25.23 -15.03 -7.77
N ASP B 321 25.22 -14.38 -8.94
CA ASP B 321 24.03 -13.68 -9.45
C ASP B 321 23.13 -14.54 -10.35
N GLY B 322 23.19 -15.86 -10.18
CA GLY B 322 22.37 -16.77 -10.98
C GLY B 322 20.91 -16.82 -10.55
N PRO B 323 20.08 -17.58 -11.28
CA PRO B 323 18.64 -17.71 -11.02
C PRO B 323 18.33 -18.27 -9.63
N ILE B 324 17.31 -17.71 -8.97
CA ILE B 324 16.92 -18.10 -7.62
C ILE B 324 15.49 -18.68 -7.62
N LEU B 325 15.28 -19.74 -6.84
CA LEU B 325 13.96 -20.35 -6.70
C LEU B 325 13.36 -20.13 -5.31
N PHE B 326 12.14 -19.61 -5.29
CA PHE B 326 11.40 -19.40 -4.04
C PHE B 326 10.39 -20.51 -3.82
N ILE B 327 10.53 -21.23 -2.72
CA ILE B 327 9.57 -22.27 -2.33
C ILE B 327 8.39 -21.61 -1.62
N HIS B 328 7.28 -21.48 -2.35
CA HIS B 328 6.05 -20.94 -1.78
C HIS B 328 5.39 -22.01 -0.96
N THR B 329 5.43 -21.85 0.35
CA THR B 329 4.93 -22.88 1.27
C THR B 329 3.47 -22.67 1.69
N GLY B 330 2.84 -21.63 1.14
CA GLY B 330 1.41 -21.38 1.35
C GLY B 330 1.13 -20.23 2.31
N GLY B 331 0.15 -20.42 3.18
CA GLY B 331 -0.16 -19.47 4.25
C GLY B 331 -1.13 -18.34 3.91
N ALA B 332 -1.50 -18.22 2.64
CA ALA B 332 -2.33 -17.09 2.17
C ALA B 332 -3.61 -16.82 2.99
N PRO B 333 -4.31 -17.87 3.47
CA PRO B 333 -5.47 -17.66 4.35
C PRO B 333 -5.24 -16.80 5.59
N ALA B 334 -3.99 -16.63 6.00
CA ALA B 334 -3.66 -15.81 7.16
C ALA B 334 -3.96 -14.33 6.94
N LEU B 335 -3.86 -13.88 5.68
CA LEU B 335 -4.14 -12.49 5.31
C LEU B 335 -5.49 -12.00 5.80
N PHE B 336 -6.49 -12.89 5.78
CA PHE B 336 -7.84 -12.56 6.18
C PHE B 336 -8.01 -12.45 7.70
N ALA B 337 -7.08 -13.04 8.43
CA ALA B 337 -7.10 -13.00 9.89
C ALA B 337 -6.29 -11.83 10.44
N TYR B 338 -5.21 -11.47 9.75
CA TYR B 338 -4.33 -10.40 10.20
C TYR B 338 -4.87 -9.01 9.83
N HIS B 339 -5.83 -8.99 8.93
CA HIS B 339 -6.54 -7.78 8.55
C HIS B 339 -7.56 -7.41 9.60
N PRO B 340 -7.64 -6.11 9.96
CA PRO B 340 -6.82 -5.01 9.45
C PRO B 340 -5.46 -4.89 10.14
N HIS B 341 -5.41 -5.24 11.43
CA HIS B 341 -4.19 -5.23 12.22
C HIS B 341 -4.29 -6.26 13.32
N VAL B 342 -3.18 -6.48 14.03
CA VAL B 342 -3.17 -7.37 15.19
C VAL B 342 -2.63 -6.66 16.43
N PHE C 23 23.07 38.06 -14.90
CA PHE C 23 21.58 38.23 -14.95
C PHE C 23 21.02 38.71 -13.61
N PRO C 24 20.06 39.65 -13.65
CA PRO C 24 19.37 40.10 -12.42
C PRO C 24 18.52 38.99 -11.80
N ARG C 25 18.57 38.89 -10.48
CA ARG C 25 17.98 37.77 -9.74
C ARG C 25 17.56 38.20 -8.34
N LEU C 26 16.35 37.79 -7.93
CA LEU C 26 15.87 38.03 -6.58
C LEU C 26 16.40 36.97 -5.61
N GLU C 27 15.92 36.99 -4.36
CA GLU C 27 16.36 36.03 -3.35
C GLU C 27 15.18 35.43 -2.59
N PHE C 28 14.71 34.29 -3.07
CA PHE C 28 13.60 33.58 -2.44
C PHE C 28 14.07 32.37 -1.65
N ILE C 29 15.24 31.85 -2.01
CA ILE C 29 15.78 30.65 -1.37
C ILE C 29 16.94 30.98 -0.43
N GLY C 30 17.86 31.83 -0.89
CA GLY C 30 19.01 32.24 -0.11
C GLY C 30 20.04 31.14 0.08
N ALA C 31 19.90 30.40 1.18
CA ALA C 31 20.79 29.28 1.49
C ALA C 31 20.59 28.12 0.52
N PRO C 32 21.69 27.40 0.18
CA PRO C 32 21.59 26.26 -0.74
C PRO C 32 20.74 25.12 -0.17
N THR C 33 19.90 24.53 -1.01
CA THR C 33 19.01 23.45 -0.60
C THR C 33 19.78 22.19 -0.22
N PRO C 34 19.27 21.42 0.76
CA PRO C 34 19.99 20.26 1.28
C PRO C 34 20.27 19.18 0.24
N LEU C 35 21.41 18.51 0.42
CA LEU C 35 21.76 17.32 -0.34
C LEU C 35 22.07 16.22 0.68
N GLU C 36 21.20 15.21 0.73
CA GLU C 36 21.26 14.17 1.76
C GLU C 36 21.46 12.79 1.16
N TYR C 37 22.27 11.98 1.83
CA TYR C 37 22.41 10.57 1.49
C TYR C 37 21.18 9.83 1.99
N LEU C 38 20.58 9.00 1.14
CA LEU C 38 19.41 8.22 1.50
C LEU C 38 19.85 6.81 1.92
N PRO C 39 20.08 6.59 3.22
CA PRO C 39 20.73 5.35 3.67
C PRO C 39 19.85 4.11 3.57
N ARG C 40 18.53 4.28 3.61
CA ARG C 40 17.62 3.13 3.57
C ARG C 40 17.21 2.75 2.15
N LEU C 41 17.05 3.75 1.29
CA LEU C 41 16.77 3.50 -0.13
C LEU C 41 18.01 2.92 -0.81
N SER C 42 19.18 3.45 -0.44
CA SER C 42 20.47 2.92 -0.91
C SER C 42 20.68 1.48 -0.45
N ASP C 43 20.23 1.18 0.77
CA ASP C 43 20.30 -0.15 1.34
C ASP C 43 19.45 -1.14 0.56
N TYR C 44 18.22 -0.73 0.24
CA TYR C 44 17.25 -1.57 -0.44
C TYR C 44 17.60 -1.80 -1.91
N LEU C 45 18.12 -0.77 -2.57
CA LEU C 45 18.55 -0.87 -3.97
C LEU C 45 19.97 -1.43 -4.08
N GLY C 46 20.68 -1.47 -2.96
CA GLY C 46 22.07 -1.94 -2.92
C GLY C 46 23.01 -1.04 -3.71
N ARG C 47 22.74 0.25 -3.69
CA ARG C 47 23.47 1.23 -4.49
C ARG C 47 23.30 2.62 -3.88
N GLU C 48 24.39 3.36 -3.75
CA GLU C 48 24.38 4.69 -3.12
C GLU C 48 23.52 5.70 -3.88
N ILE C 49 22.44 6.16 -3.24
CA ILE C 49 21.52 7.13 -3.83
C ILE C 49 21.54 8.44 -3.03
N TYR C 50 21.56 9.56 -3.77
CA TYR C 50 21.56 10.89 -3.17
C TYR C 50 20.34 11.71 -3.62
N ILE C 51 19.94 12.67 -2.78
CA ILE C 51 18.76 13.48 -3.09
C ILE C 51 19.01 14.99 -2.94
N LYS C 52 18.67 15.75 -3.98
CA LYS C 52 18.72 17.19 -3.95
C LYS C 52 17.34 17.72 -3.59
N ARG C 53 17.19 18.16 -2.34
CA ARG C 53 15.89 18.53 -1.79
C ARG C 53 15.43 19.92 -2.21
N ASP C 54 15.02 20.05 -3.46
CA ASP C 54 14.46 21.31 -3.96
C ASP C 54 12.97 21.42 -3.67
N ASP C 55 12.44 20.49 -2.89
CA ASP C 55 11.06 20.51 -2.45
C ASP C 55 10.89 21.30 -1.15
N VAL C 56 12.00 21.50 -0.44
CA VAL C 56 11.97 22.22 0.84
C VAL C 56 12.39 23.69 0.71
N THR C 57 12.16 24.28 -0.47
CA THR C 57 12.39 25.71 -0.68
C THR C 57 11.32 26.50 0.08
N PRO C 58 11.70 27.64 0.69
CA PRO C 58 10.91 28.29 1.75
C PRO C 58 9.47 28.68 1.38
N ILE C 59 9.22 28.99 0.11
CA ILE C 59 7.93 29.55 -0.30
C ILE C 59 6.86 28.51 -0.61
N ALA C 60 5.77 28.57 0.15
CA ALA C 60 4.56 27.76 -0.05
C ALA C 60 4.80 26.32 -0.54
N MET C 61 5.30 25.48 0.36
CA MET C 61 5.52 24.04 0.12
C MET C 61 6.56 23.70 -0.96
N GLY C 62 7.33 24.70 -1.39
CA GLY C 62 8.50 24.49 -2.21
C GLY C 62 8.25 24.13 -3.67
N GLY C 63 9.31 23.62 -4.30
CA GLY C 63 9.25 23.26 -5.72
C GLY C 63 10.44 23.76 -6.51
N ASN C 64 10.56 23.28 -7.73
CA ASN C 64 11.66 23.65 -8.62
C ASN C 64 11.52 25.04 -9.21
N LYS C 65 10.28 25.54 -9.23
CA LYS C 65 9.96 26.78 -9.92
C LYS C 65 10.43 28.04 -9.21
N LEU C 66 10.63 27.96 -7.88
CA LEU C 66 11.23 29.06 -7.14
C LEU C 66 12.54 29.49 -7.78
N ARG C 67 13.37 28.50 -8.15
CA ARG C 67 14.65 28.74 -8.81
C ARG C 67 14.51 29.51 -10.12
N LYS C 68 13.43 29.25 -10.84
CA LYS C 68 13.18 29.90 -12.11
C LYS C 68 12.53 31.28 -11.94
N LEU C 69 11.50 31.33 -11.10
CA LEU C 69 10.77 32.58 -10.79
C LEU C 69 11.66 33.62 -10.13
N GLU C 70 12.82 33.18 -9.64
CA GLU C 70 13.82 34.07 -9.05
C GLU C 70 14.44 34.97 -10.12
N PHE C 71 14.51 34.48 -11.35
CA PHE C 71 14.99 35.25 -12.50
C PHE C 71 13.83 35.89 -13.26
N LEU C 72 12.74 35.15 -13.38
CA LEU C 72 11.58 35.59 -14.16
C LEU C 72 10.87 36.80 -13.56
N VAL C 73 10.66 36.80 -12.25
CA VAL C 73 10.00 37.90 -11.57
C VAL C 73 10.96 39.07 -11.34
N ALA C 74 12.26 38.76 -11.22
CA ALA C 74 13.30 39.78 -11.17
C ALA C 74 13.36 40.55 -12.50
N ASP C 75 12.97 39.87 -13.57
CA ASP C 75 12.85 40.50 -14.89
C ASP C 75 11.55 41.29 -15.00
N ALA C 76 10.50 40.80 -14.33
CA ALA C 76 9.19 41.43 -14.34
C ALA C 76 9.20 42.78 -13.62
N LEU C 77 10.01 42.89 -12.58
CA LEU C 77 10.11 44.13 -11.80
C LEU C 77 10.89 45.22 -12.55
N ARG C 78 11.83 44.79 -13.39
CA ARG C 78 12.57 45.71 -14.26
C ARG C 78 11.65 46.35 -15.31
N GLU C 79 10.74 45.54 -15.85
CA GLU C 79 9.75 46.01 -16.82
C GLU C 79 8.53 46.67 -16.17
N GLY C 80 8.62 46.89 -14.86
CA GLY C 80 7.59 47.56 -14.09
C GLY C 80 6.23 46.90 -14.15
N ALA C 81 6.22 45.56 -14.05
CA ALA C 81 4.98 44.80 -14.05
C ALA C 81 4.26 44.89 -12.71
N ASP C 82 2.93 44.81 -12.75
CA ASP C 82 2.12 44.74 -11.53
C ASP C 82 1.29 43.44 -11.47
N THR C 83 1.33 42.67 -12.56
CA THR C 83 0.55 41.44 -12.70
C THR C 83 1.39 40.34 -13.36
N LEU C 84 1.35 39.14 -12.80
CA LEU C 84 2.00 37.98 -13.40
C LEU C 84 0.98 37.03 -14.01
N ILE C 85 1.27 36.56 -15.23
CA ILE C 85 0.39 35.64 -15.94
C ILE C 85 1.15 34.37 -16.34
N THR C 86 0.58 33.23 -16.01
CA THR C 86 1.17 31.93 -16.35
C THR C 86 0.08 30.88 -16.65
N ALA C 87 0.50 29.69 -17.08
CA ALA C 87 -0.42 28.62 -17.43
C ALA C 87 0.07 27.23 -17.01
N GLY C 88 -0.88 26.30 -16.92
CA GLY C 88 -0.58 24.90 -16.60
C GLY C 88 -1.84 24.11 -16.30
N ALA C 89 -1.65 22.92 -15.74
CA ALA C 89 -2.76 22.09 -15.28
C ALA C 89 -3.45 22.73 -14.07
N ILE C 90 -4.64 22.24 -13.72
CA ILE C 90 -5.35 22.70 -12.52
C ILE C 90 -4.49 22.44 -11.28
N GLN C 91 -3.80 21.29 -11.28
CA GLN C 91 -2.92 20.92 -10.16
C GLN C 91 -1.44 21.16 -10.49
N SER C 92 -1.17 22.23 -11.22
CA SER C 92 0.19 22.63 -11.56
C SER C 92 0.90 23.19 -10.32
N ASN C 93 2.12 22.70 -10.09
CA ASN C 93 2.97 23.23 -9.02
C ASN C 93 3.54 24.59 -9.40
N HIS C 94 3.77 24.78 -10.70
CA HIS C 94 4.32 26.03 -11.23
C HIS C 94 3.39 27.20 -11.02
N VAL C 95 2.11 27.00 -11.31
CA VAL C 95 1.09 28.04 -11.15
C VAL C 95 0.96 28.43 -9.68
N ARG C 96 1.00 27.43 -8.80
CA ARG C 96 0.88 27.63 -7.37
C ARG C 96 2.05 28.43 -6.80
N GLN C 97 3.25 28.13 -7.27
CA GLN C 97 4.47 28.84 -6.85
C GLN C 97 4.49 30.27 -7.39
N THR C 98 4.05 30.43 -8.65
CA THR C 98 3.92 31.74 -9.28
C THR C 98 2.98 32.65 -8.48
N ALA C 99 1.85 32.09 -8.07
CA ALA C 99 0.84 32.82 -7.29
C ALA C 99 1.36 33.26 -5.94
N ALA C 100 2.09 32.37 -5.27
CA ALA C 100 2.68 32.65 -3.96
C ALA C 100 3.68 33.81 -4.02
N VAL C 101 4.55 33.77 -5.02
CA VAL C 101 5.55 34.84 -5.26
C VAL C 101 4.85 36.16 -5.57
N ALA C 102 3.81 36.10 -6.39
CA ALA C 102 3.00 37.28 -6.72
C ALA C 102 2.37 37.88 -5.46
N ALA C 103 1.77 37.03 -4.63
CA ALA C 103 1.16 37.45 -3.38
C ALA C 103 2.19 38.09 -2.44
N LYS C 104 3.36 37.45 -2.33
CA LYS C 104 4.46 37.90 -1.48
C LYS C 104 4.97 39.29 -1.90
N LEU C 105 5.10 39.51 -3.20
CA LEU C 105 5.65 40.77 -3.71
C LEU C 105 4.58 41.84 -3.98
N GLY C 106 3.32 41.48 -3.76
CA GLY C 106 2.21 42.42 -3.93
C GLY C 106 1.68 42.50 -5.35
N LEU C 107 2.16 41.60 -6.21
CA LEU C 107 1.77 41.56 -7.62
C LEU C 107 0.48 40.76 -7.80
N HIS C 108 -0.35 41.19 -8.75
CA HIS C 108 -1.54 40.43 -9.15
C HIS C 108 -1.15 39.19 -9.90
N CYS C 109 -2.02 38.19 -9.91
CA CYS C 109 -1.75 36.93 -10.59
C CYS C 109 -2.98 36.40 -11.33
N VAL C 110 -2.82 36.19 -12.63
CA VAL C 110 -3.87 35.60 -13.45
C VAL C 110 -3.37 34.25 -13.96
N ALA C 111 -4.17 33.21 -13.74
CA ALA C 111 -3.79 31.86 -14.15
C ALA C 111 -4.73 31.30 -15.20
N LEU C 112 -4.15 30.79 -16.29
CA LEU C 112 -4.90 30.08 -17.31
C LEU C 112 -4.73 28.59 -17.08
N LEU C 113 -5.82 27.92 -16.74
CA LEU C 113 -5.78 26.52 -16.35
C LEU C 113 -6.59 25.63 -17.30
N GLU C 114 -6.17 24.38 -17.41
CA GLU C 114 -6.86 23.37 -18.21
C GLU C 114 -7.04 22.09 -17.40
N ASN C 115 -8.03 21.28 -17.79
CA ASN C 115 -8.19 19.95 -17.23
C ASN C 115 -7.57 18.93 -18.18
N PRO C 116 -6.31 18.54 -17.92
CA PRO C 116 -5.55 17.69 -18.85
C PRO C 116 -5.98 16.23 -18.87
N ILE C 117 -6.85 15.84 -17.95
CA ILE C 117 -7.24 14.43 -17.79
C ILE C 117 -8.76 14.20 -17.79
N GLY C 118 -9.52 15.27 -17.99
CA GLY C 118 -10.98 15.20 -18.06
C GLY C 118 -11.63 14.49 -16.89
N THR C 119 -11.18 14.82 -15.68
CA THR C 119 -11.71 14.21 -14.45
C THR C 119 -12.76 15.10 -13.80
N THR C 120 -13.69 14.49 -13.06
CA THR C 120 -14.71 15.22 -12.31
C THR C 120 -14.55 15.03 -10.80
N ALA C 121 -13.42 14.45 -10.39
CA ALA C 121 -13.12 14.23 -8.98
C ALA C 121 -12.95 15.56 -8.25
N GLU C 122 -13.76 15.75 -7.21
CA GLU C 122 -13.81 17.01 -6.46
C GLU C 122 -12.43 17.52 -6.02
N ASN C 123 -11.61 16.62 -5.49
CA ASN C 123 -10.29 16.98 -4.97
C ASN C 123 -9.29 17.46 -6.02
N TYR C 124 -9.32 16.89 -7.22
CA TYR C 124 -8.51 17.40 -8.32
C TYR C 124 -8.99 18.78 -8.76
N LEU C 125 -10.32 18.96 -8.80
CA LEU C 125 -10.91 20.21 -9.26
C LEU C 125 -10.80 21.35 -8.25
N THR C 126 -10.82 21.01 -6.96
CA THR C 126 -10.93 22.03 -5.91
C THR C 126 -9.79 22.04 -4.88
N ASN C 127 -9.28 20.87 -4.52
CA ASN C 127 -8.26 20.74 -3.48
C ASN C 127 -6.83 20.87 -4.03
N GLY C 128 -5.83 20.58 -3.18
CA GLY C 128 -4.42 20.62 -3.56
C GLY C 128 -3.91 22.01 -3.95
N ASN C 129 -3.20 22.07 -5.07
CA ASN C 129 -2.65 23.31 -5.58
C ASN C 129 -3.72 24.33 -5.96
N ARG C 130 -4.87 23.83 -6.39
CA ARG C 130 -6.01 24.68 -6.77
C ARG C 130 -6.61 25.40 -5.57
N LEU C 131 -6.59 24.74 -4.41
CA LEU C 131 -7.07 25.36 -3.17
C LEU C 131 -6.17 26.52 -2.74
N LEU C 132 -4.86 26.29 -2.80
CA LEU C 132 -3.87 27.32 -2.46
C LEU C 132 -4.01 28.55 -3.37
N LEU C 133 -4.39 28.32 -4.62
CA LEU C 133 -4.65 29.39 -5.58
C LEU C 133 -5.76 30.33 -5.09
N ASP C 134 -6.84 29.76 -4.54
CA ASP C 134 -7.93 30.56 -3.96
C ASP C 134 -7.47 31.35 -2.74
N LEU C 135 -6.57 30.75 -1.97
CA LEU C 135 -6.00 31.42 -0.81
C LEU C 135 -5.08 32.56 -1.24
N PHE C 136 -4.33 32.34 -2.32
CA PHE C 136 -3.45 33.38 -2.87
C PHE C 136 -4.22 34.44 -3.67
N ASN C 137 -5.55 34.32 -3.70
CA ASN C 137 -6.43 35.21 -4.47
C ASN C 137 -6.05 35.36 -5.95
N THR C 138 -5.82 34.21 -6.59
CA THR C 138 -5.42 34.16 -7.98
C THR C 138 -6.66 34.24 -8.87
N GLN C 139 -6.64 35.18 -9.81
CA GLN C 139 -7.72 35.28 -10.79
C GLN C 139 -7.63 34.07 -11.72
N ILE C 140 -8.65 33.22 -11.66
CA ILE C 140 -8.66 31.94 -12.38
C ILE C 140 -9.35 32.06 -13.73
N GLU C 141 -8.67 31.60 -14.77
CA GLU C 141 -9.21 31.57 -16.13
C GLU C 141 -9.16 30.15 -16.68
N MET C 142 -10.32 29.60 -17.02
CA MET C 142 -10.42 28.23 -17.50
C MET C 142 -10.50 28.15 -19.02
N CYS C 143 -9.77 27.19 -19.59
CA CYS C 143 -9.83 26.91 -21.02
C CYS C 143 -9.94 25.40 -21.25
N ASP C 144 -10.43 25.02 -22.43
CA ASP C 144 -10.56 23.61 -22.78
C ASP C 144 -9.21 22.90 -22.85
N ALA C 145 -8.32 23.41 -23.68
CA ALA C 145 -7.00 22.81 -23.88
C ALA C 145 -5.92 23.85 -24.12
N LEU C 146 -4.69 23.51 -23.73
CA LEU C 146 -3.53 24.35 -24.00
C LEU C 146 -2.84 23.89 -25.30
N THR C 147 -3.55 24.07 -26.41
CA THR C 147 -3.06 23.68 -27.73
C THR C 147 -1.97 24.64 -28.23
N ASP C 148 -2.08 25.91 -27.83
CA ASP C 148 -1.10 26.93 -28.15
C ASP C 148 -0.98 27.88 -26.98
N PRO C 149 -0.10 27.56 -26.01
CA PRO C 149 0.03 28.31 -24.75
C PRO C 149 0.51 29.76 -24.92
N ASP C 150 1.54 29.97 -25.73
CA ASP C 150 2.10 31.29 -25.98
C ASP C 150 1.06 32.29 -26.47
N ALA C 151 0.24 31.84 -27.43
CA ALA C 151 -0.80 32.68 -28.02
C ALA C 151 -1.98 32.91 -27.07
N GLN C 152 -2.32 31.88 -26.30
CA GLN C 152 -3.39 31.97 -25.31
C GLN C 152 -3.02 32.87 -24.14
N LEU C 153 -1.74 32.82 -23.75
CA LEU C 153 -1.20 33.71 -22.72
C LEU C 153 -1.16 35.15 -23.22
N GLN C 154 -0.77 35.30 -24.49
CA GLN C 154 -0.67 36.61 -25.14
C GLN C 154 -2.02 37.34 -25.19
N THR C 155 -3.08 36.61 -25.54
CA THR C 155 -4.42 37.19 -25.61
C THR C 155 -4.91 37.60 -24.24
N LEU C 156 -4.62 36.76 -23.25
CA LEU C 156 -4.95 37.05 -21.86
C LEU C 156 -4.18 38.27 -21.39
N ALA C 157 -2.90 38.34 -21.72
CA ALA C 157 -2.04 39.48 -21.40
C ALA C 157 -2.52 40.79 -22.05
N THR C 158 -3.12 40.67 -23.24
CA THR C 158 -3.71 41.82 -23.93
C THR C 158 -5.02 42.23 -23.26
N ARG C 159 -5.87 41.26 -22.95
CA ARG C 159 -7.14 41.51 -22.28
C ARG C 159 -6.94 42.11 -20.88
N ILE C 160 -5.95 41.62 -20.15
CA ILE C 160 -5.66 42.09 -18.80
C ILE C 160 -5.08 43.51 -18.83
N GLU C 161 -4.18 43.79 -19.76
CA GLU C 161 -3.59 45.13 -19.89
C GLU C 161 -4.58 46.15 -20.46
N ALA C 162 -5.63 45.65 -21.10
CA ALA C 162 -6.73 46.49 -21.57
C ALA C 162 -7.60 46.93 -20.39
N GLN C 163 -7.45 46.24 -19.26
CA GLN C 163 -8.17 46.58 -18.03
C GLN C 163 -7.37 47.54 -17.14
N GLY C 164 -6.14 47.84 -17.55
CA GLY C 164 -5.29 48.83 -16.87
C GLY C 164 -4.14 48.27 -16.06
N PHE C 165 -3.63 47.10 -16.46
CA PHE C 165 -2.54 46.43 -15.73
C PHE C 165 -1.25 46.36 -16.54
N ARG C 166 -0.13 46.15 -15.83
CA ARG C 166 1.15 45.84 -16.45
C ARG C 166 1.44 44.35 -16.30
N PRO C 167 1.07 43.54 -17.31
CA PRO C 167 1.26 42.11 -17.19
C PRO C 167 2.64 41.63 -17.65
N TYR C 168 3.08 40.52 -17.07
CA TYR C 168 4.32 39.85 -17.49
C TYR C 168 4.05 38.37 -17.67
N VAL C 169 4.25 37.88 -18.89
CA VAL C 169 3.98 36.48 -19.22
C VAL C 169 5.15 35.59 -18.81
N ILE C 170 4.82 34.51 -18.12
CA ILE C 170 5.79 33.46 -17.79
C ILE C 170 5.37 32.17 -18.50
N PRO C 171 6.28 31.61 -19.33
CA PRO C 171 6.00 30.40 -20.10
C PRO C 171 5.64 29.20 -19.22
N VAL C 172 5.00 28.20 -19.81
CA VAL C 172 4.58 26.99 -19.10
C VAL C 172 5.77 26.37 -18.36
N GLY C 173 5.65 26.32 -17.03
CA GLY C 173 6.72 25.81 -16.19
C GLY C 173 7.93 26.75 -16.05
N GLY C 174 7.79 27.97 -16.56
CA GLY C 174 8.89 28.95 -16.57
C GLY C 174 10.11 28.45 -17.30
N SER C 175 9.89 27.73 -18.39
CA SER C 175 10.95 27.04 -19.12
C SER C 175 11.43 27.83 -20.34
N SER C 176 11.83 29.07 -20.11
CA SER C 176 12.51 29.89 -21.10
C SER C 176 14.00 29.88 -20.80
N ALA C 177 14.81 30.46 -21.69
CA ALA C 177 16.26 30.53 -21.51
C ALA C 177 16.64 31.22 -20.20
N LEU C 178 15.93 32.29 -19.87
CA LEU C 178 16.13 33.04 -18.62
C LEU C 178 15.65 32.25 -17.40
N GLY C 179 14.49 31.60 -17.55
CA GLY C 179 13.93 30.76 -16.49
C GLY C 179 14.87 29.65 -16.06
N ALA C 180 15.48 28.99 -17.04
CA ALA C 180 16.37 27.85 -16.80
C ALA C 180 17.68 28.22 -16.09
N MET C 181 17.98 29.53 -16.04
CA MET C 181 19.20 30.02 -15.38
C MET C 181 19.24 29.69 -13.89
N GLY C 182 18.06 29.52 -13.30
CA GLY C 182 17.93 29.12 -11.91
C GLY C 182 18.50 27.75 -11.62
N TYR C 183 18.47 26.87 -12.62
CA TYR C 183 19.03 25.53 -12.48
C TYR C 183 20.44 25.35 -13.04
N VAL C 184 20.89 26.31 -13.84
CA VAL C 184 22.31 26.41 -14.20
C VAL C 184 23.11 26.73 -12.94
N GLU C 185 22.59 27.68 -12.16
CA GLU C 185 23.19 28.09 -10.88
C GLU C 185 23.17 26.92 -9.88
N SER C 186 22.11 26.13 -9.94
CA SER C 186 21.92 24.97 -9.07
C SER C 186 23.01 23.90 -9.23
N ALA C 187 23.60 23.84 -10.42
CA ALA C 187 24.70 22.92 -10.71
C ALA C 187 25.92 23.19 -9.82
N LEU C 188 26.20 24.47 -9.59
CA LEU C 188 27.30 24.88 -8.72
C LEU C 188 27.08 24.43 -7.27
N GLU C 189 25.84 24.52 -6.81
CA GLU C 189 25.45 24.03 -5.48
C GLU C 189 25.75 22.54 -5.33
N ILE C 190 25.34 21.76 -6.33
CA ILE C 190 25.57 20.32 -6.36
C ILE C 190 27.06 20.01 -6.37
N ALA C 191 27.81 20.73 -7.21
CA ALA C 191 29.27 20.59 -7.28
C ALA C 191 29.95 20.87 -5.93
N GLN C 192 29.49 21.91 -5.24
CA GLN C 192 30.06 22.31 -3.95
C GLN C 192 29.75 21.33 -2.81
N GLN C 193 28.59 20.69 -2.89
CA GLN C 193 28.17 19.74 -1.85
C GLN C 193 28.71 18.32 -2.07
N CYS C 194 28.90 17.95 -3.33
CA CYS C 194 29.42 16.62 -3.68
C CYS C 194 30.93 16.50 -3.46
N GLU C 195 31.64 17.60 -3.71
CA GLU C 195 33.09 17.66 -3.53
C GLU C 195 33.47 17.30 -2.10
N GLU C 196 34.51 16.48 -1.97
CA GLU C 196 35.01 15.98 -0.68
C GLU C 196 33.93 15.24 0.13
N VAL C 197 32.95 14.70 -0.58
CA VAL C 197 31.87 13.92 0.02
C VAL C 197 31.60 12.67 -0.82
N VAL C 198 31.26 12.86 -2.09
CA VAL C 198 30.90 11.75 -2.99
C VAL C 198 31.22 12.06 -4.46
N GLY C 199 31.85 11.10 -5.13
CA GLY C 199 32.10 11.17 -6.56
C GLY C 199 30.92 10.61 -7.33
N LEU C 200 30.17 11.50 -7.97
CA LEU C 200 28.94 11.14 -8.68
C LEU C 200 29.17 10.30 -9.93
N SER C 201 28.11 9.62 -10.36
CA SER C 201 28.12 8.84 -11.58
C SER C 201 26.94 9.22 -12.47
N SER C 202 25.76 9.40 -11.85
CA SER C 202 24.53 9.72 -12.58
C SER C 202 23.64 10.72 -11.83
N VAL C 203 22.87 11.49 -12.59
CA VAL C 203 21.88 12.41 -12.02
C VAL C 203 20.53 12.24 -12.72
N VAL C 204 19.50 11.95 -11.93
CA VAL C 204 18.15 11.72 -12.46
C VAL C 204 17.22 12.88 -12.11
N VAL C 205 16.62 13.47 -13.13
CA VAL C 205 15.65 14.55 -12.96
C VAL C 205 14.43 14.31 -13.86
N ALA C 206 13.27 14.81 -13.44
CA ALA C 206 12.06 14.76 -14.26
C ALA C 206 12.20 15.76 -15.41
N SER C 207 11.63 15.40 -16.56
CA SER C 207 11.70 16.23 -17.76
C SER C 207 10.30 16.57 -18.29
N GLY C 208 9.77 17.70 -17.83
CA GLY C 208 8.46 18.18 -18.27
C GLY C 208 8.59 19.16 -19.42
N SER C 209 8.46 20.44 -19.12
CA SER C 209 8.67 21.50 -20.11
C SER C 209 10.16 21.75 -20.37
N ALA C 210 11.00 20.86 -19.84
CA ALA C 210 12.45 20.79 -20.12
C ALA C 210 13.32 21.87 -19.48
N GLY C 211 12.68 22.86 -18.85
CA GLY C 211 13.40 23.98 -18.21
C GLY C 211 14.43 23.57 -17.17
N THR C 212 14.06 22.62 -16.31
CA THR C 212 14.97 22.09 -15.30
C THR C 212 16.07 21.26 -15.96
N HIS C 213 15.67 20.47 -16.97
CA HIS C 213 16.57 19.57 -17.68
C HIS C 213 17.70 20.31 -18.36
N ALA C 214 17.35 21.30 -19.18
CA ALA C 214 18.32 22.06 -19.95
C ALA C 214 19.32 22.78 -19.05
N GLY C 215 18.81 23.45 -18.02
CA GLY C 215 19.63 24.19 -17.07
C GLY C 215 20.73 23.36 -16.46
N LEU C 216 20.37 22.15 -16.02
CA LEU C 216 21.30 21.23 -15.38
C LEU C 216 22.30 20.62 -16.36
N ALA C 217 21.91 20.55 -17.64
CA ALA C 217 22.77 19.99 -18.68
C ALA C 217 23.95 20.91 -18.97
N VAL C 218 23.68 22.21 -19.12
CA VAL C 218 24.70 23.22 -19.36
C VAL C 218 25.65 23.33 -18.16
N GLY C 219 25.07 23.40 -16.96
CA GLY C 219 25.83 23.56 -15.73
C GLY C 219 26.74 22.39 -15.42
N LEU C 220 26.19 21.18 -15.47
CA LEU C 220 26.96 19.97 -15.16
C LEU C 220 27.94 19.57 -16.26
N GLU C 221 27.74 20.11 -17.46
CA GLU C 221 28.68 19.93 -18.57
C GLU C 221 30.05 20.52 -18.24
N HIS C 222 30.03 21.71 -17.63
CA HIS C 222 31.25 22.42 -17.22
C HIS C 222 31.72 22.07 -15.83
N LEU C 223 30.78 21.83 -14.93
CA LEU C 223 31.10 21.63 -13.51
C LEU C 223 31.41 20.19 -13.11
N MET C 224 30.88 19.23 -13.86
CA MET C 224 31.11 17.80 -13.58
C MET C 224 31.35 16.97 -14.85
N PRO C 225 32.57 16.42 -14.99
CA PRO C 225 33.02 15.80 -16.24
C PRO C 225 32.43 14.40 -16.51
N ASP C 226 32.56 13.50 -15.53
CA ASP C 226 32.15 12.11 -15.69
C ASP C 226 30.79 11.83 -15.03
N VAL C 227 29.82 12.69 -15.31
CA VAL C 227 28.47 12.56 -14.76
C VAL C 227 27.44 12.52 -15.88
N GLU C 228 26.67 11.44 -15.93
CA GLU C 228 25.62 11.25 -16.93
C GLU C 228 24.29 11.79 -16.41
N LEU C 229 23.74 12.77 -17.11
CA LEU C 229 22.45 13.34 -16.76
C LEU C 229 21.33 12.61 -17.49
N ILE C 230 20.41 12.04 -16.70
CA ILE C 230 19.26 11.33 -17.24
C ILE C 230 17.98 12.13 -16.98
N GLY C 231 17.12 12.20 -17.99
CA GLY C 231 15.85 12.89 -17.87
C GLY C 231 14.67 11.98 -18.10
N VAL C 232 13.97 11.62 -17.02
CA VAL C 232 12.75 10.82 -17.11
C VAL C 232 11.58 11.72 -17.49
N THR C 233 11.01 11.49 -18.67
CA THR C 233 9.92 12.33 -19.17
C THR C 233 8.62 12.07 -18.42
N VAL C 234 7.77 13.09 -18.35
CA VAL C 234 6.50 13.01 -17.64
C VAL C 234 5.30 13.27 -18.56
N SER C 235 5.58 13.78 -19.76
CA SER C 235 4.52 14.22 -20.67
C SER C 235 4.68 13.68 -22.11
N ARG C 236 5.92 13.63 -22.59
CA ARG C 236 6.20 13.32 -23.99
C ARG C 236 7.17 12.16 -24.17
N SER C 237 7.20 11.61 -25.39
CA SER C 237 8.19 10.59 -25.77
C SER C 237 9.51 11.27 -26.14
N VAL C 238 10.57 10.46 -26.30
CA VAL C 238 11.88 10.96 -26.72
C VAL C 238 11.81 11.76 -28.03
N ALA C 239 10.99 11.27 -28.96
CA ALA C 239 10.82 11.91 -30.28
C ALA C 239 10.34 13.37 -30.19
N GLU C 240 9.54 13.67 -29.17
CA GLU C 240 9.01 15.03 -28.98
C GLU C 240 9.76 15.83 -27.91
N GLN C 241 10.56 15.14 -27.09
CA GLN C 241 11.28 15.77 -25.98
C GLN C 241 12.68 16.24 -26.38
N LYS C 242 13.36 15.46 -27.23
CA LYS C 242 14.69 15.81 -27.73
C LYS C 242 14.78 17.19 -28.37
N PRO C 243 13.83 17.56 -29.26
CA PRO C 243 13.87 18.91 -29.85
C PRO C 243 13.90 20.02 -28.80
N LYS C 244 13.09 19.86 -27.75
CA LYS C 244 12.93 20.90 -26.72
C LYS C 244 14.14 21.03 -25.79
N VAL C 245 14.67 19.90 -25.33
CA VAL C 245 15.80 19.90 -24.41
C VAL C 245 17.09 20.39 -25.08
N ILE C 246 17.29 20.02 -26.35
CA ILE C 246 18.46 20.47 -27.12
C ILE C 246 18.36 21.98 -27.43
N ALA C 247 17.19 22.40 -27.91
CA ALA C 247 16.95 23.81 -28.23
C ALA C 247 17.34 24.75 -27.09
N LEU C 248 16.81 24.50 -25.90
CA LEU C 248 17.10 25.32 -24.72
C LEU C 248 18.53 25.16 -24.22
N GLN C 249 19.11 23.98 -24.41
CA GLN C 249 20.51 23.73 -24.07
C GLN C 249 21.46 24.65 -24.84
N GLN C 250 21.11 24.93 -26.09
CA GLN C 250 21.93 25.76 -26.96
C GLN C 250 21.59 27.25 -26.87
N ALA C 251 20.40 27.56 -26.35
CA ALA C 251 20.01 28.93 -26.06
C ALA C 251 20.76 29.46 -24.83
N ILE C 252 20.80 28.65 -23.78
CA ILE C 252 21.55 28.96 -22.55
C ILE C 252 23.05 29.08 -22.81
N ALA C 253 23.58 28.14 -23.60
CA ALA C 253 25.00 28.14 -23.99
C ALA C 253 25.40 29.42 -24.72
N GLY C 254 24.54 29.89 -25.62
CA GLY C 254 24.76 31.15 -26.32
C GLY C 254 24.66 32.35 -25.40
N GLN C 255 23.66 32.33 -24.52
CA GLN C 255 23.44 33.38 -23.52
C GLN C 255 24.63 33.52 -22.58
N LEU C 256 25.18 32.40 -22.14
CA LEU C 256 26.30 32.39 -21.20
C LEU C 256 27.67 32.35 -21.88
N ALA C 257 27.68 32.37 -23.21
CA ALA C 257 28.89 32.22 -24.02
C ALA C 257 29.66 30.94 -23.63
N LEU C 258 28.91 29.84 -23.59
CA LEU C 258 29.45 28.51 -23.24
C LEU C 258 29.26 27.53 -24.39
N ALA C 262 27.72 18.32 -24.92
CA ALA C 262 27.36 17.00 -24.41
C ALA C 262 25.93 16.61 -24.82
N ASP C 263 25.74 15.33 -25.12
CA ASP C 263 24.48 14.80 -25.63
C ASP C 263 23.40 14.69 -24.55
N ILE C 264 22.14 14.79 -24.98
CA ILE C 264 20.99 14.65 -24.08
C ILE C 264 20.57 13.18 -23.94
N HIS C 265 20.29 12.77 -22.71
CA HIS C 265 19.79 11.42 -22.43
C HIS C 265 18.40 11.46 -21.88
N LEU C 266 17.49 10.70 -22.48
CA LEU C 266 16.08 10.74 -22.13
C LEU C 266 15.41 9.36 -22.09
N TRP C 267 14.63 9.11 -21.03
CA TRP C 267 13.85 7.88 -20.90
C TRP C 267 12.39 8.20 -20.83
N ASP C 268 11.59 7.49 -21.63
CA ASP C 268 10.16 7.82 -21.79
C ASP C 268 9.19 6.67 -21.44
N ASP C 269 9.71 5.66 -20.76
CA ASP C 269 8.92 4.47 -20.40
C ASP C 269 7.97 4.70 -19.23
N TYR C 270 8.23 5.74 -18.44
CA TYR C 270 7.71 5.82 -17.07
C TYR C 270 6.56 6.80 -16.82
N PHE C 271 6.07 7.44 -17.88
CA PHE C 271 4.77 8.09 -17.84
C PHE C 271 3.81 7.18 -18.61
N ALA C 272 2.87 6.57 -17.91
CA ALA C 272 2.09 5.48 -18.48
C ALA C 272 1.04 5.96 -19.50
N PRO C 273 -0.10 6.53 -19.04
CA PRO C 273 -1.09 6.96 -20.02
C PRO C 273 -0.84 8.38 -20.51
N GLY C 274 0.09 9.09 -19.86
CA GLY C 274 0.40 10.46 -20.21
C GLY C 274 0.68 11.34 -19.01
N TYR C 275 0.65 12.65 -19.25
CA TYR C 275 0.88 13.66 -18.22
C TYR C 275 -0.32 13.77 -17.27
N GLY C 276 -0.02 13.89 -15.98
CA GLY C 276 -1.04 14.14 -14.97
C GLY C 276 -1.93 12.95 -14.63
N VAL C 277 -1.47 11.74 -14.94
CA VAL C 277 -2.16 10.51 -14.56
C VAL C 277 -1.20 9.62 -13.79
N PRO C 278 -1.61 9.14 -12.60
CA PRO C 278 -0.75 8.24 -11.84
C PRO C 278 -0.67 6.84 -12.46
N ASN C 279 0.49 6.22 -12.33
CA ASN C 279 0.67 4.82 -12.71
C ASN C 279 1.20 4.02 -11.54
N ASP C 280 1.15 2.69 -11.64
CA ASP C 280 1.56 1.82 -10.54
C ASP C 280 3.02 1.98 -10.14
N ALA C 281 3.90 2.06 -11.13
CA ALA C 281 5.34 2.25 -10.88
C ALA C 281 5.64 3.58 -10.17
N GLY C 282 4.90 4.62 -10.51
CA GLY C 282 5.05 5.94 -9.89
C GLY C 282 4.56 6.00 -8.46
N MET C 283 3.37 5.47 -8.21
CA MET C 283 2.77 5.48 -6.87
C MET C 283 3.48 4.53 -5.90
N GLU C 284 4.07 3.46 -6.44
CA GLU C 284 4.86 2.54 -5.64
C GLU C 284 6.21 3.15 -5.29
N ALA C 285 6.70 4.04 -6.15
CA ALA C 285 7.90 4.81 -5.88
C ALA C 285 7.63 5.82 -4.79
N VAL C 286 6.49 6.49 -4.89
CA VAL C 286 5.99 7.40 -3.85
C VAL C 286 5.89 6.69 -2.51
N LYS C 287 5.34 5.47 -2.52
CA LYS C 287 5.21 4.67 -1.30
C LYS C 287 6.57 4.20 -0.78
N LEU C 288 7.49 3.93 -1.70
CA LEU C 288 8.82 3.41 -1.34
C LEU C 288 9.64 4.41 -0.56
N LEU C 289 9.67 5.66 -1.02
CA LEU C 289 10.46 6.71 -0.38
C LEU C 289 9.79 7.33 0.85
N ALA C 290 8.49 7.13 0.99
CA ALA C 290 7.77 7.57 2.17
C ALA C 290 7.98 6.60 3.33
N SER C 291 7.96 5.31 3.03
CA SER C 291 8.10 4.27 4.05
C SER C 291 9.56 4.04 4.47
N LEU C 292 10.50 4.26 3.55
CA LEU C 292 11.92 4.04 3.82
C LEU C 292 12.67 5.30 4.26
N GLU C 293 12.27 6.46 3.74
CA GLU C 293 13.00 7.70 3.95
C GLU C 293 12.20 8.81 4.62
N GLY C 294 10.86 8.70 4.59
CA GLY C 294 10.00 9.74 5.12
C GLY C 294 9.93 10.97 4.22
N VAL C 295 10.41 10.82 2.99
CA VAL C 295 10.39 11.87 1.98
C VAL C 295 9.11 11.72 1.14
N LEU C 296 8.51 12.85 0.78
CA LEU C 296 7.25 12.85 0.03
C LEU C 296 7.43 13.27 -1.43
N LEU C 297 7.09 12.35 -2.33
CA LEU C 297 7.13 12.59 -3.76
C LEU C 297 5.73 12.92 -4.27
N ASP C 298 5.56 13.00 -5.60
CA ASP C 298 4.26 13.31 -6.18
C ASP C 298 3.88 12.37 -7.33
N PRO C 299 2.56 12.15 -7.53
CA PRO C 299 2.04 11.24 -8.56
C PRO C 299 2.45 11.63 -9.98
N VAL C 300 2.61 12.92 -10.23
CA VAL C 300 2.73 13.45 -11.59
C VAL C 300 4.18 13.53 -12.09
N TYR C 301 5.07 14.02 -11.24
CA TYR C 301 6.44 14.31 -11.65
C TYR C 301 7.49 13.40 -11.01
N THR C 302 7.77 13.64 -9.74
CA THR C 302 8.86 12.97 -9.03
C THR C 302 8.67 11.47 -8.85
N GLY C 303 7.41 11.04 -8.68
CA GLY C 303 7.09 9.62 -8.53
C GLY C 303 7.44 8.80 -9.75
N LYS C 304 7.01 9.29 -10.92
CA LYS C 304 7.36 8.68 -12.19
C LYS C 304 8.86 8.78 -12.47
N ALA C 305 9.44 9.93 -12.13
CA ALA C 305 10.88 10.16 -12.30
C ALA C 305 11.71 9.19 -11.46
N MET C 306 11.21 8.89 -10.26
CA MET C 306 11.86 7.93 -9.38
C MET C 306 11.70 6.50 -9.90
N ALA C 307 10.53 6.21 -10.46
CA ALA C 307 10.25 4.90 -11.04
C ALA C 307 11.31 4.52 -12.07
N GLY C 308 11.78 5.52 -12.82
CA GLY C 308 12.85 5.34 -13.80
C GLY C 308 14.20 5.04 -13.17
N LEU C 309 14.49 5.71 -12.05
CA LEU C 309 15.72 5.50 -11.30
C LEU C 309 15.81 4.06 -10.80
N ILE C 310 14.72 3.57 -10.23
CA ILE C 310 14.63 2.20 -9.72
C ILE C 310 14.78 1.19 -10.86
N ASP C 311 14.11 1.46 -11.98
CA ASP C 311 14.17 0.59 -13.15
C ASP C 311 15.51 0.68 -13.88
N GLY C 312 16.17 1.83 -13.77
CA GLY C 312 17.48 2.06 -14.37
C GLY C 312 18.57 1.19 -13.74
N ILE C 313 18.49 1.01 -12.44
CA ILE C 313 19.39 0.11 -11.71
C ILE C 313 19.03 -1.34 -12.05
N SER C 314 17.72 -1.58 -12.18
CA SER C 314 17.17 -2.89 -12.45
C SER C 314 17.60 -3.42 -13.83
N GLN C 315 17.46 -2.58 -14.85
CA GLN C 315 17.84 -2.93 -16.22
C GLN C 315 19.31 -2.62 -16.51
N LYS C 316 20.03 -2.15 -15.50
CA LYS C 316 21.43 -1.67 -15.64
C LYS C 316 21.59 -0.70 -16.81
N ARG C 317 20.67 0.26 -16.89
CA ARG C 317 20.57 1.22 -17.98
C ARG C 317 21.57 2.36 -17.84
N PHE C 318 22.07 2.55 -16.61
CA PHE C 318 23.14 3.52 -16.34
C PHE C 318 24.48 2.96 -16.80
N ASN C 319 25.37 3.84 -17.24
CA ASN C 319 26.67 3.45 -17.79
C ASN C 319 27.56 2.64 -16.83
N ASP C 320 27.51 2.96 -15.54
CA ASP C 320 28.20 2.19 -14.51
C ASP C 320 27.50 2.22 -13.14
N ASP C 321 27.94 1.36 -12.23
CA ASP C 321 27.25 1.11 -10.95
C ASP C 321 27.61 2.07 -9.81
N GLY C 322 27.93 3.32 -10.15
CA GLY C 322 28.31 4.31 -9.15
C GLY C 322 27.12 5.06 -8.56
N PRO C 323 27.39 5.96 -7.59
CA PRO C 323 26.38 6.77 -6.90
C PRO C 323 25.50 7.60 -7.85
N ILE C 324 24.20 7.58 -7.61
CA ILE C 324 23.23 8.33 -8.41
C ILE C 324 22.56 9.41 -7.57
N LEU C 325 22.32 10.57 -8.17
CA LEU C 325 21.68 11.70 -7.49
C LEU C 325 20.30 11.99 -8.07
N PHE C 326 19.30 12.12 -7.20
CA PHE C 326 17.93 12.41 -7.62
C PHE C 326 17.54 13.85 -7.27
N ILE C 327 17.16 14.61 -8.30
CA ILE C 327 16.71 15.99 -8.13
C ILE C 327 15.23 15.99 -7.78
N HIS C 328 14.93 16.16 -6.49
CA HIS C 328 13.55 16.27 -6.02
C HIS C 328 13.01 17.63 -6.33
N THR C 329 12.13 17.69 -7.33
CA THR C 329 11.62 18.95 -7.84
C THR C 329 10.32 19.42 -7.16
N GLY C 330 9.85 18.66 -6.19
CA GLY C 330 8.68 19.02 -5.40
C GLY C 330 7.43 18.25 -5.78
N GLY C 331 6.28 18.93 -5.70
CA GLY C 331 5.01 18.38 -6.16
C GLY C 331 4.11 17.72 -5.12
N ALA C 332 4.63 17.52 -3.91
CA ALA C 332 3.90 16.80 -2.85
C ALA C 332 2.48 17.28 -2.54
N PRO C 333 2.17 18.59 -2.71
CA PRO C 333 0.77 19.03 -2.55
C PRO C 333 -0.23 18.37 -3.50
N ALA C 334 0.25 17.81 -4.61
CA ALA C 334 -0.62 17.12 -5.58
C ALA C 334 -1.25 15.86 -4.99
N LEU C 335 -0.51 15.20 -4.09
CA LEU C 335 -0.99 14.00 -3.38
C LEU C 335 -2.39 14.18 -2.77
N PHE C 336 -2.65 15.38 -2.28
CA PHE C 336 -3.91 15.69 -1.60
C PHE C 336 -5.07 15.93 -2.58
N ALA C 337 -4.74 16.24 -3.82
CA ALA C 337 -5.74 16.46 -4.86
C ALA C 337 -6.04 15.18 -5.64
N TYR C 338 -5.06 14.27 -5.70
CA TYR C 338 -5.21 13.01 -6.42
C TYR C 338 -5.86 11.92 -5.57
N HIS C 339 -5.94 12.17 -4.26
CA HIS C 339 -6.62 11.26 -3.33
C HIS C 339 -8.11 11.43 -3.42
N PRO C 340 -8.85 10.30 -3.46
CA PRO C 340 -8.35 8.93 -3.45
C PRO C 340 -8.03 8.39 -4.85
N HIS C 341 -8.71 8.92 -5.86
CA HIS C 341 -8.53 8.54 -7.25
C HIS C 341 -8.97 9.66 -8.15
N VAL C 342 -8.54 9.61 -9.41
CA VAL C 342 -8.97 10.58 -10.42
C VAL C 342 -9.73 9.89 -11.55
N MET D 15 26.29 32.43 28.44
CA MET D 15 25.45 31.26 28.06
C MET D 15 24.85 30.57 29.30
N PRO D 16 23.64 31.01 29.71
CA PRO D 16 22.96 30.45 30.88
C PRO D 16 22.27 29.11 30.59
N LEU D 17 22.16 28.76 29.31
CA LEU D 17 21.47 27.54 28.90
C LEU D 17 22.46 26.41 28.54
N HIS D 18 23.67 26.48 29.07
CA HIS D 18 24.73 25.55 28.69
C HIS D 18 24.50 24.11 29.12
N HIS D 19 23.57 23.91 30.05
CA HIS D 19 23.17 22.56 30.47
C HIS D 19 22.37 21.84 29.43
N LEU D 20 21.97 22.56 28.38
CA LEU D 20 21.24 21.99 27.24
C LEU D 20 22.08 20.97 26.49
N THR D 21 23.40 21.02 26.69
CA THR D 21 24.34 20.11 26.05
C THR D 21 24.29 18.68 26.62
N ARG D 22 23.72 18.54 27.82
CA ARG D 22 23.64 17.26 28.52
C ARG D 22 22.73 16.26 27.82
N PHE D 23 21.72 16.77 27.12
CA PHE D 23 20.75 15.92 26.45
C PHE D 23 21.19 15.58 25.02
N PRO D 24 21.29 14.27 24.70
CA PRO D 24 21.65 13.82 23.36
C PRO D 24 20.61 14.25 22.33
N ARG D 25 21.07 14.59 21.12
CA ARG D 25 20.21 15.17 20.09
C ARG D 25 20.56 14.68 18.69
N LEU D 26 19.55 14.27 17.93
CA LEU D 26 19.72 13.93 16.52
C LEU D 26 19.56 15.20 15.68
N GLU D 27 20.38 15.33 14.64
CA GLU D 27 20.40 16.54 13.82
C GLU D 27 19.42 16.46 12.65
N PHE D 28 18.13 16.65 12.95
CA PHE D 28 17.08 16.62 11.93
C PHE D 28 16.97 17.93 11.14
N ILE D 29 17.13 19.06 11.83
CA ILE D 29 16.93 20.38 11.23
C ILE D 29 18.15 20.85 10.42
N GLY D 30 19.33 20.75 11.02
CA GLY D 30 20.55 21.27 10.43
C GLY D 30 20.72 22.74 10.73
N ALA D 31 20.68 23.57 9.69
CA ALA D 31 20.79 25.02 9.84
C ALA D 31 19.56 25.60 10.52
N PRO D 32 19.71 26.74 11.22
CA PRO D 32 18.55 27.42 11.82
C PRO D 32 17.49 27.78 10.78
N THR D 33 16.24 27.76 11.21
CA THR D 33 15.10 28.09 10.34
C THR D 33 15.07 29.60 10.06
N PRO D 34 14.62 29.98 8.84
CA PRO D 34 14.52 31.39 8.45
C PRO D 34 13.74 32.25 9.43
N LEU D 35 14.26 33.44 9.70
CA LEU D 35 13.55 34.48 10.43
C LEU D 35 13.35 35.65 9.49
N GLU D 36 12.10 35.89 9.11
CA GLU D 36 11.78 36.85 8.06
C GLU D 36 10.91 37.99 8.54
N TYR D 37 11.10 39.16 7.94
CA TYR D 37 10.21 40.29 8.10
C TYR D 37 9.04 40.12 7.14
N LEU D 38 7.87 40.62 7.53
CA LEU D 38 6.67 40.54 6.68
C LEU D 38 6.16 41.94 6.36
N PRO D 39 6.65 42.52 5.24
CA PRO D 39 6.41 43.93 4.90
C PRO D 39 4.95 44.27 4.63
N ARG D 40 4.26 43.44 3.86
CA ARG D 40 2.89 43.72 3.44
C ARG D 40 1.90 43.60 4.61
N LEU D 41 2.09 42.57 5.43
CA LEU D 41 1.31 42.39 6.66
C LEU D 41 1.58 43.51 7.65
N SER D 42 2.85 43.91 7.77
CA SER D 42 3.25 45.03 8.62
C SER D 42 2.60 46.33 8.16
N ASP D 43 2.62 46.53 6.84
CA ASP D 43 1.96 47.66 6.19
C ASP D 43 0.46 47.65 6.52
N TYR D 44 -0.17 46.48 6.42
CA TYR D 44 -1.60 46.33 6.69
C TYR D 44 -1.94 46.56 8.17
N LEU D 45 -1.20 45.88 9.06
CA LEU D 45 -1.50 45.90 10.49
C LEU D 45 -1.05 47.19 11.19
N GLY D 46 -0.16 47.94 10.53
CA GLY D 46 0.33 49.21 11.06
C GLY D 46 1.33 49.03 12.18
N ARG D 47 2.16 48.00 12.06
CA ARG D 47 3.04 47.54 13.13
C ARG D 47 4.05 46.55 12.54
N GLU D 48 5.29 46.60 13.02
CA GLU D 48 6.33 45.69 12.54
C GLU D 48 6.07 44.25 12.97
N ILE D 49 6.03 43.35 11.99
CA ILE D 49 5.76 41.93 12.23
C ILE D 49 6.87 41.06 11.65
N TYR D 50 7.40 40.16 12.48
CA TYR D 50 8.40 39.20 12.06
C TYR D 50 7.85 37.78 12.20
N ILE D 51 8.48 36.83 11.52
CA ILE D 51 8.02 35.44 11.54
C ILE D 51 9.19 34.45 11.67
N LYS D 52 9.02 33.46 12.54
CA LYS D 52 9.99 32.38 12.70
C LYS D 52 9.45 31.15 11.97
N ARG D 53 10.12 30.77 10.90
CA ARG D 53 9.58 29.76 9.99
C ARG D 53 9.99 28.33 10.35
N ASP D 54 9.44 27.82 11.45
CA ASP D 54 9.66 26.44 11.84
C ASP D 54 8.74 25.48 11.07
N ASP D 55 7.92 26.06 10.19
CA ASP D 55 7.05 25.29 9.31
C ASP D 55 7.81 24.76 8.09
N VAL D 56 8.99 25.32 7.83
CA VAL D 56 9.80 24.92 6.67
C VAL D 56 10.97 24.00 7.05
N THR D 57 10.76 23.19 8.09
CA THR D 57 11.72 22.16 8.48
C THR D 57 11.70 21.02 7.44
N PRO D 58 12.88 20.39 7.19
CA PRO D 58 13.07 19.54 6.00
C PRO D 58 12.24 18.25 5.93
N ILE D 59 11.93 17.66 7.08
CA ILE D 59 11.32 16.33 7.09
C ILE D 59 9.79 16.37 6.97
N ALA D 60 9.30 15.81 5.87
CA ALA D 60 7.88 15.64 5.58
C ALA D 60 7.00 16.85 5.95
N MET D 61 7.13 17.91 5.16
CA MET D 61 6.30 19.12 5.25
C MET D 61 6.43 19.96 6.53
N GLY D 62 7.30 19.56 7.43
CA GLY D 62 7.75 20.42 8.53
C GLY D 62 6.86 20.52 9.76
N GLY D 63 7.23 21.44 10.66
CA GLY D 63 6.46 21.69 11.88
C GLY D 63 7.28 21.80 13.15
N ASN D 64 6.62 22.27 14.22
CA ASN D 64 7.25 22.45 15.53
C ASN D 64 7.70 21.15 16.21
N LYS D 65 7.09 20.04 15.84
CA LYS D 65 7.33 18.75 16.50
C LYS D 65 8.68 18.12 16.17
N LEU D 66 9.25 18.48 15.01
CA LEU D 66 10.59 18.02 14.62
C LEU D 66 11.65 18.41 15.63
N ARG D 67 11.59 19.64 16.11
CA ARG D 67 12.50 20.13 17.16
C ARG D 67 12.42 19.26 18.41
N LYS D 68 11.19 18.92 18.81
CA LYS D 68 10.95 18.09 20.00
C LYS D 68 11.40 16.64 19.78
N LEU D 69 11.09 16.10 18.61
CA LEU D 69 11.45 14.73 18.26
C LEU D 69 12.96 14.51 18.26
N GLU D 70 13.72 15.57 17.95
CA GLU D 70 15.19 15.51 17.97
C GLU D 70 15.72 15.01 19.29
N PHE D 71 15.06 15.37 20.37
CA PHE D 71 15.43 14.91 21.71
C PHE D 71 14.73 13.60 22.05
N LEU D 72 13.43 13.53 21.76
CA LEU D 72 12.60 12.38 22.12
C LEU D 72 13.05 11.09 21.43
N VAL D 73 13.42 11.19 20.16
CA VAL D 73 13.82 10.02 19.37
C VAL D 73 15.26 9.60 19.71
N ALA D 74 16.13 10.58 19.97
CA ALA D 74 17.48 10.30 20.45
C ALA D 74 17.44 9.49 21.73
N ASP D 75 16.48 9.84 22.61
CA ASP D 75 16.24 9.14 23.86
C ASP D 75 15.80 7.70 23.59
N ALA D 76 14.94 7.52 22.59
CA ALA D 76 14.44 6.20 22.20
C ALA D 76 15.58 5.30 21.71
N LEU D 77 16.46 5.84 20.87
CA LEU D 77 17.59 5.10 20.34
C LEU D 77 18.60 4.69 21.42
N ARG D 78 18.78 5.56 22.42
CA ARG D 78 19.63 5.27 23.57
C ARG D 78 19.06 4.16 24.45
N GLU D 79 17.74 3.95 24.36
CA GLU D 79 17.06 2.88 25.09
C GLU D 79 16.85 1.63 24.24
N GLY D 80 17.31 1.67 22.99
CA GLY D 80 17.24 0.52 22.09
C GLY D 80 15.84 0.18 21.61
N ALA D 81 14.99 1.20 21.51
CA ALA D 81 13.61 1.04 21.10
C ALA D 81 13.51 0.86 19.58
N ASP D 82 12.54 0.04 19.15
CA ASP D 82 12.26 -0.14 17.72
C ASP D 82 10.86 0.32 17.32
N THR D 83 10.13 0.91 18.27
CA THR D 83 8.77 1.38 18.01
C THR D 83 8.46 2.69 18.74
N LEU D 84 8.00 3.69 17.98
CA LEU D 84 7.51 4.94 18.55
C LEU D 84 5.99 4.92 18.60
N ILE D 85 5.45 5.06 19.81
CA ILE D 85 3.99 5.11 20.00
C ILE D 85 3.57 6.50 20.46
N THR D 86 2.61 7.09 19.76
CA THR D 86 2.08 8.41 20.12
C THR D 86 0.61 8.60 19.72
N ALA D 87 0.00 9.68 20.19
CA ALA D 87 -1.42 9.92 20.00
C ALA D 87 -1.75 11.35 19.62
N GLY D 88 -2.93 11.53 19.02
CA GLY D 88 -3.46 12.84 18.68
C GLY D 88 -4.73 12.75 17.87
N ALA D 89 -5.16 13.87 17.31
CA ALA D 89 -6.30 13.90 16.40
C ALA D 89 -5.93 13.17 15.11
N ILE D 90 -6.95 12.80 14.33
CA ILE D 90 -6.75 12.15 13.04
C ILE D 90 -5.82 13.00 12.16
N GLN D 91 -6.02 14.32 12.20
CA GLN D 91 -5.22 15.25 11.41
C GLN D 91 -4.10 15.90 12.24
N SER D 92 -3.65 15.20 13.28
CA SER D 92 -2.57 15.66 14.14
C SER D 92 -1.27 15.86 13.37
N ASN D 93 -0.65 17.03 13.53
CA ASN D 93 0.62 17.32 12.88
C ASN D 93 1.77 16.59 13.56
N HIS D 94 1.61 16.35 14.86
CA HIS D 94 2.59 15.62 15.65
C HIS D 94 2.74 14.18 15.25
N VAL D 95 1.60 13.52 15.05
CA VAL D 95 1.56 12.10 14.67
C VAL D 95 2.20 11.93 13.30
N ARG D 96 1.89 12.84 12.38
CA ARG D 96 2.47 12.85 11.04
C ARG D 96 3.99 13.00 11.07
N GLN D 97 4.48 13.94 11.86
CA GLN D 97 5.93 14.18 11.98
C GLN D 97 6.64 13.03 12.70
N THR D 98 5.98 12.45 13.69
CA THR D 98 6.50 11.30 14.43
C THR D 98 6.68 10.10 13.50
N ALA D 99 5.67 9.83 12.67
CA ALA D 99 5.69 8.70 11.76
C ALA D 99 6.70 8.89 10.63
N ALA D 100 6.93 10.15 10.26
CA ALA D 100 7.92 10.48 9.23
C ALA D 100 9.33 10.20 9.73
N VAL D 101 9.57 10.47 11.00
CA VAL D 101 10.88 10.23 11.63
C VAL D 101 11.13 8.73 11.81
N ALA D 102 10.12 8.01 12.32
CA ALA D 102 10.18 6.56 12.48
C ALA D 102 10.51 5.85 11.16
N ALA D 103 9.85 6.28 10.08
CA ALA D 103 10.11 5.75 8.74
C ALA D 103 11.56 5.99 8.32
N LYS D 104 12.07 7.19 8.61
CA LYS D 104 13.43 7.57 8.24
C LYS D 104 14.50 6.79 9.00
N LEU D 105 14.15 6.27 10.18
CA LEU D 105 15.14 5.60 11.02
C LEU D 105 14.91 4.10 11.17
N GLY D 106 13.96 3.56 10.41
CA GLY D 106 13.67 2.12 10.40
C GLY D 106 12.90 1.65 11.62
N LEU D 107 12.29 2.60 12.34
CA LEU D 107 11.50 2.29 13.53
C LEU D 107 10.03 2.17 13.17
N HIS D 108 9.33 1.28 13.88
CA HIS D 108 7.88 1.15 13.73
C HIS D 108 7.22 2.33 14.38
N CYS D 109 6.02 2.67 13.89
CA CYS D 109 5.21 3.72 14.50
C CYS D 109 3.77 3.25 14.69
N VAL D 110 3.28 3.37 15.92
CA VAL D 110 1.89 3.02 16.24
C VAL D 110 1.17 4.28 16.75
N ALA D 111 0.05 4.61 16.12
CA ALA D 111 -0.66 5.84 16.41
C ALA D 111 -2.07 5.61 16.95
N LEU D 112 -2.35 6.20 18.11
CA LEU D 112 -3.71 6.23 18.64
C LEU D 112 -4.37 7.52 18.20
N LEU D 113 -5.47 7.40 17.45
CA LEU D 113 -6.15 8.56 16.89
C LEU D 113 -7.59 8.71 17.38
N GLU D 114 -8.06 9.95 17.41
CA GLU D 114 -9.47 10.24 17.69
C GLU D 114 -10.02 11.23 16.67
N ASN D 115 -11.34 11.17 16.45
CA ASN D 115 -12.08 12.23 15.79
C ASN D 115 -12.54 13.21 16.87
N PRO D 116 -11.83 14.35 17.00
CA PRO D 116 -12.10 15.29 18.09
C PRO D 116 -13.29 16.23 17.84
N ILE D 117 -13.79 16.27 16.62
CA ILE D 117 -14.87 17.21 16.26
C ILE D 117 -16.17 16.53 15.83
N GLY D 118 -16.11 15.21 15.68
CA GLY D 118 -17.28 14.40 15.32
C GLY D 118 -17.77 14.58 13.90
N THR D 119 -16.84 14.90 12.99
CA THR D 119 -17.17 15.10 11.58
C THR D 119 -17.15 13.78 10.79
N THR D 120 -17.86 13.77 9.67
CA THR D 120 -17.87 12.62 8.77
C THR D 120 -17.31 12.97 7.39
N ALA D 121 -16.78 14.18 7.27
CA ALA D 121 -16.18 14.67 6.02
C ALA D 121 -15.05 13.76 5.53
N GLU D 122 -15.13 13.35 4.26
CA GLU D 122 -14.16 12.46 3.64
C GLU D 122 -12.72 12.98 3.81
N ASN D 123 -12.53 14.25 3.49
CA ASN D 123 -11.21 14.86 3.51
C ASN D 123 -10.58 14.96 4.90
N TYR D 124 -11.40 15.20 5.92
CA TYR D 124 -10.91 15.17 7.29
C TYR D 124 -10.54 13.75 7.72
N LEU D 125 -11.35 12.77 7.31
CA LEU D 125 -11.17 11.39 7.74
C LEU D 125 -10.05 10.65 7.01
N THR D 126 -9.80 11.03 5.76
CA THR D 126 -8.87 10.27 4.92
C THR D 126 -7.73 11.08 4.29
N ASN D 127 -7.97 12.36 4.04
CA ASN D 127 -6.97 13.22 3.38
C ASN D 127 -6.06 13.95 4.39
N GLY D 128 -5.19 14.81 3.87
CA GLY D 128 -4.27 15.59 4.70
C GLY D 128 -3.24 14.74 5.42
N ASN D 129 -3.09 14.99 6.72
CA ASN D 129 -2.16 14.25 7.57
C ASN D 129 -2.45 12.76 7.67
N ARG D 130 -3.74 12.41 7.65
CA ARG D 130 -4.17 11.01 7.73
C ARG D 130 -3.70 10.21 6.53
N LEU D 131 -3.77 10.82 5.35
CA LEU D 131 -3.26 10.20 4.12
C LEU D 131 -1.76 9.93 4.21
N LEU D 132 -1.02 10.89 4.77
CA LEU D 132 0.43 10.77 4.91
C LEU D 132 0.83 9.64 5.86
N LEU D 133 0.04 9.44 6.90
CA LEU D 133 0.23 8.34 7.86
C LEU D 133 0.30 6.98 7.16
N ASP D 134 -0.61 6.75 6.20
CA ASP D 134 -0.63 5.54 5.39
C ASP D 134 0.68 5.37 4.61
N LEU D 135 1.17 6.47 4.04
CA LEU D 135 2.40 6.46 3.25
C LEU D 135 3.64 6.09 4.06
N PHE D 136 3.64 6.43 5.36
CA PHE D 136 4.75 6.12 6.25
C PHE D 136 4.63 4.74 6.90
N ASN D 137 3.62 3.97 6.49
CA ASN D 137 3.33 2.66 7.09
C ASN D 137 3.05 2.74 8.59
N THR D 138 2.21 3.68 8.99
CA THR D 138 1.84 3.84 10.39
C THR D 138 0.70 2.88 10.75
N GLN D 139 0.90 2.11 11.82
CA GLN D 139 -0.18 1.31 12.38
C GLN D 139 -1.16 2.24 13.06
N ILE D 140 -2.44 2.11 12.72
CA ILE D 140 -3.47 3.03 13.19
C ILE D 140 -4.45 2.37 14.15
N GLU D 141 -4.53 2.90 15.36
CA GLU D 141 -5.48 2.45 16.37
C GLU D 141 -6.50 3.55 16.61
N MET D 142 -7.78 3.23 16.39
CA MET D 142 -8.84 4.21 16.59
C MET D 142 -9.43 4.07 17.99
N CYS D 143 -9.85 5.21 18.55
CA CYS D 143 -10.56 5.24 19.83
C CYS D 143 -11.58 6.37 19.82
N ASP D 144 -12.53 6.31 20.75
CA ASP D 144 -13.64 7.26 20.79
C ASP D 144 -13.25 8.61 21.39
N ALA D 145 -12.44 8.59 22.45
CA ALA D 145 -11.98 9.82 23.10
C ALA D 145 -10.61 9.66 23.76
N LEU D 146 -9.79 10.69 23.62
CA LEU D 146 -8.51 10.77 24.31
C LEU D 146 -8.71 11.47 25.65
N THR D 147 -9.51 10.84 26.52
CA THR D 147 -9.80 11.38 27.85
C THR D 147 -8.59 11.27 28.77
N ASP D 148 -7.88 10.15 28.69
CA ASP D 148 -6.66 9.94 29.48
C ASP D 148 -5.53 9.40 28.58
N PRO D 149 -4.92 10.29 27.76
CA PRO D 149 -3.92 9.90 26.77
C PRO D 149 -2.73 9.11 27.34
N ASP D 150 -2.30 9.43 28.55
CA ASP D 150 -1.18 8.75 29.19
C ASP D 150 -1.51 7.31 29.60
N ALA D 151 -2.72 7.10 30.11
CA ALA D 151 -3.17 5.75 30.49
C ALA D 151 -3.57 4.93 29.27
N GLN D 152 -4.06 5.60 28.24
CA GLN D 152 -4.45 4.93 27.00
C GLN D 152 -3.23 4.50 26.19
N LEU D 153 -2.17 5.30 26.27
CA LEU D 153 -0.90 5.01 25.58
C LEU D 153 -0.14 3.87 26.22
N GLN D 154 -0.26 3.76 27.55
CA GLN D 154 0.37 2.67 28.30
C GLN D 154 -0.30 1.33 27.98
N THR D 155 -1.63 1.34 27.90
CA THR D 155 -2.40 0.14 27.56
C THR D 155 -2.02 -0.37 26.18
N LEU D 156 -1.90 0.55 25.23
CA LEU D 156 -1.46 0.24 23.87
C LEU D 156 -0.01 -0.25 23.86
N ALA D 157 0.85 0.39 24.65
CA ALA D 157 2.26 0.00 24.76
C ALA D 157 2.43 -1.44 25.24
N THR D 158 1.69 -1.80 26.29
CA THR D 158 1.70 -3.15 26.84
C THR D 158 1.26 -4.19 25.80
N ARG D 159 0.26 -3.84 24.99
CA ARG D 159 -0.23 -4.73 23.95
C ARG D 159 0.79 -4.86 22.81
N ILE D 160 1.43 -3.75 22.46
CA ILE D 160 2.41 -3.73 21.37
C ILE D 160 3.68 -4.51 21.73
N GLU D 161 4.08 -4.46 23.00
CA GLU D 161 5.28 -5.17 23.44
C GLU D 161 5.04 -6.66 23.67
N ALA D 162 3.79 -7.03 23.91
CA ALA D 162 3.39 -8.44 23.98
C ALA D 162 3.59 -9.12 22.64
N GLN D 163 3.53 -8.33 21.56
CA GLN D 163 3.87 -8.81 20.22
C GLN D 163 5.38 -9.00 20.06
N GLY D 164 6.17 -8.34 20.90
CA GLY D 164 7.62 -8.47 20.87
C GLY D 164 8.38 -7.18 20.61
N PHE D 165 7.66 -6.12 20.23
CA PHE D 165 8.25 -4.82 19.96
C PHE D 165 8.84 -4.18 21.22
N ARG D 166 9.83 -3.31 21.03
CA ARG D 166 10.39 -2.51 22.13
C ARG D 166 9.87 -1.07 22.01
N PRO D 167 8.73 -0.78 22.65
CA PRO D 167 8.03 0.48 22.43
C PRO D 167 8.53 1.65 23.28
N TYR D 168 8.69 2.81 22.65
CA TYR D 168 8.98 4.07 23.32
C TYR D 168 7.77 4.98 23.14
N VAL D 169 7.18 5.42 24.25
CA VAL D 169 5.97 6.23 24.23
C VAL D 169 6.30 7.72 24.14
N ILE D 170 5.70 8.40 23.17
CA ILE D 170 5.79 9.85 23.05
C ILE D 170 4.43 10.45 23.43
N PRO D 171 4.41 11.35 24.44
CA PRO D 171 3.17 11.98 24.91
C PRO D 171 2.48 12.83 23.84
N VAL D 172 1.22 13.21 24.10
CA VAL D 172 0.45 14.05 23.19
C VAL D 172 1.22 15.32 22.85
N GLY D 173 1.43 15.54 21.55
CA GLY D 173 2.16 16.68 21.03
C GLY D 173 3.64 16.69 21.39
N GLY D 174 4.13 15.55 21.92
CA GLY D 174 5.52 15.40 22.34
C GLY D 174 5.93 16.33 23.45
N SER D 175 4.95 16.74 24.27
CA SER D 175 5.17 17.79 25.27
C SER D 175 5.54 17.26 26.64
N SER D 176 6.75 16.69 26.72
CA SER D 176 7.39 16.40 27.99
C SER D 176 8.49 17.45 28.19
N ALA D 177 9.12 17.46 29.36
CA ALA D 177 10.21 18.38 29.64
C ALA D 177 11.36 18.20 28.65
N LEU D 178 11.62 16.95 28.27
CA LEU D 178 12.66 16.61 27.30
C LEU D 178 12.28 17.09 25.90
N GLY D 179 11.02 16.90 25.53
CA GLY D 179 10.51 17.35 24.24
C GLY D 179 10.65 18.86 24.09
N ALA D 180 10.26 19.58 25.14
CA ALA D 180 10.27 21.05 25.14
C ALA D 180 11.67 21.67 25.02
N MET D 181 12.71 20.87 25.22
CA MET D 181 14.10 21.32 25.09
C MET D 181 14.42 21.81 23.68
N GLY D 182 13.66 21.30 22.70
CA GLY D 182 13.77 21.72 21.31
C GLY D 182 13.40 23.18 21.10
N TYR D 183 12.51 23.70 21.95
CA TYR D 183 12.09 25.09 21.85
C TYR D 183 12.77 26.04 22.83
N VAL D 184 13.62 25.48 23.69
CA VAL D 184 14.59 26.28 24.43
C VAL D 184 15.73 26.57 23.45
N GLU D 185 16.04 25.58 22.62
CA GLU D 185 17.01 25.70 21.54
C GLU D 185 16.55 26.72 20.50
N SER D 186 15.27 26.66 20.14
CA SER D 186 14.66 27.63 19.22
C SER D 186 14.80 29.07 19.71
N ALA D 187 14.62 29.28 21.01
CA ALA D 187 14.77 30.60 21.63
C ALA D 187 16.18 31.16 21.45
N LEU D 188 17.18 30.27 21.55
CA LEU D 188 18.58 30.62 21.32
C LEU D 188 18.83 31.06 19.88
N GLU D 189 18.21 30.35 18.92
CA GLU D 189 18.27 30.75 17.51
C GLU D 189 17.68 32.15 17.33
N ILE D 190 16.46 32.33 17.81
CA ILE D 190 15.75 33.61 17.76
C ILE D 190 16.63 34.75 18.29
N ALA D 191 17.17 34.56 19.49
CA ALA D 191 17.99 35.58 20.17
C ALA D 191 19.23 35.95 19.37
N GLN D 192 19.84 34.95 18.72
CA GLN D 192 21.04 35.17 17.91
C GLN D 192 20.70 35.88 16.61
N GLN D 193 19.58 35.49 16.00
CA GLN D 193 19.12 36.09 14.76
C GLN D 193 18.60 37.52 14.94
N CYS D 194 18.10 37.84 16.14
CA CYS D 194 17.58 39.17 16.44
C CYS D 194 18.65 40.13 16.93
N GLU D 195 19.74 39.58 17.47
CA GLU D 195 20.81 40.35 18.09
C GLU D 195 21.31 41.47 17.18
N GLU D 196 21.14 42.71 17.65
CA GLU D 196 21.56 43.93 16.93
C GLU D 196 20.84 44.14 15.59
N VAL D 197 19.86 43.30 15.31
CA VAL D 197 19.07 43.38 14.07
C VAL D 197 17.69 43.96 14.35
N VAL D 198 17.00 43.41 15.34
CA VAL D 198 15.67 43.89 15.75
C VAL D 198 15.47 43.80 17.26
N GLY D 199 14.91 44.87 17.82
CA GLY D 199 14.52 44.90 19.23
C GLY D 199 13.06 44.48 19.37
N LEU D 200 12.85 43.19 19.66
CA LEU D 200 11.51 42.64 19.83
C LEU D 200 10.83 43.17 21.09
N SER D 201 9.51 43.25 21.02
CA SER D 201 8.70 43.61 22.17
C SER D 201 7.83 42.43 22.61
N SER D 202 7.34 41.68 21.64
CA SER D 202 6.43 40.57 21.90
C SER D 202 6.70 39.38 20.98
N VAL D 203 6.34 38.19 21.47
CA VAL D 203 6.42 36.96 20.68
C VAL D 203 5.08 36.22 20.80
N VAL D 204 4.52 35.85 19.65
CA VAL D 204 3.23 35.17 19.61
C VAL D 204 3.38 33.74 19.10
N VAL D 205 2.89 32.79 19.91
CA VAL D 205 2.93 31.37 19.55
C VAL D 205 1.62 30.70 19.96
N ALA D 206 1.24 29.65 19.24
CA ALA D 206 0.08 28.85 19.58
C ALA D 206 0.39 28.04 20.83
N SER D 207 -0.64 27.80 21.64
CA SER D 207 -0.47 27.05 22.89
C SER D 207 -1.45 25.89 22.96
N GLY D 208 -0.96 24.70 22.58
CA GLY D 208 -1.77 23.49 22.55
C GLY D 208 -1.42 22.55 23.69
N SER D 209 -0.57 21.56 23.40
CA SER D 209 -0.13 20.61 24.43
C SER D 209 0.92 21.21 25.36
N ALA D 210 1.38 22.42 25.02
CA ALA D 210 2.16 23.31 25.91
C ALA D 210 3.69 23.25 25.79
N GLY D 211 4.22 22.22 25.15
CA GLY D 211 5.68 22.03 25.02
C GLY D 211 6.43 23.18 24.36
N THR D 212 5.88 23.69 23.26
CA THR D 212 6.48 24.81 22.54
C THR D 212 6.47 26.09 23.38
N HIS D 213 5.31 26.42 23.95
CA HIS D 213 5.13 27.63 24.75
C HIS D 213 6.03 27.65 25.96
N ALA D 214 6.11 26.52 26.67
CA ALA D 214 6.94 26.41 27.87
C ALA D 214 8.43 26.43 27.56
N GLY D 215 8.82 25.76 26.46
CA GLY D 215 10.20 25.78 25.98
C GLY D 215 10.66 27.18 25.62
N LEU D 216 9.79 27.93 24.94
CA LEU D 216 10.08 29.32 24.60
C LEU D 216 10.09 30.22 25.83
N ALA D 217 9.22 29.93 26.79
CA ALA D 217 9.14 30.69 28.05
C ALA D 217 10.46 30.66 28.82
N VAL D 218 10.98 29.46 29.05
CA VAL D 218 12.26 29.29 29.77
C VAL D 218 13.37 29.97 29.00
N GLY D 219 13.52 29.62 27.72
CA GLY D 219 14.54 30.17 26.85
C GLY D 219 14.57 31.70 26.82
N LEU D 220 13.42 32.30 26.51
CA LEU D 220 13.32 33.75 26.39
C LEU D 220 13.51 34.50 27.71
N GLU D 221 13.10 33.89 28.82
CA GLU D 221 13.31 34.51 30.15
C GLU D 221 14.80 34.79 30.41
N HIS D 222 15.66 33.85 30.00
CA HIS D 222 17.10 33.96 30.27
C HIS D 222 17.89 34.59 29.15
N LEU D 223 17.31 34.70 27.96
CA LEU D 223 17.98 35.30 26.82
C LEU D 223 17.42 36.67 26.45
N MET D 224 16.09 36.77 26.45
CA MET D 224 15.41 38.01 26.07
C MET D 224 14.37 38.41 27.13
N PRO D 225 14.83 38.72 28.36
CA PRO D 225 13.93 38.88 29.52
C PRO D 225 12.86 39.97 29.39
N ASP D 226 13.14 41.01 28.61
CA ASP D 226 12.22 42.13 28.47
C ASP D 226 11.12 41.90 27.44
N VAL D 227 11.25 40.82 26.67
CA VAL D 227 10.27 40.47 25.63
C VAL D 227 9.06 39.78 26.25
N GLU D 228 7.87 40.15 25.79
CA GLU D 228 6.63 39.57 26.26
C GLU D 228 6.23 38.38 25.40
N LEU D 229 5.99 37.24 26.03
CA LEU D 229 5.59 36.03 25.32
C LEU D 229 4.10 35.76 25.48
N ILE D 230 3.42 35.59 24.35
CA ILE D 230 1.97 35.40 24.35
C ILE D 230 1.59 34.05 23.76
N GLY D 231 0.96 33.21 24.58
CA GLY D 231 0.39 31.96 24.11
C GLY D 231 -1.07 32.12 23.77
N VAL D 232 -1.40 32.02 22.49
CA VAL D 232 -2.80 31.99 22.06
C VAL D 232 -3.24 30.52 22.12
N THR D 233 -4.18 30.23 23.00
CA THR D 233 -4.64 28.86 23.20
C THR D 233 -5.48 28.41 22.02
N VAL D 234 -5.45 27.11 21.75
CA VAL D 234 -6.16 26.54 20.60
C VAL D 234 -7.14 25.43 21.00
N SER D 235 -7.23 25.18 22.31
CA SER D 235 -8.01 24.04 22.81
C SER D 235 -8.65 24.26 24.18
N ARG D 236 -8.04 25.10 25.01
CA ARG D 236 -8.45 25.27 26.40
C ARG D 236 -8.53 26.73 26.84
N SER D 237 -9.20 26.98 27.97
CA SER D 237 -9.26 28.30 28.55
C SER D 237 -7.97 28.61 29.34
N VAL D 238 -7.80 29.88 29.70
CA VAL D 238 -6.64 30.33 30.47
C VAL D 238 -6.45 29.49 31.74
N ALA D 239 -7.53 29.33 32.52
CA ALA D 239 -7.49 28.57 33.77
C ALA D 239 -7.03 27.13 33.56
N GLU D 240 -7.47 26.51 32.47
CA GLU D 240 -7.10 25.13 32.14
C GLU D 240 -5.66 25.01 31.62
N GLN D 241 -5.27 25.93 30.75
CA GLN D 241 -3.98 25.88 30.06
C GLN D 241 -2.80 26.32 30.92
N LYS D 242 -3.00 27.40 31.68
CA LYS D 242 -1.97 27.95 32.56
C LYS D 242 -1.10 26.94 33.33
N PRO D 243 -1.73 26.02 34.11
CA PRO D 243 -0.94 25.07 34.90
C PRO D 243 -0.10 24.10 34.05
N LYS D 244 -0.63 23.68 32.91
CA LYS D 244 0.10 22.79 32.00
C LYS D 244 1.39 23.42 31.52
N VAL D 245 1.32 24.68 31.09
CA VAL D 245 2.48 25.43 30.63
C VAL D 245 3.46 25.63 31.79
N ILE D 246 2.92 25.97 32.96
CA ILE D 246 3.73 26.22 34.15
C ILE D 246 4.49 24.97 34.64
N ALA D 247 3.80 23.83 34.67
CA ALA D 247 4.42 22.57 35.09
C ALA D 247 5.63 22.23 34.22
N LEU D 248 5.47 22.34 32.91
CA LEU D 248 6.57 22.14 31.97
C LEU D 248 7.67 23.18 32.20
N GLN D 249 7.30 24.46 32.14
CA GLN D 249 8.21 25.57 32.42
C GLN D 249 9.14 25.24 33.59
N GLN D 250 8.55 24.88 34.72
CA GLN D 250 9.28 24.61 35.96
C GLN D 250 10.15 23.36 35.85
N ALA D 251 9.60 22.30 35.24
CA ALA D 251 10.32 21.05 35.04
C ALA D 251 11.52 21.22 34.10
N ILE D 252 11.32 21.99 33.03
CA ILE D 252 12.38 22.29 32.06
C ILE D 252 13.51 23.05 32.75
N ALA D 253 13.15 24.11 33.47
CA ALA D 253 14.10 24.92 34.22
C ALA D 253 14.92 24.09 35.20
N GLY D 254 14.25 23.23 35.95
CA GLY D 254 14.89 22.32 36.89
C GLY D 254 15.88 21.38 36.21
N GLN D 255 15.47 20.86 35.05
CA GLN D 255 16.32 19.99 34.23
C GLN D 255 17.55 20.70 33.66
N LEU D 256 17.54 22.03 33.69
CA LEU D 256 18.65 22.83 33.19
C LEU D 256 19.34 23.60 34.30
N ALA D 257 19.06 23.21 35.54
CA ALA D 257 19.57 23.87 36.75
C ALA D 257 19.31 25.38 36.73
N LEU D 258 18.08 25.76 36.43
CA LEU D 258 17.68 27.16 36.33
C LEU D 258 16.46 27.46 37.19
N THR D 259 16.27 28.74 37.48
CA THR D 259 15.04 29.24 38.06
C THR D 259 14.21 29.93 36.98
N ALA D 260 12.91 29.64 36.95
CA ALA D 260 11.98 30.30 36.03
C ALA D 260 10.92 31.06 36.82
N THR D 261 11.04 32.38 36.84
CA THR D 261 10.15 33.25 37.61
C THR D 261 9.14 34.01 36.76
N ALA D 262 9.26 33.90 35.43
CA ALA D 262 8.39 34.64 34.53
C ALA D 262 6.93 34.19 34.61
N ASP D 263 6.02 35.16 34.52
CA ASP D 263 4.59 34.87 34.50
C ASP D 263 4.15 34.45 33.09
N ILE D 264 3.50 33.30 33.00
CA ILE D 264 2.96 32.79 31.73
C ILE D 264 1.76 33.63 31.30
N HIS D 265 1.71 33.99 30.01
CA HIS D 265 0.60 34.77 29.47
C HIS D 265 -0.15 34.00 28.44
N LEU D 266 -1.48 34.01 28.55
CA LEU D 266 -2.34 33.26 27.62
C LEU D 266 -3.62 34.02 27.24
N TRP D 267 -3.97 33.95 25.95
CA TRP D 267 -5.26 34.45 25.47
C TRP D 267 -6.08 33.29 24.97
N ASP D 268 -7.33 33.23 25.41
CA ASP D 268 -8.22 32.10 25.07
C ASP D 268 -9.44 32.51 24.25
N ASP D 269 -9.42 33.74 23.73
CA ASP D 269 -10.57 34.32 23.04
C ASP D 269 -10.64 33.96 21.55
N TYR D 270 -9.81 33.01 21.12
CA TYR D 270 -9.62 32.75 19.69
C TYR D 270 -9.75 31.29 19.22
N PHE D 271 -10.07 30.38 20.14
CA PHE D 271 -10.46 29.02 19.77
C PHE D 271 -11.98 28.93 19.96
N ALA D 272 -12.71 28.86 18.85
CA ALA D 272 -14.12 29.25 18.84
C ALA D 272 -15.06 28.32 19.62
N PRO D 273 -15.61 27.28 18.96
CA PRO D 273 -16.35 26.28 19.73
C PRO D 273 -15.44 25.23 20.38
N GLY D 274 -14.18 25.19 19.97
CA GLY D 274 -13.20 24.25 20.54
C GLY D 274 -12.06 23.86 19.62
N TYR D 275 -11.27 22.87 20.07
CA TYR D 275 -10.10 22.39 19.32
C TYR D 275 -10.50 21.72 18.02
N GLY D 276 -9.78 22.07 16.95
CA GLY D 276 -10.01 21.48 15.63
C GLY D 276 -11.23 22.01 14.90
N VAL D 277 -11.95 22.94 15.54
CA VAL D 277 -13.11 23.57 14.90
C VAL D 277 -12.70 24.95 14.41
N PRO D 278 -12.70 25.14 13.08
CA PRO D 278 -12.33 26.42 12.47
C PRO D 278 -13.30 27.54 12.81
N ASN D 279 -12.79 28.76 12.95
CA ASN D 279 -13.63 29.93 13.14
C ASN D 279 -13.43 30.97 12.05
N ASP D 280 -14.31 31.97 12.03
CA ASP D 280 -14.26 33.04 11.03
C ASP D 280 -12.98 33.85 11.09
N ALA D 281 -12.56 34.21 12.31
CA ALA D 281 -11.32 34.97 12.51
C ALA D 281 -10.08 34.19 12.05
N GLY D 282 -10.12 32.87 12.25
CA GLY D 282 -9.03 31.99 11.82
C GLY D 282 -8.90 31.93 10.32
N MET D 283 -10.01 31.67 9.63
CA MET D 283 -10.04 31.62 8.17
C MET D 283 -9.57 32.93 7.53
N GLU D 284 -10.00 34.06 8.08
CA GLU D 284 -9.57 35.36 7.59
C GLU D 284 -8.08 35.59 7.81
N ALA D 285 -7.56 35.14 8.95
CA ALA D 285 -6.13 35.19 9.23
C ALA D 285 -5.33 34.36 8.24
N VAL D 286 -5.84 33.18 7.92
CA VAL D 286 -5.25 32.29 6.92
C VAL D 286 -5.24 32.97 5.54
N LYS D 287 -6.40 33.53 5.15
CA LYS D 287 -6.55 34.23 3.89
C LYS D 287 -5.70 35.49 3.82
N LEU D 288 -5.54 36.15 4.95
CA LEU D 288 -4.76 37.39 5.02
C LEU D 288 -3.28 37.13 4.72
N LEU D 289 -2.70 36.13 5.38
CA LEU D 289 -1.27 35.85 5.21
C LEU D 289 -0.93 35.17 3.90
N ALA D 290 -1.87 34.39 3.37
CA ALA D 290 -1.70 33.78 2.06
C ALA D 290 -1.66 34.84 0.96
N SER D 291 -2.64 35.74 0.97
CA SER D 291 -2.79 36.75 -0.08
C SER D 291 -1.79 37.91 0.04
N LEU D 292 -1.39 38.24 1.27
CA LEU D 292 -0.44 39.34 1.49
C LEU D 292 1.03 38.91 1.50
N GLU D 293 1.30 37.68 1.92
CA GLU D 293 2.69 37.24 2.14
C GLU D 293 3.08 35.93 1.44
N GLY D 294 2.10 35.21 0.91
CA GLY D 294 2.33 33.89 0.32
C GLY D 294 2.63 32.84 1.37
N VAL D 295 2.34 33.18 2.63
CA VAL D 295 2.55 32.30 3.77
C VAL D 295 1.28 31.47 3.99
N LEU D 296 1.47 30.17 4.22
CA LEU D 296 0.36 29.27 4.47
C LEU D 296 0.20 28.94 5.95
N LEU D 297 -0.96 29.29 6.49
CA LEU D 297 -1.32 28.93 7.87
C LEU D 297 -2.28 27.75 7.86
N ASP D 298 -2.83 27.41 9.03
CA ASP D 298 -3.75 26.27 9.15
C ASP D 298 -4.98 26.60 9.99
N PRO D 299 -6.10 25.89 9.78
CA PRO D 299 -7.34 26.19 10.50
C PRO D 299 -7.27 25.92 12.01
N VAL D 300 -6.43 24.98 12.42
CA VAL D 300 -6.42 24.49 13.80
C VAL D 300 -5.51 25.29 14.74
N TYR D 301 -4.29 25.60 14.29
CA TYR D 301 -3.27 26.19 15.16
C TYR D 301 -2.85 27.60 14.79
N THR D 302 -1.96 27.73 13.80
CA THR D 302 -1.37 29.03 13.42
C THR D 302 -2.41 30.06 12.99
N GLY D 303 -3.48 29.58 12.34
CA GLY D 303 -4.59 30.45 11.93
C GLY D 303 -5.27 31.12 13.11
N LYS D 304 -5.54 30.35 14.16
CA LYS D 304 -6.12 30.89 15.38
C LYS D 304 -5.13 31.79 16.12
N ALA D 305 -3.87 31.38 16.13
CA ALA D 305 -2.79 32.15 16.77
C ALA D 305 -2.58 33.50 16.09
N MET D 306 -2.65 33.52 14.75
CA MET D 306 -2.52 34.76 13.99
C MET D 306 -3.70 35.70 14.21
N ALA D 307 -4.91 35.13 14.27
CA ALA D 307 -6.13 35.87 14.60
C ALA D 307 -6.00 36.58 15.94
N GLY D 308 -5.34 35.92 16.90
CA GLY D 308 -5.09 36.48 18.21
C GLY D 308 -4.06 37.60 18.19
N LEU D 309 -3.08 37.46 17.31
CA LEU D 309 -2.06 38.49 17.09
C LEU D 309 -2.71 39.74 16.50
N ILE D 310 -3.53 39.53 15.47
CA ILE D 310 -4.22 40.63 14.77
C ILE D 310 -5.17 41.37 15.70
N ASP D 311 -6.00 40.62 16.44
CA ASP D 311 -6.92 41.21 17.42
C ASP D 311 -6.17 41.83 18.59
N GLY D 312 -5.01 41.25 18.92
CA GLY D 312 -4.11 41.82 19.92
C GLY D 312 -3.69 43.23 19.57
N ILE D 313 -3.21 43.40 18.33
CA ILE D 313 -2.85 44.71 17.80
C ILE D 313 -4.09 45.61 17.75
N SER D 314 -5.18 45.06 17.23
CA SER D 314 -6.46 45.78 17.13
C SER D 314 -6.91 46.37 18.46
N GLN D 315 -6.85 45.56 19.52
CA GLN D 315 -7.33 45.94 20.85
C GLN D 315 -6.27 46.60 21.73
N LYS D 316 -5.09 46.87 21.16
CA LYS D 316 -3.92 47.34 21.91
C LYS D 316 -3.67 46.48 23.15
N ARG D 317 -3.47 45.19 22.90
CA ARG D 317 -3.43 44.19 23.98
C ARG D 317 -2.02 43.83 24.47
N PHE D 318 -1.01 44.18 23.67
CA PHE D 318 0.39 43.91 24.03
C PHE D 318 0.93 44.94 25.02
N ASN D 319 2.14 44.71 25.51
CA ASN D 319 2.76 45.62 26.48
C ASN D 319 3.02 47.03 25.92
N ASP D 320 3.46 47.10 24.66
CA ASP D 320 3.63 48.38 23.95
C ASP D 320 3.40 48.23 22.44
N ASP D 321 3.86 49.21 21.66
CA ASP D 321 3.66 49.21 20.21
C ASP D 321 4.84 48.64 19.41
N GLY D 322 5.73 47.91 20.09
CA GLY D 322 6.95 47.41 19.46
C GLY D 322 6.76 46.23 18.52
N PRO D 323 7.85 45.81 17.85
CA PRO D 323 7.83 44.71 16.89
C PRO D 323 7.38 43.38 17.51
N ILE D 324 6.61 42.62 16.74
CA ILE D 324 6.06 41.34 17.20
C ILE D 324 6.58 40.19 16.33
N LEU D 325 7.20 39.20 16.97
CA LEU D 325 7.60 37.98 16.29
C LEU D 325 6.50 36.94 16.39
N PHE D 326 6.11 36.38 15.25
CA PHE D 326 5.17 35.27 15.22
C PHE D 326 5.91 33.97 14.96
N ILE D 327 5.67 32.99 15.82
CA ILE D 327 6.25 31.66 15.65
C ILE D 327 5.37 30.81 14.74
N HIS D 328 5.89 30.51 13.54
CA HIS D 328 5.19 29.63 12.62
C HIS D 328 5.52 28.20 12.93
N THR D 329 4.57 27.52 13.55
CA THR D 329 4.76 26.15 14.04
C THR D 329 4.31 25.07 13.06
N GLY D 330 3.93 25.49 11.85
CA GLY D 330 3.50 24.56 10.81
C GLY D 330 1.99 24.47 10.64
N GLY D 331 1.52 23.30 10.20
CA GLY D 331 0.09 23.00 10.21
C GLY D 331 -0.61 22.91 8.87
N ALA D 332 -0.01 23.52 7.84
CA ALA D 332 -0.62 23.67 6.52
C ALA D 332 -1.19 22.41 5.82
N PRO D 333 -0.63 21.22 6.06
CA PRO D 333 -1.27 20.02 5.48
C PRO D 333 -2.72 19.81 5.89
N ALA D 334 -3.14 20.39 7.01
CA ALA D 334 -4.52 20.28 7.47
C ALA D 334 -5.52 21.03 6.57
N LEU D 335 -5.04 22.05 5.86
CA LEU D 335 -5.87 22.81 4.91
C LEU D 335 -6.61 21.90 3.94
N PHE D 336 -5.89 20.90 3.41
CA PHE D 336 -6.44 19.96 2.44
C PHE D 336 -7.45 19.02 3.07
N ALA D 337 -7.32 18.79 4.37
CA ALA D 337 -8.26 17.95 5.12
C ALA D 337 -9.55 18.70 5.47
N TYR D 338 -9.43 20.01 5.72
CA TYR D 338 -10.55 20.83 6.14
C TYR D 338 -11.33 21.43 4.96
N HIS D 339 -10.89 21.14 3.75
CA HIS D 339 -11.56 21.60 2.54
C HIS D 339 -12.53 20.56 2.04
N PRO D 340 -13.76 20.99 1.63
CA PRO D 340 -14.25 22.37 1.68
C PRO D 340 -14.84 22.77 3.05
N HIS D 341 -15.28 21.79 3.82
CA HIS D 341 -15.90 22.02 5.12
C HIS D 341 -15.76 20.83 6.01
N VAL D 342 -15.96 21.03 7.30
CA VAL D 342 -16.03 19.92 8.27
C VAL D 342 -17.31 19.98 9.08
#